data_5C8H
# 
_entry.id   5C8H 
# 
_audit_conform.dict_name       mmcif_pdbx.dic 
_audit_conform.dict_version    5.379 
_audit_conform.dict_location   http://mmcif.pdb.org/dictionaries/ascii/mmcif_pdbx.dic 
# 
loop_
_database_2.database_id 
_database_2.database_code 
_database_2.pdbx_database_accession 
_database_2.pdbx_DOI 
PDB   5C8H         pdb_00005c8h 10.2210/pdb5c8h/pdb 
WWPDB D_1000211213 ?            ?                   
# 
_pdbx_database_status.status_code                     REL 
_pdbx_database_status.status_code_sf                  REL 
_pdbx_database_status.status_code_mr                  ? 
_pdbx_database_status.entry_id                        5C8H 
_pdbx_database_status.recvd_initial_deposition_date   2015-06-25 
_pdbx_database_status.SG_entry                        Y 
_pdbx_database_status.deposit_site                    RCSB 
_pdbx_database_status.process_site                    RCSB 
_pdbx_database_status.status_code_cs                  ? 
_pdbx_database_status.methods_development_category    ? 
_pdbx_database_status.pdb_format_compatible           Y 
_pdbx_database_status.status_code_nmr_data            ? 
# 
loop_
_audit_author.name 
_audit_author.pdbx_ordinal 
'Tempel, W.'                           1 
'Xu, C.'                               2 
'Dong, A.'                             3 
'Loppnau, P.'                          4 
'Bountra, C.'                          5 
'Arrowsmith, C.H.'                     6 
'Edwards, A.M.'                        7 
'Min, J.'                              8 
'Structural Genomics Consortium (SGC)' 9 
# 
_citation.abstract                  ? 
_citation.abstract_id_CAS           ? 
_citation.book_id_ISBN              ? 
_citation.book_publisher            ? 
_citation.book_publisher_city       ? 
_citation.book_title                ? 
_citation.coordinate_linkage        ? 
_citation.country                   ? 
_citation.database_id_Medline       ? 
_citation.details                   ? 
_citation.id                        primary 
_citation.journal_abbrev            'To Be Published' 
_citation.journal_id_ASTM           ? 
_citation.journal_id_CSD            0353 
_citation.journal_id_ISSN           ? 
_citation.journal_full              ? 
_citation.journal_issue             ? 
_citation.journal_volume            ? 
_citation.language                  ? 
_citation.page_first                ? 
_citation.page_last                 ? 
_citation.title                     'Crystal structure of ORC2 C-terminal domain' 
_citation.year                      ? 
_citation.database_id_CSD           ? 
_citation.pdbx_database_id_DOI      ? 
_citation.pdbx_database_id_PubMed   ? 
_citation.unpublished_flag          ? 
# 
loop_
_citation_author.citation_id 
_citation_author.name 
_citation_author.ordinal 
_citation_author.identifier_ORCID 
primary 'Tempel, W.'       1 ? 
primary 'Xu, C.'           2 ? 
primary 'Dong, A.'         3 ? 
primary 'Loppnau, P.'      4 ? 
primary 'Bountra, C.'      5 ? 
primary 'Arrowsmith, C.H.' 6 ? 
primary 'Edwards, A.M.'    7 ? 
primary 'Min, J.'          8 ? 
# 
_cell.angle_alpha                  90.000 
_cell.angle_alpha_esd              ? 
_cell.angle_beta                   90.000 
_cell.angle_beta_esd               ? 
_cell.angle_gamma                  120.000 
_cell.angle_gamma_esd              ? 
_cell.entry_id                     5C8H 
_cell.details                      ? 
_cell.formula_units_Z              ? 
_cell.length_a                     55.038 
_cell.length_a_esd                 ? 
_cell.length_b                     55.038 
_cell.length_b_esd                 ? 
_cell.length_c                     75.629 
_cell.length_c_esd                 ? 
_cell.volume                       ? 
_cell.volume_esd                   ? 
_cell.Z_PDB                        6 
_cell.reciprocal_angle_alpha       ? 
_cell.reciprocal_angle_beta        ? 
_cell.reciprocal_angle_gamma       ? 
_cell.reciprocal_angle_alpha_esd   ? 
_cell.reciprocal_angle_beta_esd    ? 
_cell.reciprocal_angle_gamma_esd   ? 
_cell.reciprocal_length_a          ? 
_cell.reciprocal_length_b          ? 
_cell.reciprocal_length_c          ? 
_cell.reciprocal_length_a_esd      ? 
_cell.reciprocal_length_b_esd      ? 
_cell.reciprocal_length_c_esd      ? 
_cell.pdbx_unique_axis             ? 
# 
_symmetry.entry_id                         5C8H 
_symmetry.cell_setting                     ? 
_symmetry.Int_Tables_number                169 
_symmetry.space_group_name_Hall            ? 
_symmetry.space_group_name_H-M             'P 61' 
_symmetry.pdbx_full_space_group_name_H-M   ? 
# 
loop_
_entity.id 
_entity.type 
_entity.src_method 
_entity.pdbx_description 
_entity.formula_weight 
_entity.pdbx_number_of_molecules 
_entity.pdbx_ec 
_entity.pdbx_mutation 
_entity.pdbx_fragment 
_entity.details 
1 polymer     man 'Origin recognition complex subunit 2' 13813.487 1  ? ? 'C-terminal domain (UNP residues 458-577)' ? 
2 non-polymer syn 'UNKNOWN ATOM OR ION'                  ?         3  ? ? ?                                          ? 
3 water       nat water                                  18.015    24 ? ? ?                                          ? 
# 
_entity_poly.entity_id                      1 
_entity_poly.type                           'polypeptide(L)' 
_entity_poly.nstd_linkage                   no 
_entity_poly.nstd_monomer                   no 
_entity_poly.pdbx_seq_one_letter_code       
;GTSYENSLLVKQSGSLPLSSLTHVLRSLTPNARGIFRLLIKYQLDNQDNPSYIGLSFQDFYQQCREAFLVNSDLTLRAQL
TEFRDHKLIRTKKGTDGVEYLLIPVDNGTLTDFLEKEEEEA
;
_entity_poly.pdbx_seq_one_letter_code_can   
;GTSYENSLLVKQSGSLPLSSLTHVLRSLTPNARGIFRLLIKYQLDNQDNPSYIGLSFQDFYQQCREAFLVNSDLTLRAQL
TEFRDHKLIRTKKGTDGVEYLLIPVDNGTLTDFLEKEEEEA
;
_entity_poly.pdbx_strand_id                 A 
_entity_poly.pdbx_target_identifier         ? 
# 
loop_
_entity_poly_seq.entity_id 
_entity_poly_seq.num 
_entity_poly_seq.mon_id 
_entity_poly_seq.hetero 
1 1   GLY n 
1 2   THR n 
1 3   SER n 
1 4   TYR n 
1 5   GLU n 
1 6   ASN n 
1 7   SER n 
1 8   LEU n 
1 9   LEU n 
1 10  VAL n 
1 11  LYS n 
1 12  GLN n 
1 13  SER n 
1 14  GLY n 
1 15  SER n 
1 16  LEU n 
1 17  PRO n 
1 18  LEU n 
1 19  SER n 
1 20  SER n 
1 21  LEU n 
1 22  THR n 
1 23  HIS n 
1 24  VAL n 
1 25  LEU n 
1 26  ARG n 
1 27  SER n 
1 28  LEU n 
1 29  THR n 
1 30  PRO n 
1 31  ASN n 
1 32  ALA n 
1 33  ARG n 
1 34  GLY n 
1 35  ILE n 
1 36  PHE n 
1 37  ARG n 
1 38  LEU n 
1 39  LEU n 
1 40  ILE n 
1 41  LYS n 
1 42  TYR n 
1 43  GLN n 
1 44  LEU n 
1 45  ASP n 
1 46  ASN n 
1 47  GLN n 
1 48  ASP n 
1 49  ASN n 
1 50  PRO n 
1 51  SER n 
1 52  TYR n 
1 53  ILE n 
1 54  GLY n 
1 55  LEU n 
1 56  SER n 
1 57  PHE n 
1 58  GLN n 
1 59  ASP n 
1 60  PHE n 
1 61  TYR n 
1 62  GLN n 
1 63  GLN n 
1 64  CYS n 
1 65  ARG n 
1 66  GLU n 
1 67  ALA n 
1 68  PHE n 
1 69  LEU n 
1 70  VAL n 
1 71  ASN n 
1 72  SER n 
1 73  ASP n 
1 74  LEU n 
1 75  THR n 
1 76  LEU n 
1 77  ARG n 
1 78  ALA n 
1 79  GLN n 
1 80  LEU n 
1 81  THR n 
1 82  GLU n 
1 83  PHE n 
1 84  ARG n 
1 85  ASP n 
1 86  HIS n 
1 87  LYS n 
1 88  LEU n 
1 89  ILE n 
1 90  ARG n 
1 91  THR n 
1 92  LYS n 
1 93  LYS n 
1 94  GLY n 
1 95  THR n 
1 96  ASP n 
1 97  GLY n 
1 98  VAL n 
1 99  GLU n 
1 100 TYR n 
1 101 LEU n 
1 102 LEU n 
1 103 ILE n 
1 104 PRO n 
1 105 VAL n 
1 106 ASP n 
1 107 ASN n 
1 108 GLY n 
1 109 THR n 
1 110 LEU n 
1 111 THR n 
1 112 ASP n 
1 113 PHE n 
1 114 LEU n 
1 115 GLU n 
1 116 LYS n 
1 117 GLU n 
1 118 GLU n 
1 119 GLU n 
1 120 GLU n 
1 121 ALA n 
# 
_entity_src_gen.entity_id                          1 
_entity_src_gen.pdbx_src_id                        1 
_entity_src_gen.pdbx_alt_source_flag               sample 
_entity_src_gen.pdbx_seq_type                      'Biological sequence' 
_entity_src_gen.pdbx_beg_seq_num                   1 
_entity_src_gen.pdbx_end_seq_num                   121 
_entity_src_gen.gene_src_common_name               Human 
_entity_src_gen.gene_src_genus                     ? 
_entity_src_gen.pdbx_gene_src_gene                 'ORC2, ORC2L' 
_entity_src_gen.gene_src_species                   ? 
_entity_src_gen.gene_src_strain                    ? 
_entity_src_gen.gene_src_tissue                    ? 
_entity_src_gen.gene_src_tissue_fraction           ? 
_entity_src_gen.gene_src_details                   ? 
_entity_src_gen.pdbx_gene_src_fragment             ? 
_entity_src_gen.pdbx_gene_src_scientific_name      'Homo sapiens' 
_entity_src_gen.pdbx_gene_src_ncbi_taxonomy_id     9606 
_entity_src_gen.pdbx_gene_src_variant              ? 
_entity_src_gen.pdbx_gene_src_cell_line            ? 
_entity_src_gen.pdbx_gene_src_atcc                 ? 
_entity_src_gen.pdbx_gene_src_organ                ? 
_entity_src_gen.pdbx_gene_src_organelle            ? 
_entity_src_gen.pdbx_gene_src_cell                 ? 
_entity_src_gen.pdbx_gene_src_cellular_location    ? 
_entity_src_gen.host_org_common_name               ? 
_entity_src_gen.pdbx_host_org_scientific_name      'Escherichia coli' 
_entity_src_gen.pdbx_host_org_ncbi_taxonomy_id     562 
_entity_src_gen.host_org_genus                     ? 
_entity_src_gen.pdbx_host_org_gene                 ? 
_entity_src_gen.pdbx_host_org_organ                ? 
_entity_src_gen.host_org_species                   ? 
_entity_src_gen.pdbx_host_org_tissue               ? 
_entity_src_gen.pdbx_host_org_tissue_fraction      ? 
_entity_src_gen.pdbx_host_org_strain               BL21-V2R-pRARE2 
_entity_src_gen.pdbx_host_org_variant              ? 
_entity_src_gen.pdbx_host_org_cell_line            ? 
_entity_src_gen.pdbx_host_org_atcc                 ? 
_entity_src_gen.pdbx_host_org_culture_collection   ? 
_entity_src_gen.pdbx_host_org_cell                 ? 
_entity_src_gen.pdbx_host_org_organelle            ? 
_entity_src_gen.pdbx_host_org_cellular_location    ? 
_entity_src_gen.pdbx_host_org_vector_type          plasmid 
_entity_src_gen.pdbx_host_org_vector               ? 
_entity_src_gen.host_org_details                   ? 
_entity_src_gen.expression_system_id               ? 
_entity_src_gen.plasmid_name                       pET28-MHL 
_entity_src_gen.plasmid_details                    ? 
_entity_src_gen.pdbx_description                   ? 
# 
_struct_ref.id                         1 
_struct_ref.db_name                    UNP 
_struct_ref.db_code                    ORC2_HUMAN 
_struct_ref.pdbx_db_accession          Q13416 
_struct_ref.pdbx_db_isoform            ? 
_struct_ref.entity_id                  1 
_struct_ref.pdbx_seq_one_letter_code   
;TSYENSLLVKQSGSLPLSSLTHVLRSLTPNARGIFRLLIKYQLDNQDNPSYIGLSFQDFYQQCREAFLVNSDLTLRAQLT
EFRDHKLIRTKKGTDGVEYLLIPVDNGTLTDFLEKEEEEA
;
_struct_ref.pdbx_align_begin           458 
# 
_struct_ref_seq.align_id                      1 
_struct_ref_seq.ref_id                        1 
_struct_ref_seq.pdbx_PDB_id_code              5C8H 
_struct_ref_seq.pdbx_strand_id                A 
_struct_ref_seq.seq_align_beg                 2 
_struct_ref_seq.pdbx_seq_align_beg_ins_code   ? 
_struct_ref_seq.seq_align_end                 121 
_struct_ref_seq.pdbx_seq_align_end_ins_code   ? 
_struct_ref_seq.pdbx_db_accession             Q13416 
_struct_ref_seq.db_align_beg                  458 
_struct_ref_seq.pdbx_db_align_beg_ins_code    ? 
_struct_ref_seq.db_align_end                  577 
_struct_ref_seq.pdbx_db_align_end_ins_code    ? 
_struct_ref_seq.pdbx_auth_seq_align_beg       458 
_struct_ref_seq.pdbx_auth_seq_align_end       577 
# 
_struct_ref_seq_dif.align_id                     1 
_struct_ref_seq_dif.pdbx_pdb_id_code             5C8H 
_struct_ref_seq_dif.mon_id                       GLY 
_struct_ref_seq_dif.pdbx_pdb_strand_id           A 
_struct_ref_seq_dif.seq_num                      1 
_struct_ref_seq_dif.pdbx_pdb_ins_code            ? 
_struct_ref_seq_dif.pdbx_seq_db_name             UNP 
_struct_ref_seq_dif.pdbx_seq_db_accession_code   Q13416 
_struct_ref_seq_dif.db_mon_id                    ? 
_struct_ref_seq_dif.pdbx_seq_db_seq_num          ? 
_struct_ref_seq_dif.details                      'expression tag' 
_struct_ref_seq_dif.pdbx_auth_seq_num            457 
_struct_ref_seq_dif.pdbx_ordinal                 1 
# 
loop_
_chem_comp.id 
_chem_comp.type 
_chem_comp.mon_nstd_flag 
_chem_comp.name 
_chem_comp.pdbx_synonyms 
_chem_comp.formula 
_chem_comp.formula_weight 
ALA 'L-peptide linking' y ALANINE               ? 'C3 H7 N O2'     89.093  
ARG 'L-peptide linking' y ARGININE              ? 'C6 H15 N4 O2 1' 175.209 
ASN 'L-peptide linking' y ASPARAGINE            ? 'C4 H8 N2 O3'    132.118 
ASP 'L-peptide linking' y 'ASPARTIC ACID'       ? 'C4 H7 N O4'     133.103 
CYS 'L-peptide linking' y CYSTEINE              ? 'C3 H7 N O2 S'   121.158 
GLN 'L-peptide linking' y GLUTAMINE             ? 'C5 H10 N2 O3'   146.144 
GLU 'L-peptide linking' y 'GLUTAMIC ACID'       ? 'C5 H9 N O4'     147.129 
GLY 'peptide linking'   y GLYCINE               ? 'C2 H5 N O2'     75.067  
HIS 'L-peptide linking' y HISTIDINE             ? 'C6 H10 N3 O2 1' 156.162 
HOH non-polymer         . WATER                 ? 'H2 O'           18.015  
ILE 'L-peptide linking' y ISOLEUCINE            ? 'C6 H13 N O2'    131.173 
LEU 'L-peptide linking' y LEUCINE               ? 'C6 H13 N O2'    131.173 
LYS 'L-peptide linking' y LYSINE                ? 'C6 H15 N2 O2 1' 147.195 
PHE 'L-peptide linking' y PHENYLALANINE         ? 'C9 H11 N O2'    165.189 
PRO 'L-peptide linking' y PROLINE               ? 'C5 H9 N O2'     115.130 
SER 'L-peptide linking' y SERINE                ? 'C3 H7 N O3'     105.093 
THR 'L-peptide linking' y THREONINE             ? 'C4 H9 N O3'     119.119 
TYR 'L-peptide linking' y TYROSINE              ? 'C9 H11 N O3'    181.189 
UNX non-polymer         . 'UNKNOWN ATOM OR ION' ? ?                ?       
VAL 'L-peptide linking' y VALINE                ? 'C5 H11 N O2'    117.146 
# 
_exptl.absorpt_coefficient_mu     ? 
_exptl.absorpt_correction_T_max   ? 
_exptl.absorpt_correction_T_min   ? 
_exptl.absorpt_correction_type    ? 
_exptl.absorpt_process_details    ? 
_exptl.entry_id                   5C8H 
_exptl.crystals_number            1 
_exptl.details                    ? 
_exptl.method                     'X-RAY DIFFRACTION' 
_exptl.method_details             ? 
# 
_exptl_crystal.colour                      ? 
_exptl_crystal.density_diffrn              ? 
_exptl_crystal.density_Matthews            2.39 
_exptl_crystal.density_method              ? 
_exptl_crystal.density_percent_sol         48.62 
_exptl_crystal.description                 ? 
_exptl_crystal.F_000                       ? 
_exptl_crystal.id                          1 
_exptl_crystal.preparation                 ? 
_exptl_crystal.size_max                    ? 
_exptl_crystal.size_mid                    ? 
_exptl_crystal.size_min                    ? 
_exptl_crystal.size_rad                    ? 
_exptl_crystal.colour_lustre               ? 
_exptl_crystal.colour_modifier             ? 
_exptl_crystal.colour_primary              ? 
_exptl_crystal.density_meas                ? 
_exptl_crystal.density_meas_esd            ? 
_exptl_crystal.density_meas_gt             ? 
_exptl_crystal.density_meas_lt             ? 
_exptl_crystal.density_meas_temp           ? 
_exptl_crystal.density_meas_temp_esd       ? 
_exptl_crystal.density_meas_temp_gt        ? 
_exptl_crystal.density_meas_temp_lt        ? 
_exptl_crystal.pdbx_crystal_image_url      ? 
_exptl_crystal.pdbx_crystal_image_format   ? 
_exptl_crystal.pdbx_mosaicity              ? 
_exptl_crystal.pdbx_mosaicity_esd          ? 
# 
_exptl_crystal_grow.apparatus       ? 
_exptl_crystal_grow.atmosphere      ? 
_exptl_crystal_grow.crystal_id      1 
_exptl_crystal_grow.details         ? 
_exptl_crystal_grow.method          'VAPOR DIFFUSION, SITTING DROP' 
_exptl_crystal_grow.method_ref      ? 
_exptl_crystal_grow.pH              ? 
_exptl_crystal_grow.pressure        ? 
_exptl_crystal_grow.pressure_esd    ? 
_exptl_crystal_grow.seeding         ? 
_exptl_crystal_grow.seeding_ref     ? 
_exptl_crystal_grow.temp            293 
_exptl_crystal_grow.temp_details    ? 
_exptl_crystal_grow.temp_esd        ? 
_exptl_crystal_grow.time            ? 
_exptl_crystal_grow.pdbx_details    '20% PEG-3350, 0.2 M magnesium formate' 
_exptl_crystal_grow.pdbx_pH_range   ? 
# 
_diffrn.ambient_environment    ? 
_diffrn.ambient_temp           100 
_diffrn.ambient_temp_details   ? 
_diffrn.ambient_temp_esd       ? 
_diffrn.crystal_id             1 
_diffrn.crystal_support        ? 
_diffrn.crystal_treatment      ? 
_diffrn.details                ? 
_diffrn.id                     1 
_diffrn.ambient_pressure       ? 
_diffrn.ambient_pressure_esd   ? 
_diffrn.ambient_pressure_gt    ? 
_diffrn.ambient_pressure_lt    ? 
_diffrn.ambient_temp_gt        ? 
_diffrn.ambient_temp_lt        ? 
# 
_diffrn_detector.details                      ? 
_diffrn_detector.detector                     CCD 
_diffrn_detector.diffrn_id                    1 
_diffrn_detector.type                         'ADSC QUANTUM 315r' 
_diffrn_detector.area_resol_mean              ? 
_diffrn_detector.dtime                        ? 
_diffrn_detector.pdbx_frames_total            ? 
_diffrn_detector.pdbx_collection_time_total   ? 
_diffrn_detector.pdbx_collection_date         2014-11-28 
# 
_diffrn_radiation.collimation                      ? 
_diffrn_radiation.diffrn_id                        1 
_diffrn_radiation.filter_edge                      ? 
_diffrn_radiation.inhomogeneity                    ? 
_diffrn_radiation.monochromator                    ? 
_diffrn_radiation.polarisn_norm                    ? 
_diffrn_radiation.polarisn_ratio                   ? 
_diffrn_radiation.probe                            ? 
_diffrn_radiation.type                             ? 
_diffrn_radiation.xray_symbol                      ? 
_diffrn_radiation.wavelength_id                    1 
_diffrn_radiation.pdbx_monochromatic_or_laue_m_l   M 
_diffrn_radiation.pdbx_wavelength_list             ? 
_diffrn_radiation.pdbx_wavelength                  ? 
_diffrn_radiation.pdbx_diffrn_protocol             'SINGLE WAVELENGTH' 
_diffrn_radiation.pdbx_analyzer                    ? 
_diffrn_radiation.pdbx_scattering_type             x-ray 
# 
_diffrn_radiation_wavelength.id           1 
_diffrn_radiation_wavelength.wavelength   0.9792604 
_diffrn_radiation_wavelength.wt           1.0 
# 
_diffrn_source.current                     ? 
_diffrn_source.details                     ? 
_diffrn_source.diffrn_id                   1 
_diffrn_source.power                       ? 
_diffrn_source.size                        ? 
_diffrn_source.source                      SYNCHROTRON 
_diffrn_source.target                      ? 
_diffrn_source.type                        'APS BEAMLINE 19-ID' 
_diffrn_source.voltage                     ? 
_diffrn_source.take-off_angle              ? 
_diffrn_source.pdbx_wavelength_list        0.9792604 
_diffrn_source.pdbx_wavelength             ? 
_diffrn_source.pdbx_synchrotron_beamline   19-ID 
_diffrn_source.pdbx_synchrotron_site       APS 
# 
_reflns.B_iso_Wilson_estimate            ? 
_reflns.entry_id                         5C8H 
_reflns.data_reduction_details           ? 
_reflns.data_reduction_method            ? 
_reflns.d_resolution_high                2.010 
_reflns.d_resolution_low                 47.660 
_reflns.details                          ? 
_reflns.limit_h_max                      ? 
_reflns.limit_h_min                      ? 
_reflns.limit_k_max                      ? 
_reflns.limit_k_min                      ? 
_reflns.limit_l_max                      ? 
_reflns.limit_l_min                      ? 
_reflns.number_all                       ? 
_reflns.number_obs                       8700 
_reflns.observed_criterion               ? 
_reflns.observed_criterion_F_max         ? 
_reflns.observed_criterion_F_min         ? 
_reflns.observed_criterion_I_max         ? 
_reflns.observed_criterion_I_min         ? 
_reflns.observed_criterion_sigma_F       ? 
_reflns.observed_criterion_sigma_I       ? 
_reflns.percent_possible_obs             99.800 
_reflns.R_free_details                   ? 
_reflns.Rmerge_F_all                     ? 
_reflns.Rmerge_F_obs                     ? 
_reflns.Friedel_coverage                 ? 
_reflns.number_gt                        ? 
_reflns.threshold_expression             ? 
_reflns.pdbx_redundancy                  11.000 
_reflns.pdbx_Rmerge_I_obs                0.077 
_reflns.pdbx_Rmerge_I_all                ? 
_reflns.pdbx_Rsym_value                  ? 
_reflns.pdbx_netI_over_av_sigmaI         ? 
_reflns.pdbx_netI_over_sigmaI            21.500 
_reflns.pdbx_res_netI_over_av_sigmaI_2   ? 
_reflns.pdbx_res_netI_over_sigmaI_2      ? 
_reflns.pdbx_chi_squared                 ? 
_reflns.pdbx_scaling_rejects             ? 
_reflns.pdbx_d_res_high_opt              ? 
_reflns.pdbx_d_res_low_opt               ? 
_reflns.pdbx_d_res_opt_method            ? 
_reflns.phase_calculation_details        ? 
_reflns.pdbx_Rrim_I_all                  ? 
_reflns.pdbx_Rpim_I_all                  0.024 
_reflns.pdbx_d_opt                       ? 
_reflns.pdbx_number_measured_all         96076 
_reflns.pdbx_diffrn_id                   1 
_reflns.pdbx_ordinal                     1 
_reflns.pdbx_CC_half                     0.999 
_reflns.pdbx_R_split                     ? 
# 
loop_
_reflns_shell.d_res_high 
_reflns_shell.d_res_low 
_reflns_shell.meanI_over_sigI_all 
_reflns_shell.meanI_over_sigI_obs 
_reflns_shell.number_measured_all 
_reflns_shell.number_measured_obs 
_reflns_shell.number_possible 
_reflns_shell.number_unique_all 
_reflns_shell.number_unique_obs 
_reflns_shell.percent_possible_all 
_reflns_shell.percent_possible_obs 
_reflns_shell.Rmerge_F_all 
_reflns_shell.Rmerge_F_obs 
_reflns_shell.Rmerge_I_all 
_reflns_shell.Rmerge_I_obs 
_reflns_shell.meanI_over_sigI_gt 
_reflns_shell.meanI_over_uI_all 
_reflns_shell.meanI_over_uI_gt 
_reflns_shell.number_measured_gt 
_reflns_shell.number_unique_gt 
_reflns_shell.percent_possible_gt 
_reflns_shell.Rmerge_F_gt 
_reflns_shell.Rmerge_I_gt 
_reflns_shell.pdbx_redundancy 
_reflns_shell.pdbx_Rsym_value 
_reflns_shell.pdbx_chi_squared 
_reflns_shell.pdbx_netI_over_sigmaI_all 
_reflns_shell.pdbx_netI_over_sigmaI_obs 
_reflns_shell.pdbx_Rrim_I_all 
_reflns_shell.pdbx_Rpim_I_all 
_reflns_shell.pdbx_rejects 
_reflns_shell.pdbx_ordinal 
_reflns_shell.pdbx_diffrn_id 
_reflns_shell.pdbx_CC_half 
_reflns_shell.pdbx_R_split 
2.010 2.060  ? 2.200  6717 ? ? 632 ? 98.100 ? ? ? ? 1.030 ? ? ? ? ? ? ? ? 10.600 ? ? ? ? ? 0.327 0 1 1 0.801 ? 
9.000 47.660 ? 63.800 1011 ? ? 107 ? 98.800 ? ? ? ? 0.030 ? ? ? ? ? ? ? ? 9.400  ? ? ? ? ? 0.009 0 2 1 0.999 ? 
# 
_refine.aniso_B[1][1]                            1.1100 
_refine.aniso_B[1][2]                            0.5600 
_refine.aniso_B[1][3]                            0.0000 
_refine.aniso_B[2][2]                            1.1100 
_refine.aniso_B[2][3]                            -0.0000 
_refine.aniso_B[3][3]                            -3.6100 
_refine.B_iso_max                                92.980 
_refine.B_iso_mean                               39.0910 
_refine.B_iso_min                                26.460 
_refine.correlation_coeff_Fo_to_Fc               0.9580 
_refine.correlation_coeff_Fo_to_Fc_free          0.9180 
_refine.details                                  
;Data were reduced with HKL3000 for structure solution and early refinement. Molecular replacement was followed by simulated annealing refinement with PHENIX, subsequent phase improvement and automated model buidling with ARP/WARP. Diffraction data were reduced with XDS/AIMLESS for later refinement steps.
;
_refine.diff_density_max                         ? 
_refine.diff_density_max_esd                     ? 
_refine.diff_density_min                         ? 
_refine.diff_density_min_esd                     ? 
_refine.diff_density_rms                         ? 
_refine.diff_density_rms_esd                     ? 
_refine.entry_id                                 5C8H 
_refine.pdbx_refine_id                           'X-RAY DIFFRACTION' 
_refine.ls_abs_structure_details                 ? 
_refine.ls_abs_structure_Flack                   ? 
_refine.ls_abs_structure_Flack_esd               ? 
_refine.ls_abs_structure_Rogers                  ? 
_refine.ls_abs_structure_Rogers_esd              ? 
_refine.ls_d_res_high                            2.0100 
_refine.ls_d_res_low                             47.6600 
_refine.ls_extinction_coef                       ? 
_refine.ls_extinction_coef_esd                   ? 
_refine.ls_extinction_expression                 ? 
_refine.ls_extinction_method                     ? 
_refine.ls_goodness_of_fit_all                   ? 
_refine.ls_goodness_of_fit_all_esd               ? 
_refine.ls_goodness_of_fit_obs                   ? 
_refine.ls_goodness_of_fit_obs_esd               ? 
_refine.ls_hydrogen_treatment                    ? 
_refine.ls_matrix_type                           ? 
_refine.ls_number_constraints                    ? 
_refine.ls_number_parameters                     ? 
_refine.ls_number_reflns_all                     ? 
_refine.ls_number_reflns_obs                     8670 
_refine.ls_number_reflns_R_free                  837 
_refine.ls_number_reflns_R_work                  7833 
_refine.ls_number_restraints                     ? 
_refine.ls_percent_reflns_obs                    99.8500 
_refine.ls_percent_reflns_R_free                 9.7000 
_refine.ls_R_factor_all                          ? 
_refine.ls_R_factor_obs                          0.1960 
_refine.ls_R_factor_R_free                       0.2573 
_refine.ls_R_factor_R_free_error                 ? 
_refine.ls_R_factor_R_free_error_details         ? 
_refine.ls_R_factor_R_work                       0.1896 
_refine.ls_R_Fsqd_factor_obs                     ? 
_refine.ls_R_I_factor_obs                        ? 
_refine.ls_redundancy_reflns_all                 ? 
_refine.ls_redundancy_reflns_obs                 ? 
_refine.ls_restrained_S_all                      ? 
_refine.ls_restrained_S_obs                      ? 
_refine.ls_shift_over_esd_max                    ? 
_refine.ls_shift_over_esd_mean                   ? 
_refine.ls_structure_factor_coef                 ? 
_refine.ls_weighting_details                     ? 
_refine.ls_weighting_scheme                      ? 
_refine.ls_wR_factor_all                         ? 
_refine.ls_wR_factor_obs                         ? 
_refine.ls_wR_factor_R_free                      0.2429 
_refine.ls_wR_factor_R_work                      0.1825 
_refine.occupancy_max                            ? 
_refine.occupancy_min                            ? 
_refine.solvent_model_details                    MASK 
_refine.solvent_model_param_bsol                 ? 
_refine.solvent_model_param_ksol                 ? 
_refine.ls_R_factor_gt                           ? 
_refine.ls_goodness_of_fit_gt                    ? 
_refine.ls_goodness_of_fit_ref                   ? 
_refine.ls_shift_over_su_max                     ? 
_refine.ls_shift_over_su_max_lt                  ? 
_refine.ls_shift_over_su_mean                    ? 
_refine.ls_shift_over_su_mean_lt                 ? 
_refine.pdbx_ls_sigma_I                          ? 
_refine.pdbx_ls_sigma_F                          0.000 
_refine.pdbx_ls_sigma_Fsqd                       ? 
_refine.pdbx_data_cutoff_high_absF               ? 
_refine.pdbx_data_cutoff_high_rms_absF           ? 
_refine.pdbx_data_cutoff_low_absF                ? 
_refine.pdbx_isotropic_thermal_model             ? 
_refine.pdbx_ls_cross_valid_method               THROUGHOUT 
_refine.pdbx_method_to_determine_struct          'MOLECULAR REPLACEMENT' 
_refine.pdbx_starting_model                      'polyalanine coordinates derived from PDB entry 4XGC.' 
_refine.pdbx_stereochemistry_target_values       'MAXIMUM LIKELIHOOD' 
_refine.pdbx_R_Free_selection_details            RANDOM 
_refine.pdbx_stereochem_target_val_spec_case     ? 
_refine.pdbx_overall_ESU_R                       0.1790 
_refine.pdbx_overall_ESU_R_Free                  0.1800 
_refine.pdbx_solvent_vdw_probe_radii             1.2000 
_refine.pdbx_solvent_ion_probe_radii             0.8000 
_refine.pdbx_solvent_shrinkage_radii             0.8000 
_refine.pdbx_real_space_R                        ? 
_refine.pdbx_density_correlation                 ? 
_refine.pdbx_pd_number_of_powder_patterns        ? 
_refine.pdbx_pd_number_of_points                 ? 
_refine.pdbx_pd_meas_number_of_points            ? 
_refine.pdbx_pd_proc_ls_prof_R_factor            ? 
_refine.pdbx_pd_proc_ls_prof_wR_factor           ? 
_refine.pdbx_pd_Marquardt_correlation_coeff      ? 
_refine.pdbx_pd_Fsqrd_R_factor                   ? 
_refine.pdbx_pd_ls_matrix_band_width             ? 
_refine.pdbx_overall_phase_error                 ? 
_refine.pdbx_overall_SU_R_free_Cruickshank_DPI   ? 
_refine.pdbx_overall_SU_R_free_Blow_DPI          ? 
_refine.pdbx_overall_SU_R_Blow_DPI               ? 
_refine.pdbx_TLS_residual_ADP_flag               ? 
_refine.pdbx_diffrn_id                           1 
_refine.overall_SU_B                             9.7770 
_refine.overall_SU_ML                            0.1320 
_refine.overall_SU_R_Cruickshank_DPI             0.1792 
_refine.overall_SU_R_free                        0.1801 
_refine.overall_FOM_free_R_set                   ? 
_refine.overall_FOM_work_R_set                   0.8216 
_refine.pdbx_average_fsc_overall                 ? 
_refine.pdbx_average_fsc_work                    ? 
_refine.pdbx_average_fsc_free                    ? 
# 
_refine_hist.cycle_id                         final 
_refine_hist.pdbx_refine_id                   'X-RAY DIFFRACTION' 
_refine_hist.d_res_high                       2.0100 
_refine_hist.d_res_low                        47.6600 
_refine_hist.pdbx_number_atoms_ligand         3 
_refine_hist.number_atoms_solvent             24 
_refine_hist.number_atoms_total               862 
_refine_hist.pdbx_number_residues_total       105 
_refine_hist.pdbx_B_iso_mean_ligand           32.48 
_refine_hist.pdbx_B_iso_mean_solvent          36.94 
_refine_hist.pdbx_number_atoms_protein        835 
_refine_hist.pdbx_number_atoms_nucleic_acid   0 
# 
loop_
_refine_ls_restr.pdbx_refine_id 
_refine_ls_restr.criterion 
_refine_ls_restr.dev_ideal 
_refine_ls_restr.dev_ideal_target 
_refine_ls_restr.number 
_refine_ls_restr.rejects 
_refine_ls_restr.type 
_refine_ls_restr.weight 
_refine_ls_restr.pdbx_restraint_function 
'X-RAY DIFFRACTION' ? 0.015  0.019  877  ? r_bond_refined_d       ? ? 
'X-RAY DIFFRACTION' ? 0.002  0.020  830  ? r_bond_other_d         ? ? 
'X-RAY DIFFRACTION' ? 1.499  1.974  1195 ? r_angle_refined_deg    ? ? 
'X-RAY DIFFRACTION' ? 0.975  3.000  1904 ? r_angle_other_deg      ? ? 
'X-RAY DIFFRACTION' ? 5.055  5.000  110  ? r_dihedral_angle_1_deg ? ? 
'X-RAY DIFFRACTION' ? 33.764 23.778 45   ? r_dihedral_angle_2_deg ? ? 
'X-RAY DIFFRACTION' ? 15.091 15.000 152  ? r_dihedral_angle_3_deg ? ? 
'X-RAY DIFFRACTION' ? 14.502 15.000 8    ? r_dihedral_angle_4_deg ? ? 
'X-RAY DIFFRACTION' ? 0.092  0.200  138  ? r_chiral_restr         ? ? 
'X-RAY DIFFRACTION' ? 0.007  0.020  1010 ? r_gen_planes_refined   ? ? 
'X-RAY DIFFRACTION' ? 0.001  0.020  214  ? r_gen_planes_other     ? ? 
'X-RAY DIFFRACTION' ? 1.874  2.758  428  ? r_mcbond_it            ? ? 
'X-RAY DIFFRACTION' ? 1.822  2.752  427  ? r_mcbond_other         ? ? 
'X-RAY DIFFRACTION' ? 2.683  4.118  534  ? r_mcangle_it           ? ? 
# 
_refine_ls_shell.pdbx_refine_id                   'X-RAY DIFFRACTION' 
_refine_ls_shell.d_res_high                       2.0120 
_refine_ls_shell.d_res_low                        2.0640 
_refine_ls_shell.number_reflns_all                630 
_refine_ls_shell.number_reflns_obs                ? 
_refine_ls_shell.number_reflns_R_free             54 
_refine_ls_shell.number_reflns_R_work             576 
_refine_ls_shell.percent_reflns_obs               98.5900 
_refine_ls_shell.percent_reflns_R_free            ? 
_refine_ls_shell.R_factor_all                     ? 
_refine_ls_shell.R_factor_obs                     ? 
_refine_ls_shell.R_factor_R_free                  0.3270 
_refine_ls_shell.R_factor_R_free_error            ? 
_refine_ls_shell.R_factor_R_work                  0.2630 
_refine_ls_shell.redundancy_reflns_all            ? 
_refine_ls_shell.redundancy_reflns_obs            ? 
_refine_ls_shell.wR_factor_all                    ? 
_refine_ls_shell.wR_factor_obs                    ? 
_refine_ls_shell.wR_factor_R_free                 ? 
_refine_ls_shell.wR_factor_R_work                 ? 
_refine_ls_shell.pdbx_total_number_of_bins_used   20 
_refine_ls_shell.pdbx_phase_error                 ? 
_refine_ls_shell.pdbx_fsc_work                    ? 
_refine_ls_shell.pdbx_fsc_free                    ? 
# 
_struct.entry_id                     5C8H 
_struct.title                        'Crystal structure of ORC2 C-terminal domain' 
_struct.pdbx_model_details           ? 
_struct.pdbx_formula_weight          ? 
_struct.pdbx_formula_weight_method   ? 
_struct.pdbx_model_type_details      ? 
_struct.pdbx_CASP_flag               ? 
# 
_struct_keywords.entry_id        5C8H 
_struct_keywords.text            'Structural Genomics, DNA replication, Structural Genomics Consortium, SGC, REPLICATION' 
_struct_keywords.pdbx_keywords   REPLICATION 
# 
loop_
_struct_asym.id 
_struct_asym.pdbx_blank_PDB_chainid_flag 
_struct_asym.pdbx_modified 
_struct_asym.entity_id 
_struct_asym.details 
A N N 1 ? 
B N N 2 ? 
C N N 2 ? 
D N N 2 ? 
E N N 3 ? 
# 
_struct_biol.details                      'The extent of the biological unit was not examined in this experiment.' 
_struct_biol.id                           1 
_struct_biol.pdbx_parent_biol_id          ? 
_struct_biol.pdbx_formula_weight          ? 
_struct_biol.pdbx_formula_weight_method   ? 
_struct_biol.pdbx_aggregation_state       ? 
_struct_biol.pdbx_assembly_method         ? 
# 
loop_
_struct_conf.conf_type_id 
_struct_conf.id 
_struct_conf.pdbx_PDB_helix_id 
_struct_conf.beg_label_comp_id 
_struct_conf.beg_label_asym_id 
_struct_conf.beg_label_seq_id 
_struct_conf.pdbx_beg_PDB_ins_code 
_struct_conf.end_label_comp_id 
_struct_conf.end_label_asym_id 
_struct_conf.end_label_seq_id 
_struct_conf.pdbx_end_PDB_ins_code 
_struct_conf.beg_auth_comp_id 
_struct_conf.beg_auth_asym_id 
_struct_conf.beg_auth_seq_id 
_struct_conf.end_auth_comp_id 
_struct_conf.end_auth_asym_id 
_struct_conf.end_auth_seq_id 
_struct_conf.pdbx_PDB_helix_class 
_struct_conf.details 
_struct_conf.pdbx_PDB_helix_length 
HELX_P HELX_P1 AA1 PRO A 17  ? ARG A 26  ? PRO A 473 ARG A 482 1 ? 10 
HELX_P HELX_P2 AA2 THR A 29  ? ASN A 46  ? THR A 485 ASN A 502 1 ? 18 
HELX_P HELX_P3 AA3 PHE A 57  ? ALA A 67  ? PHE A 513 ALA A 523 1 ? 11 
HELX_P HELX_P4 AA4 SER A 72  ? HIS A 86  ? SER A 528 HIS A 542 1 ? 15 
HELX_P HELX_P5 AA5 ASP A 106 ? GLU A 117 ? ASP A 562 GLU A 573 1 ? 12 
# 
_struct_conf_type.id          HELX_P 
_struct_conf_type.criteria    ? 
_struct_conf_type.reference   ? 
# 
_struct_sheet.id               AA1 
_struct_sheet.type             ? 
_struct_sheet.number_strands   3 
_struct_sheet.details          ? 
# 
loop_
_struct_sheet_order.sheet_id 
_struct_sheet_order.range_id_1 
_struct_sheet_order.range_id_2 
_struct_sheet_order.offset 
_struct_sheet_order.sense 
AA1 1 2 ? anti-parallel 
AA1 2 3 ? anti-parallel 
# 
loop_
_struct_sheet_range.sheet_id 
_struct_sheet_range.id 
_struct_sheet_range.beg_label_comp_id 
_struct_sheet_range.beg_label_asym_id 
_struct_sheet_range.beg_label_seq_id 
_struct_sheet_range.pdbx_beg_PDB_ins_code 
_struct_sheet_range.end_label_comp_id 
_struct_sheet_range.end_label_asym_id 
_struct_sheet_range.end_label_seq_id 
_struct_sheet_range.pdbx_end_PDB_ins_code 
_struct_sheet_range.beg_auth_comp_id 
_struct_sheet_range.beg_auth_asym_id 
_struct_sheet_range.beg_auth_seq_id 
_struct_sheet_range.end_auth_comp_id 
_struct_sheet_range.end_auth_asym_id 
_struct_sheet_range.end_auth_seq_id 
AA1 1 LEU A 55 ? SER A 56  ? LEU A 511 SER A 512 
AA1 2 GLU A 99 ? LEU A 102 ? GLU A 555 LEU A 558 
AA1 3 ARG A 90 ? LYS A 93  ? ARG A 546 LYS A 549 
# 
loop_
_pdbx_struct_sheet_hbond.sheet_id 
_pdbx_struct_sheet_hbond.range_id_1 
_pdbx_struct_sheet_hbond.range_id_2 
_pdbx_struct_sheet_hbond.range_1_label_atom_id 
_pdbx_struct_sheet_hbond.range_1_label_comp_id 
_pdbx_struct_sheet_hbond.range_1_label_asym_id 
_pdbx_struct_sheet_hbond.range_1_label_seq_id 
_pdbx_struct_sheet_hbond.range_1_PDB_ins_code 
_pdbx_struct_sheet_hbond.range_1_auth_atom_id 
_pdbx_struct_sheet_hbond.range_1_auth_comp_id 
_pdbx_struct_sheet_hbond.range_1_auth_asym_id 
_pdbx_struct_sheet_hbond.range_1_auth_seq_id 
_pdbx_struct_sheet_hbond.range_2_label_atom_id 
_pdbx_struct_sheet_hbond.range_2_label_comp_id 
_pdbx_struct_sheet_hbond.range_2_label_asym_id 
_pdbx_struct_sheet_hbond.range_2_label_seq_id 
_pdbx_struct_sheet_hbond.range_2_PDB_ins_code 
_pdbx_struct_sheet_hbond.range_2_auth_atom_id 
_pdbx_struct_sheet_hbond.range_2_auth_comp_id 
_pdbx_struct_sheet_hbond.range_2_auth_asym_id 
_pdbx_struct_sheet_hbond.range_2_auth_seq_id 
AA1 1 2 N LEU A 55  ? N LEU A 511 O LEU A 101 ? O LEU A 557 
AA1 2 3 O TYR A 100 ? O TYR A 556 N LYS A 92  ? N LYS A 548 
# 
_atom_sites.entry_id                    5C8H 
_atom_sites.fract_transf_matrix[1][1]   -0.00873200 
_atom_sites.fract_transf_matrix[1][2]   0.00496169 
_atom_sites.fract_transf_matrix[1][3]   0.01841973 
_atom_sites.fract_transf_matrix[2][1]   0.00336509 
_atom_sites.fract_transf_matrix[2][2]   0.01890559 
_atom_sites.fract_transf_matrix[2][3]   0.00845074 
_atom_sites.fract_transf_matrix[3][1]   -0.01062469 
_atom_sites.fract_transf_matrix[3][2]   0.00470959 
_atom_sites.fract_transf_matrix[3][3]   -0.00630532 
_atom_sites.fract_transf_vector[1]      0.786387 
_atom_sites.fract_transf_vector[2]      0.273588 
_atom_sites.fract_transf_vector[3]      -0.081346 
# 
loop_
_atom_type.symbol 
C 
N 
O 
S 
X 
# 
loop_
_atom_site.group_PDB 
_atom_site.id 
_atom_site.type_symbol 
_atom_site.label_atom_id 
_atom_site.label_alt_id 
_atom_site.label_comp_id 
_atom_site.label_asym_id 
_atom_site.label_entity_id 
_atom_site.label_seq_id 
_atom_site.pdbx_PDB_ins_code 
_atom_site.Cartn_x 
_atom_site.Cartn_y 
_atom_site.Cartn_z 
_atom_site.occupancy 
_atom_site.B_iso_or_equiv 
_atom_site.pdbx_formal_charge 
_atom_site.auth_seq_id 
_atom_site.auth_comp_id 
_atom_site.auth_asym_id 
_atom_site.auth_atom_id 
_atom_site.pdbx_PDB_model_num 
ATOM   1   N N   . SER A 1 15  ? -3.674  9.401   -13.444 1.00 55.00 ? 471 SER A N   1 
ATOM   2   C CA  . SER A 1 15  ? -3.440  9.183   -11.991 1.00 48.49 ? 471 SER A CA  1 
ATOM   3   C C   . SER A 1 15  ? -4.526  9.891   -11.113 1.00 44.84 ? 471 SER A C   1 
ATOM   4   O O   . SER A 1 15  ? -5.008  10.991  -11.435 1.00 46.04 ? 471 SER A O   1 
ATOM   5   C CB  . SER A 1 15  ? -2.032  9.668   -11.609 1.00 49.24 ? 471 SER A CB  1 
ATOM   6   O OG  . SER A 1 15  ? -1.645  9.307   -10.274 1.00 44.20 ? 471 SER A OG  1 
ATOM   7   N N   . LEU A 1 16  ? -4.876  9.239   -10.021 1.00 38.85 ? 472 LEU A N   1 
ATOM   8   C CA  . LEU A 1 16  ? -5.879  9.726   -9.081  1.00 40.05 ? 472 LEU A CA  1 
ATOM   9   C C   . LEU A 1 16  ? -5.389  10.955  -8.249  1.00 36.05 ? 472 LEU A C   1 
ATOM   10  O O   . LEU A 1 16  ? -4.315  10.926  -7.687  1.00 33.52 ? 472 LEU A O   1 
ATOM   11  C CB  . LEU A 1 16  ? -6.260  8.594   -8.132  1.00 41.28 ? 472 LEU A CB  1 
ATOM   12  C CG  . LEU A 1 16  ? -7.611  8.681   -7.412  1.00 44.81 ? 472 LEU A CG  1 
ATOM   13  C CD1 . LEU A 1 16  ? -8.767  8.476   -8.374  1.00 44.40 ? 472 LEU A CD1 1 
ATOM   14  C CD2 . LEU A 1 16  ? -7.680  7.637   -6.305  1.00 44.60 ? 472 LEU A CD2 1 
ATOM   15  N N   . PRO A 1 17  ? -6.185  12.032  -8.168  1.00 36.14 ? 473 PRO A N   1 
ATOM   16  C CA  . PRO A 1 17  ? -5.679  13.175  -7.383  1.00 35.20 ? 473 PRO A CA  1 
ATOM   17  C C   . PRO A 1 17  ? -5.751  12.957  -5.849  1.00 33.48 ? 473 PRO A C   1 
ATOM   18  O O   . PRO A 1 17  ? -6.514  12.105  -5.362  1.00 29.54 ? 473 PRO A O   1 
ATOM   19  C CB  . PRO A 1 17  ? -6.542  14.340  -7.844  1.00 37.45 ? 473 PRO A CB  1 
ATOM   20  C CG  . PRO A 1 17  ? -7.743  13.777  -8.457  1.00 38.59 ? 473 PRO A CG  1 
ATOM   21  C CD  . PRO A 1 17  ? -7.517  12.295  -8.716  1.00 38.05 ? 473 PRO A CD  1 
ATOM   22  N N   . LEU A 1 18  ? -4.954  13.754  -5.130  1.00 32.59 ? 474 LEU A N   1 
ATOM   23  C CA  . LEU A 1 18  ? -4.817  13.675  -3.678  1.00 33.63 ? 474 LEU A CA  1 
ATOM   24  C C   . LEU A 1 18  ? -6.164  13.649  -2.965  1.00 32.86 ? 474 LEU A C   1 
ATOM   25  O O   . LEU A 1 18  ? -6.370  12.806  -2.110  1.00 33.79 ? 474 LEU A O   1 
ATOM   26  C CB  . LEU A 1 18  ? -3.950  14.837  -3.148  1.00 35.10 ? 474 LEU A CB  1 
ATOM   27  C CG  . LEU A 1 18  ? -3.826  15.012  -1.625  1.00 34.68 ? 474 LEU A CG  1 
ATOM   28  C CD1 . LEU A 1 18  ? -3.103  13.811  -1.065  1.00 34.63 ? 474 LEU A CD1 1 
ATOM   29  C CD2 . LEU A 1 18  ? -3.124  16.334  -1.260  1.00 36.60 ? 474 LEU A CD2 1 
ATOM   30  N N   . SER A 1 19  ? -7.080  14.512  -3.356  1.00 35.41 ? 475 SER A N   1 
ATOM   31  C CA  . SER A 1 19  ? -8.339  14.646  -2.640  1.00 37.72 ? 475 SER A CA  1 
ATOM   32  C C   . SER A 1 19  ? -9.296  13.449  -2.843  1.00 37.96 ? 475 SER A C   1 
ATOM   33  O O   . SER A 1 19  ? -10.009 13.105  -1.920  1.00 35.26 ? 475 SER A O   1 
ATOM   34  C CB  . SER A 1 19  ? -9.040  15.941  -2.994  1.00 39.71 ? 475 SER A CB  1 
ATOM   35  O OG  . SER A 1 19  ? -9.300  16.064  -4.381  1.00 39.38 ? 475 SER A OG  1 
ATOM   36  N N   . SER A 1 20  ? -9.303  12.847  -4.042  1.00 37.85 ? 476 SER A N   1 
ATOM   37  C CA  . SER A 1 20  ? -10.024 11.583  -4.268  1.00 38.49 ? 476 SER A CA  1 
ATOM   38  C C   . SER A 1 20  ? -9.437  10.438  -3.455  1.00 36.27 ? 476 SER A C   1 
ATOM   39  O O   . SER A 1 20  ? -10.172 9.639   -2.873  1.00 34.66 ? 476 SER A O   1 
ATOM   40  C CB  . SER A 1 20  ? -10.083 11.225  -5.766  1.00 39.41 ? 476 SER A CB  1 
ATOM   41  O OG  . SER A 1 20  ? -11.283 11.710  -6.357  1.00 45.36 ? 476 SER A OG  1 
ATOM   42  N N   . LEU A 1 21  ? -8.111  10.339  -3.439  1.00 34.10 ? 477 LEU A N   1 
ATOM   43  C CA  . LEU A 1 21  ? -7.404  9.402   -2.567  1.00 33.91 ? 477 LEU A CA  1 
ATOM   44  C C   . LEU A 1 21  ? -7.803  9.572   -1.082  1.00 35.05 ? 477 LEU A C   1 
ATOM   45  O O   . LEU A 1 21  ? -8.098  8.612   -0.367  1.00 34.65 ? 477 LEU A O   1 
ATOM   46  C CB  . LEU A 1 21  ? -5.880  9.641   -2.746  1.00 37.10 ? 477 LEU A CB  1 
ATOM   47  C CG  . LEU A 1 21  ? -4.810  8.828   -2.027  1.00 39.84 ? 477 LEU A CG  1 
ATOM   48  C CD1 . LEU A 1 21  ? -5.002  7.371   -2.383  1.00 44.06 ? 477 LEU A CD1 1 
ATOM   49  C CD2 . LEU A 1 21  ? -3.404  9.265   -2.406  1.00 40.19 ? 477 LEU A CD2 1 
ATOM   50  N N   . THR A 1 22  ? -7.790  10.798  -0.598  1.00 33.86 ? 478 THR A N   1 
ATOM   51  C CA  . THR A 1 22  ? -8.150  11.037  0.816   1.00 36.42 ? 478 THR A CA  1 
ATOM   52  C C   . THR A 1 22  ? -9.580  10.584  1.130   1.00 36.44 ? 478 THR A C   1 
ATOM   53  O O   . THR A 1 22  ? -9.859  10.018  2.210   1.00 36.33 ? 478 THR A O   1 
ATOM   54  C CB  . THR A 1 22  ? -7.983  12.518  1.135   1.00 38.09 ? 478 THR A CB  1 
ATOM   55  O OG1 . THR A 1 22  ? -6.613  12.852  0.904   1.00 38.17 ? 478 THR A OG1 1 
ATOM   56  C CG2 . THR A 1 22  ? -8.398  12.856  2.578   1.00 40.17 ? 478 THR A CG2 1 
ATOM   57  N N   . HIS A 1 23  ? -10.468 10.901  0.185   1.00 36.95 ? 479 HIS A N   1 
ATOM   58  C CA  . HIS A 1 23  ? -11.866 10.616  0.300   1.00 37.76 ? 479 HIS A CA  1 
ATOM   59  C C   . HIS A 1 23  ? -12.121 9.105   0.400   1.00 37.32 ? 479 HIS A C   1 
ATOM   60  O O   . HIS A 1 23  ? -12.921 8.666   1.194   1.00 34.84 ? 479 HIS A O   1 
ATOM   61  C CB  . HIS A 1 23  ? -12.637 11.218  -0.870  1.00 37.40 ? 479 HIS A CB  1 
ATOM   62  C CG  . HIS A 1 23  ? -14.114 11.089  -0.713  1.00 39.63 ? 479 HIS A CG  1 
ATOM   63  N ND1 . HIS A 1 23  ? -14.871 10.203  -1.450  1.00 38.88 ? 479 HIS A ND1 1 
ATOM   64  C CD2 . HIS A 1 23  ? -14.966 11.676  0.166   1.00 41.07 ? 479 HIS A CD2 1 
ATOM   65  C CE1 . HIS A 1 23  ? -16.132 10.291  -1.074  1.00 40.98 ? 479 HIS A CE1 1 
ATOM   66  N NE2 . HIS A 1 23  ? -16.214 11.179  -0.101  1.00 42.26 ? 479 HIS A NE2 1 
ATOM   67  N N   . VAL A 1 24  ? -11.444 8.326   -0.415  1.00 37.98 ? 480 VAL A N   1 
ATOM   68  C CA  . VAL A 1 24  ? -11.511 6.864   -0.292  1.00 39.82 ? 480 VAL A CA  1 
ATOM   69  C C   . VAL A 1 24  ? -11.003 6.431   1.088   1.00 40.21 ? 480 VAL A C   1 
ATOM   70  O O   . VAL A 1 24  ? -11.709 5.740   1.832   1.00 44.25 ? 480 VAL A O   1 
ATOM   71  C CB  . VAL A 1 24  ? -10.727 6.130   -1.401  1.00 42.08 ? 480 VAL A CB  1 
ATOM   72  C CG1 . VAL A 1 24  ? -10.849 4.615   -1.192  1.00 45.66 ? 480 VAL A CG1 1 
ATOM   73  C CG2 . VAL A 1 24  ? -11.264 6.483   -2.761  1.00 39.37 ? 480 VAL A CG2 1 
ATOM   74  N N   . LEU A 1 25  ? -9.832  6.901   1.477   1.00 36.06 ? 481 LEU A N   1 
ATOM   75  C CA  . LEU A 1 25  ? -9.229  6.443   2.725   1.00 37.98 ? 481 LEU A CA  1 
ATOM   76  C C   . LEU A 1 25  ? -9.978  6.817   4.009   1.00 36.67 ? 481 LEU A C   1 
ATOM   77  O O   . LEU A 1 25  ? -9.871  6.107   4.981   1.00 34.24 ? 481 LEU A O   1 
ATOM   78  C CB  . LEU A 1 25  ? -7.759  6.846   2.807   1.00 38.37 ? 481 LEU A CB  1 
ATOM   79  C CG  . LEU A 1 25  ? -6.962  6.239   1.600   1.00 42.49 ? 481 LEU A CG  1 
ATOM   80  C CD1 . LEU A 1 25  ? -5.645  6.973   1.426   1.00 46.69 ? 481 LEU A CD1 1 
ATOM   81  C CD2 . LEU A 1 25  ? -6.687  4.759   1.715   1.00 43.93 ? 481 LEU A CD2 1 
ATOM   82  N N   . ARG A 1 26  ? -10.757 7.884   3.999   1.00 39.82 ? 482 ARG A N   1 
ATOM   83  C CA  . ARG A 1 26  ? -11.366 8.383   5.245   1.00 41.98 ? 482 ARG A CA  1 
ATOM   84  C C   . ARG A 1 26  ? -12.485 7.477   5.782   1.00 42.11 ? 482 ARG A C   1 
ATOM   85  O O   . ARG A 1 26  ? -12.825 7.570   6.912   1.00 39.06 ? 482 ARG A O   1 
ATOM   86  C CB  . ARG A 1 26  ? -11.858 9.811   5.074   1.00 45.55 ? 482 ARG A CB  1 
ATOM   87  C CG  . ARG A 1 26  ? -13.123 9.986   4.236   1.00 48.84 ? 482 ARG A CG  1 
ATOM   88  C CD  . ARG A 1 26  ? -13.561 11.442  4.224   1.00 53.80 ? 482 ARG A CD  1 
ATOM   89  N NE  . ARG A 1 26  ? -13.927 11.888  5.574   1.00 55.16 ? 482 ARG A NE  1 
ATOM   90  C CZ  . ARG A 1 26  ? -15.074 11.612  6.196   1.00 57.67 ? 482 ARG A CZ  1 
ATOM   91  N NH1 . ARG A 1 26  ? -16.033 10.886  5.614   1.00 59.74 ? 482 ARG A NH1 1 
ATOM   92  N NH2 . ARG A 1 26  ? -15.269 12.060  7.430   1.00 60.12 ? 482 ARG A NH2 1 
ATOM   93  N N   . SER A 1 27  ? -13.054 6.612   4.944   1.00 43.23 ? 483 SER A N   1 
ATOM   94  C CA  . SER A 1 27  ? -14.094 5.707   5.389   1.00 47.86 ? 483 SER A CA  1 
ATOM   95  C C   . SER A 1 27  ? -13.525 4.330   5.792   1.00 46.93 ? 483 SER A C   1 
ATOM   96  O O   . SER A 1 27  ? -14.277 3.445   6.152   1.00 49.65 ? 483 SER A O   1 
ATOM   97  C CB  . SER A 1 27  ? -15.219 5.620   4.334   1.00 51.12 ? 483 SER A CB  1 
ATOM   98  O OG  . SER A 1 27  ? -14.696 5.646   3.003   1.00 56.73 ? 483 SER A OG  1 
ATOM   99  N N   . LEU A 1 28  ? -12.204 4.177   5.784   1.00 41.88 ? 484 LEU A N   1 
ATOM   100 C CA  . LEU A 1 28  ? -11.577 2.951   6.254   1.00 43.32 ? 484 LEU A CA  1 
ATOM   101 C C   . LEU A 1 28  ? -11.200 3.010   7.728   1.00 40.93 ? 484 LEU A C   1 
ATOM   102 O O   . LEU A 1 28  ? -11.363 4.030   8.360   1.00 41.05 ? 484 LEU A O   1 
ATOM   103 C CB  . LEU A 1 28  ? -10.361 2.647   5.391   1.00 43.33 ? 484 LEU A CB  1 
ATOM   104 C CG  . LEU A 1 28  ? -10.661 2.606   3.861   1.00 45.33 ? 484 LEU A CG  1 
ATOM   105 C CD1 . LEU A 1 28  ? -9.521  1.899   3.167   1.00 42.91 ? 484 LEU A CD1 1 
ATOM   106 C CD2 . LEU A 1 28  ? -12.016 1.948   3.494   1.00 48.76 ? 484 LEU A CD2 1 
ATOM   107 N N   . THR A 1 29  ? -10.713 1.899   8.271   1.00 38.06 ? 485 THR A N   1 
ATOM   108 C CA  . THR A 1 29  ? -10.316 1.849   9.691   1.00 38.76 ? 485 THR A CA  1 
ATOM   109 C C   . THR A 1 29  ? -8.910  2.491   9.881   1.00 36.90 ? 485 THR A C   1 
ATOM   110 O O   . THR A 1 29  ? -8.146  2.604   8.925   1.00 31.91 ? 485 THR A O   1 
ATOM   111 C CB  . THR A 1 29  ? -10.240 0.382   10.202  1.00 38.78 ? 485 THR A CB  1 
ATOM   112 O OG1 . THR A 1 29  ? -9.149  -0.277  9.554   1.00 35.12 ? 485 THR A OG1 1 
ATOM   113 C CG2 . THR A 1 29  ? -11.530 -0.404  9.928   1.00 39.59 ? 485 THR A CG2 1 
ATOM   114 N N   . PRO A 1 30  ? -8.545  2.851   11.118  1.00 36.82 ? 486 PRO A N   1 
ATOM   115 C CA  . PRO A 1 30  ? -7.148  3.366   11.369  1.00 37.67 ? 486 PRO A CA  1 
ATOM   116 C C   . PRO A 1 30  ? -5.996  2.448   10.895  1.00 35.15 ? 486 PRO A C   1 
ATOM   117 O O   . PRO A 1 30  ? -5.004  2.899   10.282  1.00 32.68 ? 486 PRO A O   1 
ATOM   118 C CB  . PRO A 1 30  ? -7.110  3.518   12.882  1.00 38.31 ? 486 PRO A CB  1 
ATOM   119 C CG  . PRO A 1 30  ? -8.538  3.812   13.233  1.00 40.25 ? 486 PRO A CG  1 
ATOM   120 C CD  . PRO A 1 30  ? -9.382  2.948   12.327  1.00 38.95 ? 486 PRO A CD  1 
ATOM   121 N N   . ASN A 1 31  ? -6.141  1.154   11.149  1.00 35.17 ? 487 ASN A N   1 
ATOM   122 C CA  . ASN A 1 31  ? -5.157  0.200   10.709  1.00 33.79 ? 487 ASN A CA  1 
ATOM   123 C C   . ASN A 1 31  ? -5.063  0.066   9.184   1.00 32.43 ? 487 ASN A C   1 
ATOM   124 O O   . ASN A 1 31  ? -3.976  -0.140  8.650   1.00 28.55 ? 487 ASN A O   1 
ATOM   125 C CB  . ASN A 1 31  ? -5.383  -1.163  11.393  1.00 34.48 ? 487 ASN A CB  1 
ATOM   126 C CG  . ASN A 1 31  ? -4.869  -1.195  12.807  1.00 35.88 ? 487 ASN A CG  1 
ATOM   127 O OD1 . ASN A 1 31  ? -4.321  -0.195  13.315  1.00 35.98 ? 487 ASN A OD1 1 
ATOM   128 N ND2 . ASN A 1 31  ? -5.026  -2.338  13.465  1.00 33.91 ? 487 ASN A ND2 1 
ATOM   129 N N   . ALA A 1 32  ? -6.197  0.153   8.478   1.00 31.52 ? 488 ALA A N   1 
ATOM   130 C CA  . ALA A 1 32  ? -6.167  0.108   7.018   1.00 31.23 ? 488 ALA A CA  1 
ATOM   131 C C   . ALA A 1 32  ? -5.371  1.317   6.445   1.00 30.59 ? 488 ALA A C   1 
ATOM   132 O O   . ALA A 1 32  ? -4.543  1.179   5.550   1.00 28.14 ? 488 ALA A O   1 
ATOM   133 C CB  . ALA A 1 32  ? -7.578  0.083   6.475   1.00 34.35 ? 488 ALA A CB  1 
ATOM   134 N N   . ARG A 1 33  ? -5.633  2.498   6.997   1.00 31.15 ? 489 ARG A N   1 
ATOM   135 C CA  . ARG A 1 33  ? -4.825  3.678   6.667   1.00 33.33 ? 489 ARG A CA  1 
ATOM   136 C C   . ARG A 1 33  ? -3.333  3.492   6.967   1.00 30.74 ? 489 ARG A C   1 
ATOM   137 O O   . ARG A 1 33  ? -2.503  3.851   6.151   1.00 34.80 ? 489 ARG A O   1 
ATOM   138 C CB  . ARG A 1 33  ? -5.403  4.928   7.363   1.00 35.68 ? 489 ARG A CB  1 
ATOM   139 C CG  . ARG A 1 33  ? -6.643  5.481   6.652   1.00 38.59 ? 489 ARG A CG  1 
ATOM   140 C CD  . ARG A 1 33  ? -6.969  6.898   7.143   1.00 40.88 ? 489 ARG A CD  1 
ATOM   141 N NE  . ARG A 1 33  ? -7.476  6.818   8.498   1.00 40.45 ? 489 ARG A NE  1 
ATOM   142 C CZ  . ARG A 1 33  ? -8.743  6.577   8.859   1.00 44.01 ? 489 ARG A CZ  1 
ATOM   143 N NH1 . ARG A 1 33  ? -9.057  6.547   10.162  1.00 46.50 ? 489 ARG A NH1 1 
ATOM   144 N NH2 . ARG A 1 33  ? -9.710  6.376   7.969   1.00 43.57 ? 489 ARG A NH2 1 
ATOM   145 N N   . GLY A 1 34  ? -2.995  2.913   8.122   1.00 30.00 ? 490 GLY A N   1 
ATOM   146 C CA  . GLY A 1 34  ? -1.629  2.522   8.427   1.00 28.96 ? 490 GLY A CA  1 
ATOM   147 C C   . GLY A 1 34  ? -1.002  1.605   7.408   1.00 28.33 ? 490 GLY A C   1 
ATOM   148 O O   . GLY A 1 34  ? 0.167   1.772   6.998   1.00 27.92 ? 490 GLY A O   1 
ATOM   149 N N   . ILE A 1 35  ? -1.775  0.615   6.993   1.00 27.49 ? 491 ILE A N   1 
ATOM   150 C CA  . ILE A 1 35  ? -1.313  -0.325  5.975   1.00 27.78 ? 491 ILE A CA  1 
ATOM   151 C C   . ILE A 1 35  ? -0.958  0.402   4.685   1.00 28.10 ? 491 ILE A C   1 
ATOM   152 O O   . ILE A 1 35  ? 0.143   0.254   4.118   1.00 27.87 ? 491 ILE A O   1 
ATOM   153 C CB  . ILE A 1 35  ? -2.365  -1.425  5.755   1.00 27.89 ? 491 ILE A CB  1 
ATOM   154 C CG1 . ILE A 1 35  ? -2.463  -2.338  6.991   1.00 26.96 ? 491 ILE A CG1 1 
ATOM   155 C CG2 . ILE A 1 35  ? -1.951  -2.339  4.620   1.00 28.79 ? 491 ILE A CG2 1 
ATOM   156 C CD1 . ILE A 1 35  ? -3.777  -3.121  7.105   1.00 26.69 ? 491 ILE A CD1 1 
ATOM   157 N N   . PHE A 1 36  ? -1.868  1.246   4.239   1.00 29.17 ? 492 PHE A N   1 
ATOM   158 C CA  . PHE A 1 36  ? -1.625  2.002   3.028   1.00 28.83 ? 492 PHE A CA  1 
ATOM   159 C C   . PHE A 1 36  ? -0.398  2.901   3.130   1.00 30.92 ? 492 PHE A C   1 
ATOM   160 O O   . PHE A 1 36  ? 0.388   2.956   2.194   1.00 29.62 ? 492 PHE A O   1 
ATOM   161 C CB  . PHE A 1 36  ? -2.881  2.818   2.666   1.00 30.50 ? 492 PHE A CB  1 
ATOM   162 C CG  . PHE A 1 36  ? -2.812  3.456   1.318   1.00 33.22 ? 492 PHE A CG  1 
ATOM   163 C CD1 . PHE A 1 36  ? -2.783  2.675   0.177   1.00 33.41 ? 492 PHE A CD1 1 
ATOM   164 C CD2 . PHE A 1 36  ? -2.780  4.832   1.195   1.00 34.07 ? 492 PHE A CD2 1 
ATOM   165 C CE1 . PHE A 1 36  ? -2.732  3.257   -1.075  1.00 36.03 ? 492 PHE A CE1 1 
ATOM   166 C CE2 . PHE A 1 36  ? -2.728  5.425   -0.046  1.00 37.08 ? 492 PHE A CE2 1 
ATOM   167 C CZ  . PHE A 1 36  ? -2.709  4.633   -1.188  1.00 35.09 ? 492 PHE A CZ  1 
ATOM   168 N N   A ARG A 1 37  ? -0.243  3.601   4.262   0.50 32.42 ? 493 ARG A N   1 
ATOM   169 N N   B ARG A 1 37  ? -0.243  3.601   4.262   0.50 32.44 ? 493 ARG A N   1 
ATOM   170 C CA  . ARG A 1 37  ? 0.931   4.485   4.482   1.00 34.32 ? 493 ARG A CA  1 
ATOM   171 C C   . ARG A 1 37  ? 2.251   3.718   4.491   1.00 33.24 ? 493 ARG A C   1 
ATOM   172 O O   . ARG A 1 37  ? 3.258   4.205   3.976   1.00 31.75 ? 493 ARG A O   1 
ATOM   173 C CB  . ARG A 1 37  ? 0.809   5.256   5.796   1.00 36.37 ? 493 ARG A CB  1 
ATOM   174 C CG  A ARG A 1 37  ? -0.289  6.286   5.855   0.50 39.16 ? 493 ARG A CG  1 
ATOM   175 C CG  B ARG A 1 37  ? -0.283  6.320   5.752   0.50 39.88 ? 493 ARG A CG  1 
ATOM   176 C CD  A ARG A 1 37  ? -0.349  6.895   7.257   0.50 41.31 ? 493 ARG A CD  1 
ATOM   177 C CD  B ARG A 1 37  ? -0.225  7.316   6.917   0.50 43.34 ? 493 ARG A CD  1 
ATOM   178 N NE  A ARG A 1 37  ? -1.702  7.243   7.666   0.50 43.52 ? 493 ARG A NE  1 
ATOM   179 N NE  B ARG A 1 37  ? -0.947  6.874   8.109   0.50 44.70 ? 493 ARG A NE  1 
ATOM   180 C CZ  A ARG A 1 37  ? -2.305  6.744   8.744   0.50 44.83 ? 493 ARG A CZ  1 
ATOM   181 C CZ  B ARG A 1 37  ? -2.193  7.251   8.429   0.50 47.80 ? 493 ARG A CZ  1 
ATOM   182 N NH1 A ARG A 1 37  ? -3.536  7.135   9.051   0.50 45.14 ? 493 ARG A NH1 1 
ATOM   183 N NH1 B ARG A 1 37  ? -2.754  6.802   9.544   0.50 48.30 ? 493 ARG A NH1 1 
ATOM   184 N NH2 A ARG A 1 37  ? -1.659  5.875   9.527   0.50 45.75 ? 493 ARG A NH2 1 
ATOM   185 N NH2 B ARG A 1 37  ? -2.882  8.081   7.646   0.50 47.93 ? 493 ARG A NH2 1 
ATOM   186 N N   . LEU A 1 38  ? 2.244   2.518   5.077   1.00 31.89 ? 494 LEU A N   1 
ATOM   187 C CA  . LEU A 1 38  ? 3.440   1.682   5.090   1.00 31.69 ? 494 LEU A CA  1 
ATOM   188 C C   . LEU A 1 38  ? 3.830   1.291   3.664   1.00 30.92 ? 494 LEU A C   1 
ATOM   189 O O   . LEU A 1 38  ? 4.998   1.323   3.318   1.00 32.79 ? 494 LEU A O   1 
ATOM   190 C CB  . LEU A 1 38  ? 3.221   0.429   5.953   1.00 32.37 ? 494 LEU A CB  1 
ATOM   191 C CG  . LEU A 1 38  ? 4.418   -0.424  6.347   1.00 32.77 ? 494 LEU A CG  1 
ATOM   192 C CD1 . LEU A 1 38  ? 5.413   0.414   7.133   1.00 36.85 ? 494 LEU A CD1 1 
ATOM   193 C CD2 . LEU A 1 38  ? 3.956   -1.642  7.176   1.00 32.86 ? 494 LEU A CD2 1 
ATOM   194 N N   . LEU A 1 39  ? 2.831   0.955   2.841   1.00 30.00 ? 495 LEU A N   1 
ATOM   195 C CA  . LEU A 1 39  ? 3.075   0.589   1.436   1.00 31.10 ? 495 LEU A CA  1 
ATOM   196 C C   . LEU A 1 39  ? 3.590   1.809   0.674   1.00 30.37 ? 495 LEU A C   1 
ATOM   197 O O   . LEU A 1 39  ? 4.567   1.719   -0.022  1.00 30.90 ? 495 LEU A O   1 
ATOM   198 C CB  . LEU A 1 39  ? 1.842   -0.043  0.780   1.00 30.60 ? 495 LEU A CB  1 
ATOM   199 C CG  . LEU A 1 39  ? 2.055   -0.627  -0.659  1.00 32.24 ? 495 LEU A CG  1 
ATOM   200 C CD1 . LEU A 1 39  ? 3.092   -1.743  -0.746  1.00 32.07 ? 495 LEU A CD1 1 
ATOM   201 C CD2 . LEU A 1 39  ? 0.758   -1.129  -1.220  1.00 31.86 ? 495 LEU A CD2 1 
ATOM   202 N N   . ILE A 1 40  ? 2.987   2.976   0.887   1.00 32.89 ? 496 ILE A N   1 
ATOM   203 C CA  . ILE A 1 40  ? 3.512   4.189   0.268   1.00 33.53 ? 496 ILE A CA  1 
ATOM   204 C C   . ILE A 1 40  ? 4.992   4.337   0.578   1.00 35.20 ? 496 ILE A C   1 
ATOM   205 O O   . ILE A 1 40  ? 5.799   4.491   -0.351  1.00 35.31 ? 496 ILE A O   1 
ATOM   206 C CB  . ILE A 1 40  ? 2.763   5.475   0.699   1.00 33.29 ? 496 ILE A CB  1 
ATOM   207 C CG1 . ILE A 1 40  ? 1.325   5.429   0.163   1.00 31.87 ? 496 ILE A CG1 1 
ATOM   208 C CG2 . ILE A 1 40  ? 3.479   6.720   0.144   1.00 33.79 ? 496 ILE A CG2 1 
ATOM   209 C CD1 . ILE A 1 40  ? 0.372   6.399   0.798   1.00 31.86 ? 496 ILE A CD1 1 
ATOM   210 N N   . LYS A 1 41  ? 5.331   4.298   1.877   1.00 36.92 ? 497 LYS A N   1 
ATOM   211 C CA  . LYS A 1 41  ? 6.735   4.521   2.361   1.00 37.71 ? 497 LYS A CA  1 
ATOM   212 C C   . LYS A 1 41  ? 7.717   3.620   1.593   1.00 36.96 ? 497 LYS A C   1 
ATOM   213 O O   . LYS A 1 41  ? 8.740   4.075   1.145   1.00 33.98 ? 497 LYS A O   1 
ATOM   214 C CB  . LYS A 1 41  ? 6.826   4.300   3.893   1.00 38.49 ? 497 LYS A CB  1 
ATOM   215 C CG  . LYS A 1 41  ? 8.176   4.603   4.516   1.00 40.76 ? 497 LYS A CG  1 
ATOM   216 C CD  . LYS A 1 41  ? 8.169   4.457   6.032   1.00 43.48 ? 497 LYS A CD  1 
ATOM   217 N N   . TYR A 1 42  ? 7.373   2.357   1.388   1.00 35.14 ? 498 TYR A N   1 
ATOM   218 C CA  . TYR A 1 42  ? 8.269   1.470   0.665   1.00 34.62 ? 498 TYR A CA  1 
ATOM   219 C C   . TYR A 1 42  ? 8.482   1.882   -0.799  1.00 36.02 ? 498 TYR A C   1 
ATOM   220 O O   . TYR A 1 42  ? 9.620   1.862   -1.324  1.00 33.66 ? 498 TYR A O   1 
ATOM   221 C CB  . TYR A 1 42  ? 7.778   0.041   0.736   1.00 37.89 ? 498 TYR A CB  1 
ATOM   222 C CG  . TYR A 1 42  ? 8.090   -0.654  2.059   1.00 37.94 ? 498 TYR A CG  1 
ATOM   223 C CD1 . TYR A 1 42  ? 9.408   -0.933  2.419   1.00 37.82 ? 498 TYR A CD1 1 
ATOM   224 C CD2 . TYR A 1 42  ? 7.056   -1.064  2.936   1.00 38.13 ? 498 TYR A CD2 1 
ATOM   225 C CE1 . TYR A 1 42  ? 9.695   -1.582  3.602   1.00 40.23 ? 498 TYR A CE1 1 
ATOM   226 C CE2 . TYR A 1 42  ? 7.332   -1.709  4.135   1.00 36.80 ? 498 TYR A CE2 1 
ATOM   227 C CZ  . TYR A 1 42  ? 8.628   -1.967  4.474   1.00 39.03 ? 498 TYR A CZ  1 
ATOM   228 O OH  . TYR A 1 42  ? 8.920   -2.612  5.648   1.00 42.01 ? 498 TYR A OH  1 
ATOM   229 N N   . GLN A 1 43  ? 7.390   2.272   -1.451  1.00 34.00 ? 499 GLN A N   1 
ATOM   230 C CA  . GLN A 1 43  ? 7.446   2.724   -2.844  1.00 35.08 ? 499 GLN A CA  1 
ATOM   231 C C   . GLN A 1 43  ? 8.311   3.983   -2.995  1.00 34.07 ? 499 GLN A C   1 
ATOM   232 O O   . GLN A 1 43  ? 9.187   4.085   -3.887  1.00 36.29 ? 499 GLN A O   1 
ATOM   233 C CB  . GLN A 1 43  ? 6.012   2.998   -3.331  1.00 32.56 ? 499 GLN A CB  1 
ATOM   234 C CG  . GLN A 1 43  ? 5.883   3.242   -4.810  1.00 33.26 ? 499 GLN A CG  1 
ATOM   235 C CD  . GLN A 1 43  ? 4.493   2.943   -5.323  1.00 31.46 ? 499 GLN A CD  1 
ATOM   236 O OE1 . GLN A 1 43  ? 3.857   1.905   -4.992  1.00 30.86 ? 499 GLN A OE1 1 
ATOM   237 N NE2 . GLN A 1 43  ? 4.001   3.834   -6.117  1.00 30.42 ? 499 GLN A NE2 1 
ATOM   238 N N   . LEU A 1 44  ? 8.056   4.945   -2.129  1.00 34.80 ? 500 LEU A N   1 
ATOM   239 C CA  . LEU A 1 44  ? 8.772   6.225   -2.182  1.00 35.81 ? 500 LEU A CA  1 
ATOM   240 C C   . LEU A 1 44  ? 10.246  6.103   -1.818  1.00 37.29 ? 500 LEU A C   1 
ATOM   241 O O   . LEU A 1 44  ? 11.096  6.718   -2.473  1.00 35.42 ? 500 LEU A O   1 
ATOM   242 C CB  . LEU A 1 44  ? 8.092   7.245   -1.271  1.00 37.41 ? 500 LEU A CB  1 
ATOM   243 C CG  . LEU A 1 44  ? 6.673   7.626   -1.678  1.00 35.77 ? 500 LEU A CG  1 
ATOM   244 C CD1 . LEU A 1 44  ? 6.166   8.718   -0.752  1.00 37.89 ? 500 LEU A CD1 1 
ATOM   245 C CD2 . LEU A 1 44  ? 6.623   8.069   -3.128  1.00 36.49 ? 500 LEU A CD2 1 
ATOM   246 N N   . ASP A 1 45  ? 10.561  5.291   -0.804  1.00 36.44 ? 501 ASP A N   1 
ATOM   247 C CA  . ASP A 1 45  ? 11.961  5.095   -0.407  1.00 40.60 ? 501 ASP A CA  1 
ATOM   248 C C   . ASP A 1 45  ? 12.788  4.423   -1.508  1.00 41.58 ? 501 ASP A C   1 
ATOM   249 O O   . ASP A 1 45  ? 13.984  4.648   -1.578  1.00 41.64 ? 501 ASP A O   1 
ATOM   250 C CB  . ASP A 1 45  ? 12.091  4.340   0.943   1.00 43.26 ? 501 ASP A CB  1 
ATOM   251 C CG  . ASP A 1 45  ? 11.495  5.129   2.127   1.00 45.49 ? 501 ASP A CG  1 
ATOM   252 O OD1 . ASP A 1 45  ? 11.121  6.289   1.938   1.00 49.18 ? 501 ASP A OD1 1 
ATOM   253 O OD2 . ASP A 1 45  ? 11.330  4.573   3.240   1.00 49.16 ? 501 ASP A OD2 1 
ATOM   254 N N   . ASN A 1 46  ? 12.148  3.646   -2.390  1.00 39.53 ? 502 ASN A N   1 
ATOM   255 C CA  . ASN A 1 46  ? 12.840  2.935   -3.469  1.00 40.22 ? 502 ASN A CA  1 
ATOM   256 C C   . ASN A 1 46  ? 12.557  3.441   -4.898  1.00 42.25 ? 502 ASN A C   1 
ATOM   257 O O   . ASN A 1 46  ? 12.922  2.800   -5.875  1.00 41.52 ? 502 ASN A O   1 
ATOM   258 C CB  . ASN A 1 46  ? 12.494  1.446   -3.328  1.00 39.41 ? 502 ASN A CB  1 
ATOM   259 C CG  . ASN A 1 46  ? 13.093  0.851   -2.062  1.00 37.42 ? 502 ASN A CG  1 
ATOM   260 O OD1 . ASN A 1 46  ? 14.302  0.659   -1.990  1.00 39.74 ? 502 ASN A OD1 1 
ATOM   261 N ND2 . ASN A 1 46  ? 12.277  0.622   -1.063  1.00 35.59 ? 502 ASN A ND2 1 
ATOM   262 N N   . GLN A 1 47  ? 11.975  4.637   -4.995  1.00 43.70 ? 503 GLN A N   1 
ATOM   263 C CA  . GLN A 1 47  ? 11.518  5.173   -6.259  1.00 45.48 ? 503 GLN A CA  1 
ATOM   264 C C   . GLN A 1 47  ? 12.657  5.365   -7.279  1.00 46.82 ? 503 GLN A C   1 
ATOM   265 O O   . GLN A 1 47  ? 12.421  5.293   -8.467  1.00 45.96 ? 503 GLN A O   1 
ATOM   266 C CB  . GLN A 1 47  ? 10.740  6.469   -6.036  1.00 47.05 ? 503 GLN A CB  1 
ATOM   267 C CG  . GLN A 1 47  ? 11.567  7.672   -5.585  1.00 51.17 ? 503 GLN A CG  1 
ATOM   268 C CD  . GLN A 1 47  ? 10.662  8.843   -5.216  1.00 53.87 ? 503 GLN A CD  1 
ATOM   269 O OE1 . GLN A 1 47  ? 9.959   9.378   -6.079  1.00 54.84 ? 503 GLN A OE1 1 
ATOM   270 N NE2 . GLN A 1 47  ? 10.637  9.213   -3.918  1.00 51.35 ? 503 GLN A NE2 1 
ATOM   271 N N   . ASP A 1 48  ? 13.890  5.542   -6.824  1.00 49.12 ? 504 ASP A N   1 
ATOM   272 C CA  . ASP A 1 48  ? 15.023  5.700   -7.752  1.00 50.84 ? 504 ASP A CA  1 
ATOM   273 C C   . ASP A 1 48  ? 15.770  4.412   -8.070  1.00 50.79 ? 504 ASP A C   1 
ATOM   274 O O   . ASP A 1 48  ? 16.840  4.451   -8.695  1.00 52.44 ? 504 ASP A O   1 
ATOM   275 C CB  . ASP A 1 48  ? 15.983  6.739   -7.202  1.00 56.06 ? 504 ASP A CB  1 
ATOM   276 C CG  . ASP A 1 48  ? 15.317  8.072   -7.011  1.00 58.60 ? 504 ASP A CG  1 
ATOM   277 O OD1 . ASP A 1 48  ? 14.614  8.524   -7.940  1.00 63.61 ? 504 ASP A OD1 1 
ATOM   278 O OD2 . ASP A 1 48  ? 15.463  8.665   -5.929  1.00 63.09 ? 504 ASP A OD2 1 
ATOM   279 N N   . ASN A 1 49  ? 15.218  3.277   -7.663  1.00 49.47 ? 505 ASN A N   1 
ATOM   280 C CA  . ASN A 1 49  ? 15.779  1.985   -8.008  1.00 49.79 ? 505 ASN A CA  1 
ATOM   281 C C   . ASN A 1 49  ? 14.928  1.231   -9.064  1.00 50.57 ? 505 ASN A C   1 
ATOM   282 O O   . ASN A 1 49  ? 13.845  0.722   -8.718  1.00 47.05 ? 505 ASN A O   1 
ATOM   283 C CB  . ASN A 1 49  ? 15.877  1.146   -6.750  1.00 49.38 ? 505 ASN A CB  1 
ATOM   284 C CG  . ASN A 1 49  ? 16.656  -0.117  -6.974  1.00 49.17 ? 505 ASN A CG  1 
ATOM   285 O OD1 . ASN A 1 49  ? 16.824  -0.567  -8.127  1.00 49.43 ? 505 ASN A OD1 1 
ATOM   286 N ND2 . ASN A 1 49  ? 17.166  -0.687  -5.893  1.00 45.82 ? 505 ASN A ND2 1 
ATOM   287 N N   . PRO A 1 50  ? 15.437  1.098   -10.322 1.00 52.72 ? 506 PRO A N   1 
ATOM   288 C CA  . PRO A 1 50  ? 14.635  0.387   -11.340 1.00 53.02 ? 506 PRO A CA  1 
ATOM   289 C C   . PRO A 1 50  ? 14.439  -1.127  -11.068 1.00 53.25 ? 506 PRO A C   1 
ATOM   290 O O   . PRO A 1 50  ? 13.572  -1.724  -11.702 1.00 53.24 ? 506 PRO A O   1 
ATOM   291 C CB  . PRO A 1 50  ? 15.399  0.642   -12.671 1.00 56.61 ? 506 PRO A CB  1 
ATOM   292 C CG  . PRO A 1 50  ? 16.398  1.721   -12.369 1.00 57.79 ? 506 PRO A CG  1 
ATOM   293 C CD  . PRO A 1 50  ? 16.715  1.563   -10.894 1.00 55.93 ? 506 PRO A CD  1 
ATOM   294 N N   . SER A 1 51  ? 15.182  -1.717  -10.121 1.00 49.51 ? 507 SER A N   1 
ATOM   295 C CA  . SER A 1 51  ? 15.004  -3.115  -9.753  1.00 49.92 ? 507 SER A CA  1 
ATOM   296 C C   . SER A 1 51  ? 13.900  -3.388  -8.677  1.00 51.84 ? 507 SER A C   1 
ATOM   297 O O   . SER A 1 51  ? 13.462  -4.542  -8.550  1.00 51.95 ? 507 SER A O   1 
ATOM   298 C CB  . SER A 1 51  ? 16.347  -3.709  -9.310  1.00 51.79 ? 507 SER A CB  1 
ATOM   299 O OG  . SER A 1 51  ? 17.372  -3.594  -10.336 1.00 53.47 ? 507 SER A OG  1 
ATOM   300 N N   . TYR A 1 52  ? 13.506  -2.362  -7.883  1.00 49.90 ? 508 TYR A N   1 
ATOM   301 C CA  . TYR A 1 52  ? 12.359  -2.454  -6.953  1.00 46.10 ? 508 TYR A CA  1 
ATOM   302 C C   . TYR A 1 52  ? 11.079  -2.579  -7.755  1.00 42.83 ? 508 TYR A C   1 
ATOM   303 O O   . TYR A 1 52  ? 10.737  -1.691  -8.510  1.00 42.67 ? 508 TYR A O   1 
ATOM   304 C CB  . TYR A 1 52  ? 12.266  -1.221  -6.047  1.00 45.73 ? 508 TYR A CB  1 
ATOM   305 C CG  . TYR A 1 52  ? 11.003  -1.138  -5.195  1.00 43.97 ? 508 TYR A CG  1 
ATOM   306 C CD1 . TYR A 1 52  ? 10.920  -1.784  -3.966  1.00 44.87 ? 508 TYR A CD1 1 
ATOM   307 C CD2 . TYR A 1 52  ? 9.900   -0.402  -5.622  1.00 42.39 ? 508 TYR A CD2 1 
ATOM   308 C CE1 . TYR A 1 52  ? 9.754   -1.701  -3.170  1.00 45.09 ? 508 TYR A CE1 1 
ATOM   309 C CE2 . TYR A 1 52  ? 8.747   -0.314  -4.852  1.00 42.14 ? 508 TYR A CE2 1 
ATOM   310 C CZ  . TYR A 1 52  ? 8.675   -0.953  -3.621  1.00 43.80 ? 508 TYR A CZ  1 
ATOM   311 O OH  . TYR A 1 52  ? 7.504   -0.838  -2.874  1.00 51.38 ? 508 TYR A OH  1 
ATOM   312 N N   . ILE A 1 53  ? 10.385  -3.689  -7.599  1.00 43.66 ? 509 ILE A N   1 
ATOM   313 C CA  . ILE A 1 53  ? 9.113   -3.920  -8.310  1.00 42.08 ? 509 ILE A CA  1 
ATOM   314 C C   . ILE A 1 53  ? 8.000   -4.132  -7.265  1.00 40.73 ? 509 ILE A C   1 
ATOM   315 O O   . ILE A 1 53  ? 6.914   -4.614  -7.583  1.00 38.95 ? 509 ILE A O   1 
ATOM   316 C CB  . ILE A 1 53  ? 9.206   -5.096  -9.365  1.00 44.57 ? 509 ILE A CB  1 
ATOM   317 C CG1 . ILE A 1 53  ? 9.078   -6.526  -8.777  1.00 44.23 ? 509 ILE A CG1 1 
ATOM   318 C CG2 . ILE A 1 53  ? 10.465  -4.967  -10.238 1.00 48.17 ? 509 ILE A CG2 1 
ATOM   319 C CD1 . ILE A 1 53  ? 10.030  -6.915  -7.677  1.00 44.60 ? 509 ILE A CD1 1 
ATOM   320 N N   . GLY A 1 54  ? 8.269   -3.732  -6.028  1.00 38.28 ? 510 GLY A N   1 
ATOM   321 C CA  . GLY A 1 54  ? 7.330   -3.920  -4.929  1.00 37.90 ? 510 GLY A CA  1 
ATOM   322 C C   . GLY A 1 54  ? 7.703   -5.014  -3.964  1.00 36.80 ? 510 GLY A C   1 
ATOM   323 O O   . GLY A 1 54  ? 8.754   -5.636  -4.094  1.00 40.96 ? 510 GLY A O   1 
ATOM   324 N N   . LEU A 1 55  ? 6.823   -5.187  -2.980  1.00 36.63 ? 511 LEU A N   1 
ATOM   325 C CA  . LEU A 1 55  ? 6.886   -6.205  -1.944  1.00 38.42 ? 511 LEU A CA  1 
ATOM   326 C C   . LEU A 1 55  ? 5.925   -7.348  -2.285  1.00 32.68 ? 511 LEU A C   1 
ATOM   327 O O   . LEU A 1 55  ? 4.814   -7.110  -2.770  1.00 31.89 ? 511 LEU A O   1 
ATOM   328 C CB  . LEU A 1 55  ? 6.385   -5.657  -0.576  1.00 38.32 ? 511 LEU A CB  1 
ATOM   329 C CG  . LEU A 1 55  ? 7.282   -4.730  0.207   1.00 42.00 ? 511 LEU A CG  1 
ATOM   330 C CD1 . LEU A 1 55  ? 6.958   -3.278  -0.126  1.00 43.89 ? 511 LEU A CD1 1 
ATOM   331 C CD2 . LEU A 1 55  ? 7.194   -4.980  1.699   1.00 40.72 ? 511 LEU A CD2 1 
ATOM   332 N N   . SER A 1 56  ? 6.330   -8.562  -1.953  1.00 30.92 ? 512 SER A N   1 
ATOM   333 C CA  . SER A 1 56  ? 5.460   -9.708  -1.981  1.00 30.84 ? 512 SER A CA  1 
ATOM   334 C C   . SER A 1 56  ? 4.425   -9.613  -0.829  1.00 31.79 ? 512 SER A C   1 
ATOM   335 O O   . SER A 1 56  ? 4.628   -8.864  0.154   1.00 32.72 ? 512 SER A O   1 
ATOM   336 C CB  . SER A 1 56  ? 6.294   -10.993 -1.849  1.00 31.28 ? 512 SER A CB  1 
ATOM   337 O OG  . SER A 1 56  ? 6.728   -11.199 -0.519  1.00 28.09 ? 512 SER A OG  1 
ATOM   338 N N   . PHE A 1 57  ? 3.342   -10.363 -0.940  1.00 30.86 ? 513 PHE A N   1 
ATOM   339 C CA  . PHE A 1 57  ? 2.388   -10.454 0.162   1.00 30.55 ? 513 PHE A CA  1 
ATOM   340 C C   . PHE A 1 57  ? 3.028   -10.952 1.464   1.00 30.24 ? 513 PHE A C   1 
ATOM   341 O O   . PHE A 1 57  ? 2.838   -10.342 2.519   1.00 30.45 ? 513 PHE A O   1 
ATOM   342 C CB  . PHE A 1 57  ? 1.175   -11.299 -0.201  1.00 31.13 ? 513 PHE A CB  1 
ATOM   343 C CG  . PHE A 1 57  ? 0.227   -11.502 0.956   1.00 30.38 ? 513 PHE A CG  1 
ATOM   344 C CD1 . PHE A 1 57  ? 0.399   -12.578 1.841   1.00 31.77 ? 513 PHE A CD1 1 
ATOM   345 C CD2 . PHE A 1 57  ? -0.792  -10.610 1.185   1.00 29.90 ? 513 PHE A CD2 1 
ATOM   346 C CE1 . PHE A 1 57  ? -0.443  -12.731 2.921   1.00 34.12 ? 513 PHE A CE1 1 
ATOM   347 C CE2 . PHE A 1 57  ? -1.651  -10.773 2.267   1.00 30.26 ? 513 PHE A CE2 1 
ATOM   348 C CZ  . PHE A 1 57  ? -1.473  -11.834 3.124   1.00 33.12 ? 513 PHE A CZ  1 
ATOM   349 N N   . GLN A 1 58  ? 3.804   -12.023 1.404   1.00 32.61 ? 514 GLN A N   1 
ATOM   350 C CA  . GLN A 1 58  ? 4.422   -12.559 2.631   1.00 35.37 ? 514 GLN A CA  1 
ATOM   351 C C   . GLN A 1 58  ? 5.344   -11.528 3.284   1.00 33.18 ? 514 GLN A C   1 
ATOM   352 O O   . GLN A 1 58  ? 5.352   -11.395 4.497   1.00 29.43 ? 514 GLN A O   1 
ATOM   353 C CB  . GLN A 1 58  ? 5.171   -13.875 2.375   1.00 39.89 ? 514 GLN A CB  1 
ATOM   354 C CG  . GLN A 1 58  ? 4.241   -15.063 2.046   1.00 44.18 ? 514 GLN A CG  1 
ATOM   355 C CD  . GLN A 1 58  ? 3.140   -15.348 3.102   1.00 45.01 ? 514 GLN A CD  1 
ATOM   356 O OE1 . GLN A 1 58  ? 3.333   -15.189 4.319   1.00 49.21 ? 514 GLN A OE1 1 
ATOM   357 N NE2 . GLN A 1 58  ? 1.993   -15.777 2.627   1.00 42.44 ? 514 GLN A NE2 1 
ATOM   358 N N   . ASP A 1 59  ? 6.082   -10.780 2.461   1.00 31.15 ? 515 ASP A N   1 
ATOM   359 C CA  . ASP A 1 59  ? 6.984   -9.790  2.970   1.00 30.18 ? 515 ASP A CA  1 
ATOM   360 C C   . ASP A 1 59  ? 6.178   -8.676  3.638   1.00 28.27 ? 515 ASP A C   1 
ATOM   361 O O   . ASP A 1 59  ? 6.347   -8.395  4.817   1.00 27.02 ? 515 ASP A O   1 
ATOM   362 C CB  . ASP A 1 59  ? 7.855   -9.275  1.822   1.00 31.28 ? 515 ASP A CB  1 
ATOM   363 C CG  . ASP A 1 59  ? 8.984   -8.316  2.294   1.00 31.57 ? 515 ASP A CG  1 
ATOM   364 O OD1 . ASP A 1 59  ? 9.209   -8.155  3.525   1.00 29.54 ? 515 ASP A OD1 1 
ATOM   365 O OD2 . ASP A 1 59  ? 9.660   -7.727  1.407   1.00 29.68 ? 515 ASP A OD2 1 
ATOM   366 N N   . PHE A 1 60  ? 5.260   -8.096  2.885   1.00 27.90 ? 516 PHE A N   1 
ATOM   367 C CA  . PHE A 1 60  ? 4.418   -7.015  3.382   1.00 29.84 ? 516 PHE A CA  1 
ATOM   368 C C   . PHE A 1 60  ? 3.606   -7.456  4.626   1.00 29.65 ? 516 PHE A C   1 
ATOM   369 O O   . PHE A 1 60  ? 3.437   -6.675  5.578   1.00 26.46 ? 516 PHE A O   1 
ATOM   370 C CB  . PHE A 1 60  ? 3.501   -6.497  2.272   1.00 29.58 ? 516 PHE A CB  1 
ATOM   371 C CG  . PHE A 1 60  ? 2.743   -5.261  2.629   1.00 28.88 ? 516 PHE A CG  1 
ATOM   372 C CD1 . PHE A 1 60  ? 3.417   -4.115  3.124   1.00 28.41 ? 516 PHE A CD1 1 
ATOM   373 C CD2 . PHE A 1 60  ? 1.359   -5.218  2.506   1.00 29.27 ? 516 PHE A CD2 1 
ATOM   374 C CE1 . PHE A 1 60  ? 2.728   -2.974  3.456   1.00 28.18 ? 516 PHE A CE1 1 
ATOM   375 C CE2 . PHE A 1 60  ? 0.652   -4.045  2.840   1.00 29.78 ? 516 PHE A CE2 1 
ATOM   376 C CZ  . PHE A 1 60  ? 1.338   -2.921  3.303   1.00 29.02 ? 516 PHE A CZ  1 
ATOM   377 N N   . TYR A 1 61  ? 3.193   -8.724  4.658   1.00 26.66 ? 517 TYR A N   1 
ATOM   378 C CA  . TYR A 1 61  ? 2.408   -9.225  5.790   1.00 28.96 ? 517 TYR A CA  1 
ATOM   379 C C   . TYR A 1 61  ? 3.186   -9.177  7.070   1.00 28.50 ? 517 TYR A C   1 
ATOM   380 O O   . TYR A 1 61  ? 2.683   -8.679  8.082   1.00 29.49 ? 517 TYR A O   1 
ATOM   381 C CB  . TYR A 1 61  ? 1.896   -10.665 5.514   1.00 30.76 ? 517 TYR A CB  1 
ATOM   382 C CG  . TYR A 1 61  ? 1.158   -11.332 6.651   1.00 34.53 ? 517 TYR A CG  1 
ATOM   383 C CD1 . TYR A 1 61  ? 0.170   -10.660 7.370   1.00 34.50 ? 517 TYR A CD1 1 
ATOM   384 C CD2 . TYR A 1 61  ? 1.396   -12.679 6.953   1.00 39.02 ? 517 TYR A CD2 1 
ATOM   385 C CE1 . TYR A 1 61  ? -0.540  -11.299 8.399   1.00 35.84 ? 517 TYR A CE1 1 
ATOM   386 C CE2 . TYR A 1 61  ? 0.698   -13.333 7.999   1.00 42.35 ? 517 TYR A CE2 1 
ATOM   387 C CZ  . TYR A 1 61  ? -0.270  -12.642 8.707   1.00 41.26 ? 517 TYR A CZ  1 
ATOM   388 O OH  . TYR A 1 61  ? -0.961  -13.277 9.744   1.00 48.78 ? 517 TYR A OH  1 
ATOM   389 N N   . GLN A 1 62  ? 4.398   -9.697  7.009   1.00 29.61 ? 518 GLN A N   1 
ATOM   390 C CA  . GLN A 1 62  ? 5.345   -9.692  8.114   1.00 32.44 ? 518 GLN A CA  1 
ATOM   391 C C   . GLN A 1 62  ? 5.637   -8.265  8.551   1.00 30.46 ? 518 GLN A C   1 
ATOM   392 O O   . GLN A 1 62  ? 5.615   -7.961  9.772   1.00 27.76 ? 518 GLN A O   1 
ATOM   393 C CB  . GLN A 1 62  ? 6.644   -10.391 7.676   1.00 36.47 ? 518 GLN A CB  1 
ATOM   394 C CG  . GLN A 1 62  ? 7.715   -10.548 8.735   1.00 42.49 ? 518 GLN A CG  1 
ATOM   395 C CD  . GLN A 1 62  ? 7.206   -11.271 9.981   1.00 47.18 ? 518 GLN A CD  1 
ATOM   396 O OE1 . GLN A 1 62  ? 6.403   -12.228 9.893   1.00 50.33 ? 518 GLN A OE1 1 
ATOM   397 N NE2 . GLN A 1 62  ? 7.668   -10.820 11.154  1.00 49.13 ? 518 GLN A NE2 1 
ATOM   398 N N   . GLN A 1 63  ? 5.828   -7.362  7.589   1.00 28.31 ? 519 GLN A N   1 
ATOM   399 C CA  . GLN A 1 63  ? 6.031   -5.920  7.953   1.00 30.25 ? 519 GLN A CA  1 
ATOM   400 C C   . GLN A 1 63  ? 4.838   -5.298  8.651   1.00 31.48 ? 519 GLN A C   1 
ATOM   401 O O   . GLN A 1 63  ? 4.994   -4.583  9.631   1.00 30.05 ? 519 GLN A O   1 
ATOM   402 C CB  . GLN A 1 63  ? 6.370   -5.074  6.755   1.00 30.32 ? 519 GLN A CB  1 
ATOM   403 C CG  . GLN A 1 63  ? 7.582   -5.566  5.992   1.00 32.19 ? 519 GLN A CG  1 
ATOM   404 C CD  . GLN A 1 63  ? 8.723   -5.858  6.896   1.00 34.20 ? 519 GLN A CD  1 
ATOM   405 O OE1 . GLN A 1 63  ? 9.136   -5.001  7.691   1.00 33.29 ? 519 GLN A OE1 1 
ATOM   406 N NE2 . GLN A 1 63  ? 9.204   -7.067  6.843   1.00 35.18 ? 519 GLN A NE2 1 
ATOM   407 N N   . CYS A 1 64  ? 3.642   -5.583  8.147   1.00 30.67 ? 520 CYS A N   1 
ATOM   408 C CA  . CYS A 1 64  ? 2.412   -5.125  8.791   1.00 30.56 ? 520 CYS A CA  1 
ATOM   409 C C   . CYS A 1 64  ? 2.223   -5.695  10.182  1.00 29.30 ? 520 CYS A C   1 
ATOM   410 O O   . CYS A 1 64  ? 1.728   -5.000  11.045  1.00 30.92 ? 520 CYS A O   1 
ATOM   411 C CB  . CYS A 1 64  ? 1.175   -5.472  7.945   1.00 29.23 ? 520 CYS A CB  1 
ATOM   412 S SG  . CYS A 1 64  ? 1.032   -4.490  6.472   1.00 30.11 ? 520 CYS A SG  1 
ATOM   413 N N   . ARG A 1 65  ? 2.572   -6.962  10.364  1.00 31.32 ? 521 ARG A N   1 
ATOM   414 C CA  . ARG A 1 65  ? 2.442   -7.687  11.660  1.00 32.44 ? 521 ARG A CA  1 
ATOM   415 C C   . ARG A 1 65  ? 3.377   -7.044  12.658  1.00 33.24 ? 521 ARG A C   1 
ATOM   416 O O   . ARG A 1 65  ? 3.004   -6.791  13.812  1.00 31.68 ? 521 ARG A O   1 
ATOM   417 C CB  . ARG A 1 65  ? 2.820   -9.167  11.559  1.00 35.53 ? 521 ARG A CB  1 
ATOM   418 C CG  . ARG A 1 65  ? 1.738   -10.098 11.012  1.00 38.32 ? 521 ARG A CG  1 
ATOM   419 C CD  A ARG A 1 65  ? 2.180   -11.583 11.005  0.70 42.10 ? 521 ARG A CD  1 
ATOM   420 C CD  B ARG A 1 65  ? 2.186   -11.555 11.095  0.30 38.64 ? 521 ARG A CD  1 
ATOM   421 N NE  A ARG A 1 65  ? 2.507   -12.174 12.310  0.70 46.69 ? 521 ARG A NE  1 
ATOM   422 N NE  B ARG A 1 65  ? 2.042   -12.081 12.443  0.30 39.92 ? 521 ARG A NE  1 
ATOM   423 C CZ  A ARG A 1 65  ? 3.737   -12.384 12.820  0.70 48.70 ? 521 ARG A CZ  1 
ATOM   424 C CZ  B ARG A 1 65  ? 0.895   -12.505 12.955  0.30 39.66 ? 521 ARG A CZ  1 
ATOM   425 N NH1 A ARG A 1 65  ? 4.842   -12.042 12.166  0.70 50.44 ? 521 ARG A NH1 1 
ATOM   426 N NH1 B ARG A 1 65  ? -0.196  -12.465 12.225  0.30 39.68 ? 521 ARG A NH1 1 
ATOM   427 N NH2 A ARG A 1 65  ? 3.860   -12.954 14.012  0.70 51.43 ? 521 ARG A NH2 1 
ATOM   428 N NH2 B ARG A 1 65  ? 0.843   -12.965 14.190  0.30 40.07 ? 521 ARG A NH2 1 
ATOM   429 N N   . GLU A 1 66  ? 4.598   -6.730  12.216  1.00 31.35 ? 522 GLU A N   1 
ATOM   430 C CA  . GLU A 1 66  ? 5.553   -6.094  13.141  1.00 33.68 ? 522 GLU A CA  1 
ATOM   431 C C   . GLU A 1 66  ? 5.162   -4.664  13.548  1.00 31.08 ? 522 GLU A C   1 
ATOM   432 O O   . GLU A 1 66  ? 5.741   -4.138  14.493  1.00 32.40 ? 522 GLU A O   1 
ATOM   433 C CB  . GLU A 1 66  ? 6.931   -6.022  12.514  1.00 38.41 ? 522 GLU A CB  1 
ATOM   434 C CG  . GLU A 1 66  ? 7.653   -7.337  12.386  1.00 41.30 ? 522 GLU A CG  1 
ATOM   435 C CD  . GLU A 1 66  ? 8.931   -7.171  11.574  1.00 44.28 ? 522 GLU A CD  1 
ATOM   436 O OE1 . GLU A 1 66  ? 9.172   -6.080  11.041  1.00 50.89 ? 522 GLU A OE1 1 
ATOM   437 O OE2 . GLU A 1 66  ? 9.674   -8.127  11.452  1.00 49.99 ? 522 GLU A OE2 1 
ATOM   438 N N   . ALA A 1 67  ? 4.241   -4.033  12.797  1.00 28.92 ? 523 ALA A N   1 
ATOM   439 C CA  . ALA A 1 67  ? 3.727   -2.667  13.098  1.00 30.19 ? 523 ALA A CA  1 
ATOM   440 C C   . ALA A 1 67  ? 2.336   -2.709  13.753  1.00 29.66 ? 523 ALA A C   1 
ATOM   441 O O   . ALA A 1 67  ? 1.751   -1.667  14.061  1.00 29.73 ? 523 ALA A O   1 
ATOM   442 C CB  . ALA A 1 67  ? 3.745   -1.809  11.831  1.00 30.61 ? 523 ALA A CB  1 
ATOM   443 N N   . PHE A 1 68  ? 1.853   -3.932  14.056  1.00 29.29 ? 524 PHE A N   1 
ATOM   444 C CA  . PHE A 1 68  ? 0.562   -4.154  14.748  1.00 29.24 ? 524 PHE A CA  1 
ATOM   445 C C   . PHE A 1 68  ? -0.584  -3.550  13.947  1.00 28.48 ? 524 PHE A C   1 
ATOM   446 O O   . PHE A 1 68  ? -1.502  -2.970  14.515  1.00 30.68 ? 524 PHE A O   1 
ATOM   447 C CB  . PHE A 1 68  ? 0.634   -3.648  16.192  1.00 32.09 ? 524 PHE A CB  1 
ATOM   448 C CG  . PHE A 1 68  ? 1.899   -4.059  16.852  1.00 33.46 ? 524 PHE A CG  1 
ATOM   449 C CD1 . PHE A 1 68  ? 2.129   -5.397  17.134  1.00 33.78 ? 524 PHE A CD1 1 
ATOM   450 C CD2 . PHE A 1 68  ? 2.938   -3.142  17.022  1.00 34.04 ? 524 PHE A CD2 1 
ATOM   451 C CE1 . PHE A 1 68  ? 3.326   -5.811  17.650  1.00 35.46 ? 524 PHE A CE1 1 
ATOM   452 C CE2 . PHE A 1 68  ? 4.157   -3.552  17.541  1.00 35.92 ? 524 PHE A CE2 1 
ATOM   453 C CZ  . PHE A 1 68  ? 4.352   -4.892  17.853  1.00 36.22 ? 524 PHE A CZ  1 
ATOM   454 N N   . LEU A 1 69  ? -0.436  -3.659  12.615  1.00 28.08 ? 525 LEU A N   1 
ATOM   455 C CA  . LEU A 1 69  ? -1.432  -3.213  11.617  1.00 29.05 ? 525 LEU A CA  1 
ATOM   456 C C   . LEU A 1 69  ? -2.391  -4.333  11.216  1.00 28.76 ? 525 LEU A C   1 
ATOM   457 O O   . LEU A 1 69  ? -3.490  -4.058  10.788  1.00 28.91 ? 525 LEU A O   1 
ATOM   458 C CB  . LEU A 1 69  ? -0.737  -2.650  10.380  1.00 28.57 ? 525 LEU A CB  1 
ATOM   459 C CG  . LEU A 1 69  ? 0.042   -1.351  10.531  1.00 29.42 ? 525 LEU A CG  1 
ATOM   460 C CD1 . LEU A 1 69  ? 0.747   -1.012  9.233   1.00 29.57 ? 525 LEU A CD1 1 
ATOM   461 C CD2 . LEU A 1 69  ? -0.869  -0.182  10.998  1.00 31.31 ? 525 LEU A CD2 1 
ATOM   462 N N   . VAL A 1 70  ? -2.007  -5.582  11.445  1.00 29.72 ? 526 VAL A N   1 
ATOM   463 C CA  . VAL A 1 70  ? -2.804  -6.714  11.046  1.00 32.79 ? 526 VAL A CA  1 
ATOM   464 C C   . VAL A 1 70  ? -2.359  -7.922  11.851  1.00 35.06 ? 526 VAL A C   1 
ATOM   465 O O   . VAL A 1 70  ? -1.178  -8.038  12.259  1.00 33.59 ? 526 VAL A O   1 
ATOM   466 C CB  . VAL A 1 70  ? -2.655  -6.950  9.515   1.00 35.15 ? 526 VAL A CB  1 
ATOM   467 C CG1 . VAL A 1 70  ? -1.493  -7.879  9.213   1.00 37.80 ? 526 VAL A CG1 1 
ATOM   468 C CG2 . VAL A 1 70  ? -3.964  -7.448  8.893   1.00 38.85 ? 526 VAL A CG2 1 
ATOM   469 N N   . ASN A 1 71  ? -3.280  -8.837  12.066  1.00 38.21 ? 527 ASN A N   1 
ATOM   470 C CA  A ASN A 1 71  ? -2.870  -10.085 12.694  0.50 41.15 ? 527 ASN A CA  1 
ATOM   471 C CA  B ASN A 1 71  ? -3.047  -10.084 12.802  0.50 42.19 ? 527 ASN A CA  1 
ATOM   472 C C   . ASN A 1 71  ? -3.239  -11.355 11.952  1.00 43.65 ? 527 ASN A C   1 
ATOM   473 O O   . ASN A 1 71  ? -2.821  -12.442 12.353  1.00 48.58 ? 527 ASN A O   1 
ATOM   474 C CB  A ASN A 1 71  ? -3.317  -10.168 14.132  0.50 42.47 ? 527 ASN A CB  1 
ATOM   475 C CB  B ASN A 1 71  ? -3.991  -10.161 14.011  0.50 44.33 ? 527 ASN A CB  1 
ATOM   476 C CG  A ASN A 1 71  ? -2.516  -11.191 14.901  0.50 43.40 ? 527 ASN A CG  1 
ATOM   477 C CG  B ASN A 1 71  ? -5.455  -9.964  13.636  0.50 46.43 ? 527 ASN A CG  1 
ATOM   478 O OD1 A ASN A 1 71  ? -1.281  -11.245 14.789  0.50 43.75 ? 527 ASN A OD1 1 
ATOM   479 O OD1 B ASN A 1 71  ? -5.778  -9.358  12.602  0.50 47.25 ? 527 ASN A OD1 1 
ATOM   480 N ND2 A ASN A 1 71  ? -3.204  -12.054 15.601  0.50 42.79 ? 527 ASN A ND2 1 
ATOM   481 N ND2 B ASN A 1 71  ? -6.351  -10.465 14.481  0.50 49.83 ? 527 ASN A ND2 1 
ATOM   482 N N   . SER A 1 72  ? -3.948  -11.261 10.845  1.00 42.46 ? 528 SER A N   1 
ATOM   483 C CA  . SER A 1 72  ? -4.117  -12.479 10.035  1.00 42.89 ? 528 SER A CA  1 
ATOM   484 C C   . SER A 1 72  ? -3.874  -12.223 8.589   1.00 40.45 ? 528 SER A C   1 
ATOM   485 O O   . SER A 1 72  ? -4.159  -11.122 8.084   1.00 34.11 ? 528 SER A O   1 
ATOM   486 C CB  . SER A 1 72  ? -5.507  -13.105 10.237  1.00 43.19 ? 528 SER A CB  1 
ATOM   487 O OG  . SER A 1 72  ? -6.555  -12.330 9.668   1.00 43.83 ? 528 SER A OG  1 
ATOM   488 N N   . ASP A 1 73  ? -3.386  -13.277 7.923   1.00 42.10 ? 529 ASP A N   1 
ATOM   489 C CA  . ASP A 1 73  ? -3.389  -13.412 6.470   1.00 44.33 ? 529 ASP A CA  1 
ATOM   490 C C   . ASP A 1 73  ? -4.736  -12.901 5.943   1.00 42.39 ? 529 ASP A C   1 
ATOM   491 O O   . ASP A 1 73  ? -4.791  -11.956 5.162   1.00 42.02 ? 529 ASP A O   1 
ATOM   492 C CB  . ASP A 1 73  ? -3.180  -14.924 6.137   1.00 53.79 ? 529 ASP A CB  1 
ATOM   493 C CG  . ASP A 1 73  ? -3.127  -15.222 4.654   1.00 58.14 ? 529 ASP A CG  1 
ATOM   494 O OD1 . ASP A 1 73  ? -4.128  -14.986 3.934   1.00 68.05 ? 529 ASP A OD1 1 
ATOM   495 O OD2 . ASP A 1 73  ? -2.088  -15.748 4.209   1.00 63.56 ? 529 ASP A OD2 1 
ATOM   496 N N   . LEU A 1 74  ? -5.826  -13.486 6.445   1.00 43.13 ? 530 LEU A N   1 
ATOM   497 C CA  . LEU A 1 74  ? -7.194  -13.189 5.977   1.00 41.61 ? 530 LEU A CA  1 
ATOM   498 C C   . LEU A 1 74  ? -7.531  -11.710 5.975   1.00 38.00 ? 530 LEU A C   1 
ATOM   499 O O   . LEU A 1 74  ? -8.045  -11.223 4.990   1.00 37.90 ? 530 LEU A O   1 
ATOM   500 C CB  . LEU A 1 74  ? -8.259  -13.947 6.813   1.00 43.14 ? 530 LEU A CB  1 
ATOM   501 N N   . THR A 1 75  ? -7.277  -11.001 7.086   1.00 37.43 ? 531 THR A N   1 
ATOM   502 C CA  A THR A 1 75  ? -7.625  -9.578  7.183   0.60 37.22 ? 531 THR A CA  1 
ATOM   503 C CA  B THR A 1 75  ? -7.620  -9.573  7.181   0.40 35.92 ? 531 THR A CA  1 
ATOM   504 C C   . THR A 1 75  ? -6.780  -8.732  6.204   1.00 35.41 ? 531 THR A C   1 
ATOM   505 O O   . THR A 1 75  ? -7.310  -7.803  5.567   1.00 33.32 ? 531 THR A O   1 
ATOM   506 C CB  A THR A 1 75  ? -7.531  -9.031  8.645   0.60 39.59 ? 531 THR A CB  1 
ATOM   507 C CB  B THR A 1 75  ? -7.452  -9.020  8.620   0.40 36.25 ? 531 THR A CB  1 
ATOM   508 O OG1 A THR A 1 75  ? -6.410  -9.619  9.334   0.60 41.51 ? 531 THR A OG1 1 
ATOM   509 O OG1 B THR A 1 75  ? -8.070  -9.914  9.566   0.40 38.31 ? 531 THR A OG1 1 
ATOM   510 C CG2 A THR A 1 75  ? -8.811  -9.356  9.440   0.60 42.75 ? 531 THR A CG2 1 
ATOM   511 C CG2 B THR A 1 75  ? -8.060  -7.615  8.747   0.40 35.40 ? 531 THR A CG2 1 
ATOM   512 N N   . LEU A 1 76  ? -5.488  -9.056  6.064   1.00 32.07 ? 532 LEU A N   1 
ATOM   513 C CA  . LEU A 1 76  ? -4.604  -8.276  5.130   1.00 33.94 ? 532 LEU A CA  1 
ATOM   514 C C   . LEU A 1 76  ? -5.050  -8.468  3.685   1.00 32.53 ? 532 LEU A C   1 
ATOM   515 O O   . LEU A 1 76  ? -5.160  -7.512  2.917   1.00 30.17 ? 532 LEU A O   1 
ATOM   516 C CB  . LEU A 1 76  ? -3.109  -8.634  5.256   1.00 30.36 ? 532 LEU A CB  1 
ATOM   517 C CG  . LEU A 1 76  ? -2.120  -7.786  4.411   1.00 31.54 ? 532 LEU A CG  1 
ATOM   518 C CD1 . LEU A 1 76  ? -2.308  -6.280  4.630   1.00 30.34 ? 532 LEU A CD1 1 
ATOM   519 C CD2 . LEU A 1 76  ? -0.682  -8.146  4.731   1.00 30.08 ? 532 LEU A CD2 1 
ATOM   520 N N   . ARG A 1 77  ? -5.330  -9.723  3.346   1.00 34.15 ? 533 ARG A N   1 
ATOM   521 C CA  . ARG A 1 77  ? -5.732  -10.095 2.010   1.00 36.25 ? 533 ARG A CA  1 
ATOM   522 C C   . ARG A 1 77  ? -7.051  -9.372  1.682   1.00 36.25 ? 533 ARG A C   1 
ATOM   523 O O   . ARG A 1 77  ? -7.172  -8.767  0.623   1.00 35.25 ? 533 ARG A O   1 
ATOM   524 C CB  . ARG A 1 77  ? -5.863  -11.630 1.922   1.00 39.93 ? 533 ARG A CB  1 
ATOM   525 C CG  . ARG A 1 77  ? -5.600  -12.212 0.566   1.00 43.37 ? 533 ARG A CG  1 
ATOM   526 C CD  . ARG A 1 77  ? -5.652  -13.737 0.608   1.00 44.72 ? 533 ARG A CD  1 
ATOM   527 N NE  . ARG A 1 77  ? -4.419  -14.381 1.120   1.00 44.24 ? 533 ARG A NE  1 
ATOM   528 C CZ  . ARG A 1 77  ? -3.288  -14.515 0.422   1.00 38.52 ? 533 ARG A CZ  1 
ATOM   529 N NH1 . ARG A 1 77  ? -2.257  -15.129 0.948   1.00 38.34 ? 533 ARG A NH1 1 
ATOM   530 N NH2 . ARG A 1 77  ? -3.192  -14.031 -0.799  1.00 42.18 ? 533 ARG A NH2 1 
ATOM   531 N N   . ALA A 1 78  ? -8.020  -9.408  2.617   1.00 36.25 ? 534 ALA A N   1 
ATOM   532 C CA  . ALA A 1 78  ? -9.280  -8.680  2.441   1.00 36.85 ? 534 ALA A CA  1 
ATOM   533 C C   . ALA A 1 78  ? -9.034  -7.199  2.189   1.00 34.32 ? 534 ALA A C   1 
ATOM   534 O O   . ALA A 1 78  ? -9.644  -6.575  1.301   1.00 34.74 ? 534 ALA A O   1 
ATOM   535 C CB  . ALA A 1 78  ? -10.201 -8.865  3.650   1.00 39.18 ? 534 ALA A CB  1 
ATOM   536 N N   . GLN A 1 79  ? -8.113  -6.648  2.938   1.00 32.64 ? 535 GLN A N   1 
ATOM   537 C CA  . GLN A 1 79  ? -7.818  -5.206  2.852   1.00 34.17 ? 535 GLN A CA  1 
ATOM   538 C C   . GLN A 1 79  ? -7.204  -4.847  1.501   1.00 31.35 ? 535 GLN A C   1 
ATOM   539 O O   . GLN A 1 79  ? -7.630  -3.894  0.851   1.00 31.50 ? 535 GLN A O   1 
ATOM   540 C CB  . GLN A 1 79  ? -6.885  -4.765  3.996   1.00 34.46 ? 535 GLN A CB  1 
ATOM   541 C CG  . GLN A 1 79  ? -6.740  -3.251  4.117   1.00 37.22 ? 535 GLN A CG  1 
ATOM   542 C CD  . GLN A 1 79  ? -8.068  -2.588  4.370   1.00 41.78 ? 535 GLN A CD  1 
ATOM   543 O OE1 . GLN A 1 79  ? -8.581  -2.664  5.481   1.00 40.74 ? 535 GLN A OE1 1 
ATOM   544 N NE2 . GLN A 1 79  ? -8.670  -1.965  3.314   1.00 42.30 ? 535 GLN A NE2 1 
ATOM   545 N N   . LEU A 1 80  ? -6.255  -5.648  1.058   1.00 30.98 ? 536 LEU A N   1 
ATOM   546 C CA  . LEU A 1 80  ? -5.602  -5.394  -0.249  1.00 29.32 ? 536 LEU A CA  1 
ATOM   547 C C   . LEU A 1 80  ? -6.619  -5.541  -1.392  1.00 30.59 ? 536 LEU A C   1 
ATOM   548 O O   . LEU A 1 80  ? -6.571  -4.835  -2.377  1.00 28.88 ? 536 LEU A O   1 
ATOM   549 C CB  . LEU A 1 80  ? -4.461  -6.361  -0.437  1.00 29.38 ? 536 LEU A CB  1 
ATOM   550 C CG  . LEU A 1 80  ? -3.283  -6.159  0.532   1.00 30.57 ? 536 LEU A CG  1 
ATOM   551 C CD1 . LEU A 1 80  ? -2.344  -7.344  0.437   1.00 30.94 ? 536 LEU A CD1 1 
ATOM   552 C CD2 . LEU A 1 80  ? -2.553  -4.858  0.223   1.00 30.80 ? 536 LEU A CD2 1 
ATOM   553 N N   . THR A 1 81  ? -7.539  -6.483  -1.248  1.00 31.02 ? 537 THR A N   1 
ATOM   554 C CA  . THR A 1 81  ? -8.572  -6.699  -2.256  1.00 32.81 ? 537 THR A CA  1 
ATOM   555 C C   . THR A 1 81  ? -9.519  -5.451  -2.396  1.00 33.40 ? 537 THR A C   1 
ATOM   556 O O   . THR A 1 81  ? -9.794  -5.005  -3.486  1.00 32.68 ? 537 THR A O   1 
ATOM   557 C CB  . THR A 1 81  ? -9.375  -7.972  -1.936  1.00 32.90 ? 537 THR A CB  1 
ATOM   558 O OG1 . THR A 1 81  ? -8.511  -9.113  -1.992  1.00 31.83 ? 537 THR A OG1 1 
ATOM   559 C CG2 . THR A 1 81  ? -10.529 -8.142  -2.904  1.00 34.19 ? 537 THR A CG2 1 
ATOM   560 N N   . GLU A 1 82  ? -9.973  -4.919  -1.265  1.00 33.95 ? 538 GLU A N   1 
ATOM   561 C CA  . GLU A 1 82  ? -10.689 -3.642  -1.186  1.00 37.20 ? 538 GLU A CA  1 
ATOM   562 C C   . GLU A 1 82  ? -9.869  -2.503  -1.838  1.00 33.84 ? 538 GLU A C   1 
ATOM   563 O O   . GLU A 1 82  ? -10.410 -1.734  -2.625  1.00 33.48 ? 538 GLU A O   1 
ATOM   564 C CB  . GLU A 1 82  ? -10.991 -3.301  0.291   1.00 41.52 ? 538 GLU A CB  1 
ATOM   565 C CG  . GLU A 1 82  ? -11.968 -2.161  0.497   1.00 48.09 ? 538 GLU A CG  1 
ATOM   566 C CD  . GLU A 1 82  ? -12.259 -1.896  1.976   1.00 53.64 ? 538 GLU A CD  1 
ATOM   567 O OE1 . GLU A 1 82  ? -11.303 -1.817  2.815   1.00 57.14 ? 538 GLU A OE1 1 
ATOM   568 O OE2 . GLU A 1 82  ? -13.454 -1.767  2.293   1.00 56.03 ? 538 GLU A OE2 1 
ATOM   569 N N   . PHE A 1 83  ? -8.568  -2.435  -1.549  1.00 34.06 ? 539 PHE A N   1 
ATOM   570 C CA  . PHE A 1 83  ? -7.670  -1.428  -2.189  1.00 30.46 ? 539 PHE A CA  1 
ATOM   571 C C   . PHE A 1 83  ? -7.624  -1.592  -3.702  1.00 32.85 ? 539 PHE A C   1 
ATOM   572 O O   . PHE A 1 83  ? -7.655  -0.592  -4.466  1.00 33.22 ? 539 PHE A O   1 
ATOM   573 C CB  . PHE A 1 83  ? -6.222  -1.486  -1.650  1.00 31.25 ? 539 PHE A CB  1 
ATOM   574 C CG  . PHE A 1 83  ? -6.016  -0.975  -0.200  1.00 31.53 ? 539 PHE A CG  1 
ATOM   575 C CD1 . PHE A 1 83  ? -6.883  -0.081  0.429   1.00 35.37 ? 539 PHE A CD1 1 
ATOM   576 C CD2 . PHE A 1 83  ? -4.866  -1.366  0.512   1.00 30.33 ? 539 PHE A CD2 1 
ATOM   577 C CE1 . PHE A 1 83  ? -6.630  0.364   1.741   1.00 34.55 ? 539 PHE A CE1 1 
ATOM   578 C CE2 . PHE A 1 83  ? -4.622  -0.922  1.789   1.00 32.42 ? 539 PHE A CE2 1 
ATOM   579 C CZ  . PHE A 1 83  ? -5.510  -0.064  2.418   1.00 30.72 ? 539 PHE A CZ  1 
ATOM   580 N N   . ARG A 1 84  ? -7.562  -2.842  -4.168  1.00 32.32 ? 540 ARG A N   1 
ATOM   581 C CA  . ARG A 1 84  ? -7.481  -3.085  -5.597  1.00 32.05 ? 540 ARG A CA  1 
ATOM   582 C C   . ARG A 1 84  ? -8.721  -2.667  -6.341  1.00 32.48 ? 540 ARG A C   1 
ATOM   583 O O   . ARG A 1 84  ? -8.640  -2.149  -7.508  1.00 33.15 ? 540 ARG A O   1 
ATOM   584 C CB  . ARG A 1 84  ? -7.184  -4.550  -5.876  1.00 31.15 ? 540 ARG A CB  1 
ATOM   585 C CG  . ARG A 1 84  ? -6.513  -4.724  -7.216  1.00 32.94 ? 540 ARG A CG  1 
ATOM   586 C CD  . ARG A 1 84  ? -6.535  -6.126  -7.689  1.00 33.27 ? 540 ARG A CD  1 
ATOM   587 N NE  . ARG A 1 84  ? -6.120  -6.227  -9.083  1.00 34.38 ? 540 ARG A NE  1 
ATOM   588 C CZ  . ARG A 1 84  ? -6.866  -6.010  -10.160 1.00 35.44 ? 540 ARG A CZ  1 
ATOM   589 N NH1 . ARG A 1 84  ? -6.306  -6.190  -11.373 1.00 37.04 ? 540 ARG A NH1 1 
ATOM   590 N NH2 . ARG A 1 84  ? -8.165  -5.675  -10.081 1.00 35.96 ? 540 ARG A NH2 1 
ATOM   591 N N   . ASP A 1 85  ? -9.871  -2.879  -5.711  1.00 31.38 ? 541 ASP A N   1 
ATOM   592 C CA  . ASP A 1 85  ? -11.129 -2.486  -6.297  1.00 34.32 ? 541 ASP A CA  1 
ATOM   593 C C   . ASP A 1 85  ? -11.276 -0.980  -6.424  1.00 36.59 ? 541 ASP A C   1 
ATOM   594 O O   . ASP A 1 85  ? -12.004 -0.523  -7.294  1.00 38.60 ? 541 ASP A O   1 
ATOM   595 C CB  . ASP A 1 85  ? -12.340 -3.070  -5.538  1.00 36.53 ? 541 ASP A CB  1 
ATOM   596 C CG  . ASP A 1 85  ? -13.353 -3.773  -6.486  1.00 40.91 ? 541 ASP A CG  1 
ATOM   597 O OD1 . ASP A 1 85  ? -13.193 -3.753  -7.752  1.00 40.57 ? 541 ASP A OD1 1 
ATOM   598 O OD2 . ASP A 1 85  ? -14.326 -4.361  -5.980  1.00 45.49 ? 541 ASP A OD2 1 
ATOM   599 N N   . HIS A 1 86  ? -10.579 -0.231  -5.545  1.00 37.39 ? 542 HIS A N   1 
ATOM   600 C CA  . HIS A 1 86  ? -10.512 1.227   -5.577  1.00 38.54 ? 542 HIS A CA  1 
ATOM   601 C C   . HIS A 1 86  ? -9.361  1.744   -6.475  1.00 38.23 ? 542 HIS A C   1 
ATOM   602 O O   . HIS A 1 86  ? -9.169  2.946   -6.597  1.00 40.50 ? 542 HIS A O   1 
ATOM   603 C CB  . HIS A 1 86  ? -10.316 1.803   -4.149  1.00 36.95 ? 542 HIS A CB  1 
ATOM   604 C CG  . HIS A 1 86  ? -11.486 1.641   -3.224  1.00 39.30 ? 542 HIS A CG  1 
ATOM   605 N ND1 . HIS A 1 86  ? -12.750 2.099   -3.520  1.00 44.25 ? 542 HIS A ND1 1 
ATOM   606 C CD2 . HIS A 1 86  ? -11.542 1.198   -1.944  1.00 39.67 ? 542 HIS A CD2 1 
ATOM   607 C CE1 . HIS A 1 86  ? -13.548 1.887   -2.486  1.00 44.16 ? 542 HIS A CE1 1 
ATOM   608 N NE2 . HIS A 1 86  ? -12.834 1.344   -1.518  1.00 42.60 ? 542 HIS A NE2 1 
ATOM   609 N N   . LYS A 1 87  ? -8.594  0.829   -7.066  1.00 40.90 ? 543 LYS A N   1 
ATOM   610 C CA  . LYS A 1 87  ? -7.442  1.107   -7.927  1.00 40.11 ? 543 LYS A CA  1 
ATOM   611 C C   . LYS A 1 87  ? -6.305  1.776   -7.143  1.00 38.48 ? 543 LYS A C   1 
ATOM   612 O O   . LYS A 1 87  ? -5.586  2.608   -7.675  1.00 35.30 ? 543 LYS A O   1 
ATOM   613 C CB  . LYS A 1 87  ? -7.846  1.929   -9.177  1.00 43.88 ? 543 LYS A CB  1 
ATOM   614 C CG  . LYS A 1 87  ? -9.126  1.449   -9.858  1.00 46.34 ? 543 LYS A CG  1 
ATOM   615 C CD  . LYS A 1 87  ? -8.873  0.740   -11.174 1.00 49.16 ? 543 LYS A CD  1 
ATOM   616 C CE  . LYS A 1 87  ? -8.405  1.676   -12.255 1.00 48.70 ? 543 LYS A CE  1 
ATOM   617 N NZ  . LYS A 1 87  ? -8.946  1.332   -13.602 1.00 53.16 ? 543 LYS A NZ  1 
ATOM   618 N N   . LEU A 1 88  ? -6.154  1.371   -5.877  1.00 36.68 ? 544 LEU A N   1 
ATOM   619 C CA  . LEU A 1 88  ? -5.092  1.856   -4.979  1.00 34.68 ? 544 LEU A CA  1 
ATOM   620 C C   . LEU A 1 88  ? -3.933  0.902   -4.839  1.00 31.88 ? 544 LEU A C   1 
ATOM   621 O O   . LEU A 1 88  ? -2.917  1.258   -4.236  1.00 31.39 ? 544 LEU A O   1 
ATOM   622 C CB  . LEU A 1 88  ? -5.677  2.143   -3.612  1.00 37.46 ? 544 LEU A CB  1 
ATOM   623 C CG  . LEU A 1 88  ? -6.732  3.265   -3.573  1.00 39.92 ? 544 LEU A CG  1 
ATOM   624 C CD1 . LEU A 1 88  ? -7.159  3.535   -2.141  1.00 40.79 ? 544 LEU A CD1 1 
ATOM   625 C CD2 . LEU A 1 88  ? -6.233  4.533   -4.266  1.00 42.71 ? 544 LEU A CD2 1 
ATOM   626 N N   . ILE A 1 89  ? -4.079  -0.326  -5.353  1.00 31.93 ? 545 ILE A N   1 
ATOM   627 C CA  . ILE A 1 89  ? -2.949  -1.243  -5.560  1.00 31.69 ? 545 ILE A CA  1 
ATOM   628 C C   . ILE A 1 89  ? -3.100  -1.916  -6.892  1.00 31.35 ? 545 ILE A C   1 
ATOM   629 O O   . ILE A 1 89  ? -4.180  -1.952  -7.428  1.00 33.63 ? 545 ILE A O   1 
ATOM   630 C CB  . ILE A 1 89  ? -2.722  -2.331  -4.451  1.00 34.59 ? 545 ILE A CB  1 
ATOM   631 C CG1 . ILE A 1 89  ? -3.935  -3.246  -4.273  1.00 35.99 ? 545 ILE A CG1 1 
ATOM   632 C CG2 . ILE A 1 89  ? -2.345  -1.727  -3.126  1.00 34.08 ? 545 ILE A CG2 1 
ATOM   633 C CD1 . ILE A 1 89  ? -3.504  -4.668  -4.140  1.00 40.63 ? 545 ILE A CD1 1 
ATOM   634 N N   . ARG A 1 90  ? -1.973  -2.349  -7.428  1.00 31.30 ? 546 ARG A N   1 
ATOM   635 C CA  . ARG A 1 90  ? -1.858  -3.121  -8.654  1.00 35.15 ? 546 ARG A CA  1 
ATOM   636 C C   . ARG A 1 90  ? -0.821  -4.178  -8.269  1.00 34.61 ? 546 ARG A C   1 
ATOM   637 O O   . ARG A 1 90  ? -0.002  -3.955  -7.348  1.00 35.87 ? 546 ARG A O   1 
ATOM   638 C CB  . ARG A 1 90  ? -1.336  -2.247  -9.833  1.00 34.55 ? 546 ARG A CB  1 
ATOM   639 N N   . THR A 1 91  ? -0.827  -5.308  -8.943  1.00 34.22 ? 547 THR A N   1 
ATOM   640 C CA  . THR A 1 91  ? 0.160   -6.320  -8.706  1.00 35.40 ? 547 THR A CA  1 
ATOM   641 C C   . THR A 1 91  ? 0.876   -6.602  -9.987  1.00 37.27 ? 547 THR A C   1 
ATOM   642 O O   . THR A 1 91  ? 0.379   -6.318  -11.045 1.00 36.81 ? 547 THR A O   1 
ATOM   643 C CB  . THR A 1 91  ? -0.464  -7.649  -8.203  1.00 37.19 ? 547 THR A CB  1 
ATOM   644 O OG1 . THR A 1 91  ? -1.251  -8.201  -9.225  1.00 33.56 ? 547 THR A OG1 1 
ATOM   645 C CG2 . THR A 1 91  ? -1.362  -7.434  -7.000  1.00 36.29 ? 547 THR A CG2 1 
ATOM   646 N N   . LYS A 1 92  ? 2.068   -7.159  -9.881  1.00 38.96 ? 548 LYS A N   1 
ATOM   647 C CA  . LYS A 1 92  ? 2.822   -7.555  -11.066 1.00 42.35 ? 548 LYS A CA  1 
ATOM   648 C C   . LYS A 1 92  ? 3.529   -8.819  -10.699 1.00 40.62 ? 548 LYS A C   1 
ATOM   649 O O   . LYS A 1 92  ? 4.139   -8.870  -9.642  1.00 38.67 ? 548 LYS A O   1 
ATOM   650 C CB  . LYS A 1 92  ? 3.813   -6.440  -11.435 1.00 44.57 ? 548 LYS A CB  1 
ATOM   651 C CG  . LYS A 1 92  ? 4.881   -6.790  -12.478 1.00 51.44 ? 548 LYS A CG  1 
ATOM   652 C CD  . LYS A 1 92  ? 4.300   -7.306  -13.783 1.00 54.97 ? 548 LYS A CD  1 
ATOM   653 C CE  . LYS A 1 92  ? 5.401   -7.766  -14.746 1.00 60.81 ? 548 LYS A CE  1 
ATOM   654 N NZ  . LYS A 1 92  ? 6.115   -6.616  -15.357 1.00 61.88 ? 548 LYS A NZ  1 
ATOM   655 N N   . LYS A 1 93  ? 3.415   -9.848  -11.534 1.00 44.23 ? 549 LYS A N   1 
ATOM   656 C CA  . LYS A 1 93  ? 4.115   -11.123 -11.317 1.00 46.40 ? 549 LYS A CA  1 
ATOM   657 C C   . LYS A 1 93  ? 5.616   -10.952 -11.549 1.00 50.28 ? 549 LYS A C   1 
ATOM   658 O O   . LYS A 1 93  ? 6.036   -10.346 -12.544 1.00 55.38 ? 549 LYS A O   1 
ATOM   659 C CB  . LYS A 1 93  ? 3.575   -12.256 -12.225 1.00 48.57 ? 549 LYS A CB  1 
ATOM   660 C CG  . LYS A 1 93  ? 2.349   -12.988 -11.662 1.00 49.01 ? 549 LYS A CG  1 
ATOM   661 C CD  . LYS A 1 93  ? 1.995   -14.218 -12.486 1.00 49.35 ? 549 LYS A CD  1 
ATOM   662 N N   . GLY A 1 94  ? 6.425   -11.485 -10.637 1.00 48.75 ? 550 GLY A N   1 
ATOM   663 C CA  . GLY A 1 94  ? 7.875   -11.497 -10.804 1.00 48.86 ? 550 GLY A CA  1 
ATOM   664 C C   . GLY A 1 94  ? 8.281   -12.685 -11.652 1.00 49.52 ? 550 GLY A C   1 
ATOM   665 O O   . GLY A 1 94  ? 7.466   -13.522 -11.967 1.00 54.15 ? 550 GLY A O   1 
ATOM   666 N N   . THR A 1 95  ? 9.551   -12.729 -12.031 1.00 51.21 ? 551 THR A N   1 
ATOM   667 C CA  . THR A 1 95  ? 10.194  -13.900 -12.682 1.00 53.04 ? 551 THR A CA  1 
ATOM   668 C C   . THR A 1 95  ? 9.910   -15.258 -11.990 1.00 51.98 ? 551 THR A C   1 
ATOM   669 O O   . THR A 1 95  ? 9.945   -16.324 -12.619 1.00 53.75 ? 551 THR A O   1 
ATOM   670 C CB  . THR A 1 95  ? 11.744  -13.707 -12.755 1.00 53.70 ? 551 THR A CB  1 
ATOM   671 O OG1 . THR A 1 95  ? 12.324  -13.722 -11.434 1.00 50.95 ? 551 THR A OG1 1 
ATOM   672 C CG2 . THR A 1 95  ? 12.101  -12.394 -13.456 1.00 54.06 ? 551 THR A CG2 1 
ATOM   673 N N   . ASP A 1 96  ? 9.689   -15.182 -10.686 1.00 48.34 ? 552 ASP A N   1 
ATOM   674 C CA  . ASP A 1 96  ? 9.361   -16.305 -9.817  1.00 48.73 ? 552 ASP A CA  1 
ATOM   675 C C   . ASP A 1 96  ? 7.871   -16.692 -9.745  1.00 47.48 ? 552 ASP A C   1 
ATOM   676 O O   . ASP A 1 96  ? 7.522   -17.551 -8.955  1.00 45.92 ? 552 ASP A O   1 
ATOM   677 C CB  . ASP A 1 96  ? 9.827   -15.947 -8.373  1.00 47.57 ? 552 ASP A CB  1 
ATOM   678 C CG  . ASP A 1 96  ? 9.328   -14.568 -7.903  1.00 45.51 ? 552 ASP A CG  1 
ATOM   679 O OD1 . ASP A 1 96  ? 8.528   -13.905 -8.632  1.00 42.99 ? 552 ASP A OD1 1 
ATOM   680 O OD2 . ASP A 1 96  ? 9.722   -14.150 -6.787  1.00 45.00 ? 552 ASP A OD2 1 
ATOM   681 N N   . GLY A 1 97  ? 7.001   -16.030 -10.511 1.00 46.29 ? 553 GLY A N   1 
ATOM   682 C CA  . GLY A 1 97  ? 5.554   -16.239 -10.402 1.00 45.16 ? 553 GLY A CA  1 
ATOM   683 C C   . GLY A 1 97  ? 4.884   -15.615 -9.179  1.00 42.99 ? 553 GLY A C   1 
ATOM   684 O O   . GLY A 1 97  ? 3.701   -15.810 -8.990  1.00 43.07 ? 553 GLY A O   1 
ATOM   685 N N   . VAL A 1 98  ? 5.620   -14.848 -8.369  1.00 40.95 ? 554 VAL A N   1 
ATOM   686 C CA  . VAL A 1 98  ? 5.084   -14.240 -7.124  1.00 41.00 ? 554 VAL A CA  1 
ATOM   687 C C   . VAL A 1 98  ? 4.500   -12.861 -7.440  1.00 38.81 ? 554 VAL A C   1 
ATOM   688 O O   . VAL A 1 98  ? 5.081   -12.105 -8.240  1.00 35.80 ? 554 VAL A O   1 
ATOM   689 C CB  . VAL A 1 98  ? 6.184   -14.091 -6.036  1.00 40.90 ? 554 VAL A CB  1 
ATOM   690 C CG1 . VAL A 1 98  ? 5.649   -13.409 -4.781  1.00 38.56 ? 554 VAL A CG1 1 
ATOM   691 C CG2 . VAL A 1 98  ? 6.780   -15.454 -5.689  1.00 44.89 ? 554 VAL A CG2 1 
ATOM   692 N N   . GLU A 1 99  ? 3.351   -12.550 -6.831  1.00 36.47 ? 555 GLU A N   1 
ATOM   693 C CA  . GLU A 1 99  ? 2.729   -11.248 -7.012  1.00 36.72 ? 555 GLU A CA  1 
ATOM   694 C C   . GLU A 1 99  ? 3.434   -10.188 -6.154  1.00 34.30 ? 555 GLU A C   1 
ATOM   695 O O   . GLU A 1 99  ? 3.597   -10.379 -4.945  1.00 32.86 ? 555 GLU A O   1 
ATOM   696 C CB  . GLU A 1 99  ? 1.233   -11.272 -6.654  1.00 38.13 ? 555 GLU A CB  1 
ATOM   697 C CG  . GLU A 1 99  ? 0.359   -12.212 -7.469  1.00 40.76 ? 555 GLU A CG  1 
ATOM   698 C CD  . GLU A 1 99  ? 0.085   -11.757 -8.896  1.00 44.98 ? 555 GLU A CD  1 
ATOM   699 O OE1 . GLU A 1 99  ? 0.457   -10.623 -9.308  1.00 48.42 ? 555 GLU A OE1 1 
ATOM   700 O OE2 . GLU A 1 99  ? -0.507  -12.580 -9.620  1.00 49.64 ? 555 GLU A OE2 1 
ATOM   701 N N   . TYR A 1 100 ? 3.854   -9.081  -6.789  1.00 32.48 ? 556 TYR A N   1 
ATOM   702 C CA  . TYR A 1 100 ? 4.506   -7.947  -6.110  1.00 31.89 ? 556 TYR A CA  1 
ATOM   703 C C   . TYR A 1 100 ? 3.558   -6.759  -6.100  1.00 32.05 ? 556 TYR A C   1 
ATOM   704 O O   . TYR A 1 100 ? 2.879   -6.449  -7.122  1.00 32.77 ? 556 TYR A O   1 
ATOM   705 C CB  . TYR A 1 100 ? 5.873   -7.600  -6.800  1.00 33.41 ? 556 TYR A CB  1 
ATOM   706 C CG  . TYR A 1 100 ? 6.894   -8.669  -6.497  1.00 34.94 ? 556 TYR A CG  1 
ATOM   707 C CD1 . TYR A 1 100 ? 7.015   -9.801  -7.309  1.00 36.06 ? 556 TYR A CD1 1 
ATOM   708 C CD2 . TYR A 1 100 ? 7.657   -8.621  -5.327  1.00 34.46 ? 556 TYR A CD2 1 
ATOM   709 C CE1 . TYR A 1 100 ? 7.904   -10.822 -6.984  1.00 37.69 ? 556 TYR A CE1 1 
ATOM   710 C CE2 . TYR A 1 100 ? 8.561   -9.623  -5.010  1.00 37.03 ? 556 TYR A CE2 1 
ATOM   711 C CZ  . TYR A 1 100 ? 8.679   -10.732 -5.836  1.00 37.70 ? 556 TYR A CZ  1 
ATOM   712 O OH  . TYR A 1 100 ? 9.561   -11.733 -5.509  1.00 39.52 ? 556 TYR A OH  1 
ATOM   713 N N   . LEU A 1 101 ? 3.522   -6.068  -4.966  1.00 31.66 ? 557 LEU A N   1 
ATOM   714 C CA  . LEU A 1 101 ? 2.542   -5.020  -4.725  1.00 31.30 ? 557 LEU A CA  1 
ATOM   715 C C   . LEU A 1 101 ? 3.139   -3.638  -4.938  1.00 33.12 ? 557 LEU A C   1 
ATOM   716 O O   . LEU A 1 101 ? 4.170   -3.325  -4.315  1.00 31.34 ? 557 LEU A O   1 
ATOM   717 C CB  . LEU A 1 101 ? 2.065   -5.080  -3.305  1.00 31.39 ? 557 LEU A CB  1 
ATOM   718 C CG  . LEU A 1 101 ? 1.267   -6.333  -2.931  1.00 33.71 ? 557 LEU A CG  1 
ATOM   719 C CD1 . LEU A 1 101 ? 1.330   -6.490  -1.431  1.00 34.70 ? 557 LEU A CD1 1 
ATOM   720 C CD2 . LEU A 1 101 ? -0.152  -6.194  -3.411  1.00 34.74 ? 557 LEU A CD2 1 
ATOM   721 N N   . LEU A 1 102 ? 2.461   -2.845  -5.779  1.00 33.39 ? 558 LEU A N   1 
ATOM   722 C CA  . LEU A 1 102 ? 2.767   -1.425  -6.031  1.00 35.59 ? 558 LEU A CA  1 
ATOM   723 C C   . LEU A 1 102 ? 1.446   -0.653  -5.954  1.00 33.89 ? 558 LEU A C   1 
ATOM   724 O O   . LEU A 1 102 ? 0.376   -1.225  -6.076  1.00 31.60 ? 558 LEU A O   1 
ATOM   725 C CB  . LEU A 1 102 ? 3.420   -1.250  -7.445  1.00 39.59 ? 558 LEU A CB  1 
ATOM   726 C CG  . LEU A 1 102 ? 4.920   -1.536  -7.613  1.00 43.31 ? 558 LEU A CG  1 
ATOM   727 C CD1 . LEU A 1 102 ? 5.356   -1.335  -9.081  1.00 49.44 ? 558 LEU A CD1 1 
ATOM   728 C CD2 . LEU A 1 102 ? 5.815   -0.662  -6.750  1.00 43.82 ? 558 LEU A CD2 1 
ATOM   729 N N   . ILE A 1 103 ? 1.542   0.652   -5.764  1.00 33.36 ? 559 ILE A N   1 
ATOM   730 C CA  . ILE A 1 103 ? 0.386   1.545   -5.766  1.00 32.54 ? 559 ILE A CA  1 
ATOM   731 C C   . ILE A 1 103 ? 0.436   2.324   -7.066  1.00 32.15 ? 559 ILE A C   1 
ATOM   732 O O   . ILE A 1 103 ? 1.422   3.072   -7.280  1.00 32.89 ? 559 ILE A O   1 
ATOM   733 C CB  . ILE A 1 103 ? 0.473   2.539   -4.575  1.00 31.60 ? 559 ILE A CB  1 
ATOM   734 C CG1 . ILE A 1 103 ? 0.581   1.790   -3.237  1.00 29.64 ? 559 ILE A CG1 1 
ATOM   735 C CG2 . ILE A 1 103 ? -0.673  3.539   -4.617  1.00 32.84 ? 559 ILE A CG2 1 
ATOM   736 C CD1 . ILE A 1 103 ? 0.914   2.688   -2.049  1.00 28.77 ? 559 ILE A CD1 1 
ATOM   737 N N   . PRO A 1 104 ? -0.626  2.245   -7.916  1.00 34.35 ? 560 PRO A N   1 
ATOM   738 C CA  . PRO A 1 104 ? -0.564  2.941   -9.204  1.00 37.47 ? 560 PRO A CA  1 
ATOM   739 C C   . PRO A 1 104 ? -1.016  4.400   -9.094  1.00 38.51 ? 560 PRO A C   1 
ATOM   740 O O   . PRO A 1 104 ? -1.966  4.792   -9.744  1.00 39.70 ? 560 PRO A O   1 
ATOM   741 C CB  . PRO A 1 104 ? -1.545  2.148   -10.065 1.00 38.24 ? 560 PRO A CB  1 
ATOM   742 C CG  . PRO A 1 104 ? -2.608  1.736   -9.070  1.00 36.54 ? 560 PRO A CG  1 
ATOM   743 C CD  . PRO A 1 104 ? -1.947  1.626   -7.717  1.00 35.92 ? 560 PRO A CD  1 
ATOM   744 N N   . VAL A 1 105 ? -0.359  5.175   -8.250  1.00 36.50 ? 561 VAL A N   1 
ATOM   745 C CA  . VAL A 1 105 ? -0.651  6.584   -8.088  1.00 35.22 ? 561 VAL A CA  1 
ATOM   746 C C   . VAL A 1 105 ? 0.701   7.281   -8.214  1.00 36.55 ? 561 VAL A C   1 
ATOM   747 O O   . VAL A 1 105 ? 1.679   6.759   -7.682  1.00 35.06 ? 561 VAL A O   1 
ATOM   748 C CB  . VAL A 1 105 ? -1.289  6.857   -6.704  1.00 33.83 ? 561 VAL A CB  1 
ATOM   749 C CG1 . VAL A 1 105 ? -1.516  8.351   -6.447  1.00 32.73 ? 561 VAL A CG1 1 
ATOM   750 C CG2 . VAL A 1 105 ? -2.629  6.122   -6.575  1.00 35.20 ? 561 VAL A CG2 1 
ATOM   751 N N   . ASP A 1 106 ? 0.747   8.427   -8.895  1.00 35.43 ? 562 ASP A N   1 
ATOM   752 C CA  . ASP A 1 106 ? 1.981   9.260   -8.995  1.00 39.20 ? 562 ASP A CA  1 
ATOM   753 C C   . ASP A 1 106 ? 2.647   9.463   -7.641  1.00 37.07 ? 562 ASP A C   1 
ATOM   754 O O   . ASP A 1 106 ? 1.971   9.767   -6.646  1.00 33.51 ? 562 ASP A O   1 
ATOM   755 C CB  . ASP A 1 106 ? 1.693   10.679  -9.566  1.00 43.18 ? 562 ASP A CB  1 
ATOM   756 C CG  . ASP A 1 106 ? 1.223   10.655  -11.008 1.00 49.73 ? 562 ASP A CG  1 
ATOM   757 O OD1 . ASP A 1 106 ? 1.208   9.558   -11.614 1.00 55.83 ? 562 ASP A OD1 1 
ATOM   758 O OD2 . ASP A 1 106 ? 0.860   11.727  -11.547 1.00 54.04 ? 562 ASP A OD2 1 
ATOM   759 N N   . ASN A 1 107 ? 3.960   9.313   -7.607  1.00 37.54 ? 563 ASN A N   1 
ATOM   760 C CA  . ASN A 1 107 ? 4.715   9.365   -6.357  1.00 39.88 ? 563 ASN A CA  1 
ATOM   761 C C   . ASN A 1 107 ? 4.719   10.793  -5.748  1.00 38.59 ? 563 ASN A C   1 
ATOM   762 O O   . ASN A 1 107 ? 4.795   10.946  -4.539  1.00 37.04 ? 563 ASN A O   1 
ATOM   763 C CB  . ASN A 1 107 ? 6.154   8.816   -6.547  1.00 40.59 ? 563 ASN A CB  1 
ATOM   764 C CG  . ASN A 1 107 ? 6.193   7.306   -6.807  1.00 40.70 ? 563 ASN A CG  1 
ATOM   765 O OD1 . ASN A 1 107 ? 5.241   6.557   -6.510  1.00 41.94 ? 563 ASN A OD1 1 
ATOM   766 N ND2 . ASN A 1 107 ? 7.323   6.840   -7.307  1.00 40.09 ? 563 ASN A ND2 1 
ATOM   767 N N   . GLY A 1 108 ? 4.579   11.803  -6.581  1.00 37.44 ? 564 GLY A N   1 
ATOM   768 C CA  . GLY A 1 108 ? 4.377   13.188  -6.096  1.00 39.29 ? 564 GLY A CA  1 
ATOM   769 C C   . GLY A 1 108 ? 3.083   13.295  -5.284  1.00 38.28 ? 564 GLY A C   1 
ATOM   770 O O   . GLY A 1 108 ? 3.053   13.932  -4.229  1.00 38.10 ? 564 GLY A O   1 
ATOM   771 N N   . THR A 1 109 ? 2.017   12.646  -5.765  1.00 36.05 ? 565 THR A N   1 
ATOM   772 C CA  . THR A 1 109 ? 0.738   12.665  -5.062  1.00 36.38 ? 565 THR A CA  1 
ATOM   773 C C   . THR A 1 109 ? 0.843   11.910  -3.751  1.00 34.97 ? 565 THR A C   1 
ATOM   774 O O   . THR A 1 109 ? 0.363   12.347  -2.735  1.00 36.13 ? 565 THR A O   1 
ATOM   775 C CB  . THR A 1 109 ? -0.375  12.034  -5.911  1.00 36.19 ? 565 THR A CB  1 
ATOM   776 O OG1 . THR A 1 109 ? -0.536  12.811  -7.078  1.00 35.66 ? 565 THR A OG1 1 
ATOM   777 C CG2 . THR A 1 109 ? -1.703  11.938  -5.149  1.00 36.21 ? 565 THR A CG2 1 
ATOM   778 N N   . LEU A 1 110 ? 1.499   10.767  -3.803  1.00 35.48 ? 566 LEU A N   1 
ATOM   779 C CA  . LEU A 1 110 ? 1.722   9.920   -2.629  1.00 32.88 ? 566 LEU A CA  1 
ATOM   780 C C   . LEU A 1 110 ? 2.547   10.619  -1.549  1.00 34.04 ? 566 LEU A C   1 
ATOM   781 O O   . LEU A 1 110 ? 2.223   10.533  -0.364  1.00 33.23 ? 566 LEU A O   1 
ATOM   782 C CB  . LEU A 1 110 ? 2.365   8.585   -3.057  1.00 31.76 ? 566 LEU A CB  1 
ATOM   783 C CG  . LEU A 1 110 ? 1.449   7.655   -3.844  1.00 30.06 ? 566 LEU A CG  1 
ATOM   784 C CD1 . LEU A 1 110 ? 2.133   6.312   -4.086  1.00 30.09 ? 566 LEU A CD1 1 
ATOM   785 C CD2 . LEU A 1 110 ? 0.098   7.434   -3.140  1.00 31.57 ? 566 LEU A CD2 1 
ATOM   786 N N   . THR A 1 111 ? 3.578   11.333  -1.975  1.00 34.72 ? 567 THR A N   1 
ATOM   787 C CA  . THR A 1 111 ? 4.372   12.209  -1.108  1.00 38.33 ? 567 THR A CA  1 
ATOM   788 C C   . THR A 1 111 ? 3.504   13.271  -0.423  1.00 40.34 ? 567 THR A C   1 
ATOM   789 O O   . THR A 1 111 ? 3.526   13.382  0.815   1.00 41.78 ? 567 THR A O   1 
ATOM   790 C CB  . THR A 1 111 ? 5.473   12.895  -1.949  1.00 40.83 ? 567 THR A CB  1 
ATOM   791 O OG1 . THR A 1 111 ? 6.261   11.873  -2.584  1.00 39.63 ? 567 THR A OG1 1 
ATOM   792 C CG2 . THR A 1 111 ? 6.349   13.816  -1.103  1.00 41.18 ? 567 THR A CG2 1 
ATOM   793 N N   . ASP A 1 112 ? 2.724   14.012  -1.225  1.00 40.06 ? 568 ASP A N   1 
ATOM   794 C CA  . ASP A 1 112 ? 1.749   14.988  -0.707  1.00 42.59 ? 568 ASP A CA  1 
ATOM   795 C C   . ASP A 1 112 ? 0.797   14.346  0.291   1.00 42.19 ? 568 ASP A C   1 
ATOM   796 O O   . ASP A 1 112 ? 0.512   14.918  1.286   1.00 44.04 ? 568 ASP A O   1 
ATOM   797 C CB  . ASP A 1 112 ? 0.924   15.615  -1.843  1.00 42.70 ? 568 ASP A CB  1 
ATOM   798 C CG  . ASP A 1 112 ? 1.763   16.414  -2.796  1.00 45.31 ? 568 ASP A CG  1 
ATOM   799 O OD1 . ASP A 1 112 ? 2.949   16.615  -2.491  1.00 45.81 ? 568 ASP A OD1 1 
ATOM   800 O OD2 . ASP A 1 112 ? 1.250   16.835  -3.848  1.00 46.63 ? 568 ASP A OD2 1 
ATOM   801 N N   . PHE A 1 113 ? 0.344   13.135  0.021   1.00 42.37 ? 569 PHE A N   1 
ATOM   802 C CA  . PHE A 1 113 ? -0.527  12.412  0.966   1.00 43.16 ? 569 PHE A CA  1 
ATOM   803 C C   . PHE A 1 113 ? 0.122   12.214  2.361   1.00 47.06 ? 569 PHE A C   1 
ATOM   804 O O   . PHE A 1 113 ? -0.516  12.532  3.393   1.00 43.89 ? 569 PHE A O   1 
ATOM   805 C CB  . PHE A 1 113 ? -0.994  11.072  0.366   1.00 41.13 ? 569 PHE A CB  1 
ATOM   806 C CG  . PHE A 1 113 ? -1.885  10.289  1.284   1.00 43.39 ? 569 PHE A CG  1 
ATOM   807 C CD1 . PHE A 1 113 ? -3.255  10.521  1.302   1.00 45.81 ? 569 PHE A CD1 1 
ATOM   808 C CD2 . PHE A 1 113 ? -1.342  9.370   2.170   1.00 42.83 ? 569 PHE A CD2 1 
ATOM   809 C CE1 . PHE A 1 113 ? -4.073  9.840   2.165   1.00 49.00 ? 569 PHE A CE1 1 
ATOM   810 C CE2 . PHE A 1 113 ? -2.147  8.671   3.025   1.00 46.35 ? 569 PHE A CE2 1 
ATOM   811 C CZ  . PHE A 1 113 ? -3.524  8.903   3.027   1.00 48.54 ? 569 PHE A CZ  1 
ATOM   812 N N   . LEU A 1 114 ? 1.379   11.727  2.375   1.00 48.95 ? 570 LEU A N   1 
ATOM   813 C CA  . LEU A 1 114 ? 2.164   11.543  3.634   1.00 50.17 ? 570 LEU A CA  1 
ATOM   814 C C   . LEU A 1 114 ? 2.437   12.834  4.397   1.00 54.60 ? 570 LEU A C   1 
ATOM   815 O O   . LEU A 1 114 ? 2.348   12.849  5.621   1.00 58.73 ? 570 LEU A O   1 
ATOM   816 C CB  . LEU A 1 114 ? 3.501   10.805  3.388   1.00 48.97 ? 570 LEU A CB  1 
ATOM   817 C CG  . LEU A 1 114 ? 3.480   9.298   3.074   1.00 48.64 ? 570 LEU A CG  1 
ATOM   818 C CD1 . LEU A 1 114 ? 4.899   8.750   3.084   1.00 49.26 ? 570 LEU A CD1 1 
ATOM   819 C CD2 . LEU A 1 114 ? 2.633   8.458   4.031   1.00 48.52 ? 570 LEU A CD2 1 
ATOM   820 N N   . GLU A 1 115 ? 2.763   13.902  3.678   1.00 58.40 ? 571 GLU A N   1 
ATOM   821 C CA  . GLU A 1 115 ? 2.883   15.234  4.266   1.00 64.22 ? 571 GLU A CA  1 
ATOM   822 C C   . GLU A 1 115 ? 1.584   15.835  4.871   1.00 70.02 ? 571 GLU A C   1 
ATOM   823 O O   . GLU A 1 115 ? 1.673   16.784  5.650   1.00 75.76 ? 571 GLU A O   1 
ATOM   824 C CB  . GLU A 1 115 ? 3.495   16.212  3.252   1.00 65.26 ? 571 GLU A CB  1 
ATOM   825 C CG  . GLU A 1 115 ? 5.010   16.066  3.167   1.00 67.00 ? 571 GLU A CG  1 
ATOM   826 C CD  . GLU A 1 115 ? 5.604   16.493  1.841   1.00 66.40 ? 571 GLU A CD  1 
ATOM   827 O OE1 . GLU A 1 115 ? 5.004   17.334  1.150   1.00 63.59 ? 571 GLU A OE1 1 
ATOM   828 O OE2 . GLU A 1 115 ? 6.687   15.972  1.496   1.00 66.20 ? 571 GLU A OE2 1 
ATOM   829 N N   . LYS A 1 116 ? 0.410   15.303  4.511   1.00 70.45 ? 572 LYS A N   1 
ATOM   830 C CA  . LYS A 1 116 ? -0.891  15.702  5.103   1.00 70.54 ? 572 LYS A CA  1 
ATOM   831 C C   . LYS A 1 116 ? -1.255  14.799  6.250   1.00 69.34 ? 572 LYS A C   1 
ATOM   832 O O   . LYS A 1 116 ? -1.713  15.265  7.278   1.00 73.64 ? 572 LYS A O   1 
ATOM   833 C CB  . LYS A 1 116 ? -2.029  15.644  4.068   1.00 71.61 ? 572 LYS A CB  1 
ATOM   834 C CG  . LYS A 1 116 ? -2.197  16.907  3.233   1.00 76.02 ? 572 LYS A CG  1 
ATOM   835 C CD  . LYS A 1 116 ? -0.866  17.412  2.672   1.00 76.02 ? 572 LYS A CD  1 
ATOM   836 C CE  . LYS A 1 116 ? -1.003  18.027  1.293   1.00 76.31 ? 572 LYS A CE  1 
ATOM   837 N NZ  . LYS A 1 116 ? 0.325   18.214  0.654   1.00 78.04 ? 572 LYS A NZ  1 
ATOM   838 N N   . GLU A 1 117 ? -1.049  13.494  6.071   1.00 71.49 ? 573 GLU A N   1 
ATOM   839 C CA  . GLU A 1 117 ? -1.307  12.500  7.138   1.00 70.59 ? 573 GLU A CA  1 
ATOM   840 C C   . GLU A 1 117 ? -0.387  12.646  8.383   1.00 76.33 ? 573 GLU A C   1 
ATOM   841 O O   . GLU A 1 117 ? -0.437  11.803  9.291   1.00 82.63 ? 573 GLU A O   1 
ATOM   842 C CB  . GLU A 1 117 ? -1.212  11.065  6.592   1.00 65.06 ? 573 GLU A CB  1 
ATOM   843 C CG  A GLU A 1 117 ? -2.218  10.734  5.521   0.50 58.86 ? 573 GLU A CG  1 
ATOM   844 C CD  A GLU A 1 117 ? -3.481  10.104  6.054   0.50 56.12 ? 573 GLU A CD  1 
ATOM   845 O OE1 A GLU A 1 117 ? -3.400  9.027   6.669   0.50 54.50 ? 573 GLU A OE1 1 
ATOM   846 O OE2 A GLU A 1 117 ? -4.561  10.670  5.820   0.50 54.58 ? 573 GLU A OE2 1 
ATOM   847 N N   . GLU A 1 118 ? 0.460   13.680  8.405   1.00 79.26 ? 574 GLU A N   1 
ATOM   848 C CA  . GLU A 1 118 ? 1.196   14.073  9.588   1.00 80.52 ? 574 GLU A CA  1 
ATOM   849 C C   . GLU A 1 118 ? 1.682   15.519  9.390   1.00 86.28 ? 574 GLU A C   1 
ATOM   850 O O   . GLU A 1 118 ? 2.734   15.738  8.791   1.00 88.12 ? 574 GLU A O   1 
ATOM   851 C CB  . GLU A 1 118 ? 2.379   13.120  9.801   1.00 79.97 ? 574 GLU A CB  1 
ATOM   852 N N   . GLU A 1 119 ? 0.894   16.495  9.864   1.00 89.24 ? 575 GLU A N   1 
ATOM   853 C CA  . GLU A 1 119 ? 1.249   17.934  9.823   1.00 89.52 ? 575 GLU A CA  1 
ATOM   854 C C   . GLU A 1 119 ? 1.483   18.456  8.409   1.00 84.19 ? 575 GLU A C   1 
ATOM   855 O O   . GLU A 1 119 ? 0.552   18.898  7.749   1.00 76.33 ? 575 GLU A O   1 
ATOM   856 C CB  . GLU A 1 119 ? 2.483   18.232  10.688  1.00 92.98 ? 575 GLU A CB  1 
HETATM 857 X UNK . UNX B 2 .   ? -0.354  -14.747 -1.534  1.00 28.99 ? 601 UNX A UNK 1 
HETATM 858 X UNK . UNX C 2 .   ? -6.533  7.145   11.903  1.00 34.33 ? 602 UNX A UNK 1 
HETATM 859 X UNK . UNX D 2 .   ? 10.891  -12.517 -3.561  1.00 34.12 ? 603 UNX A UNK 1 
HETATM 860 O O   . HOH E 3 .   ? 16.949  0.630   -3.744  1.00 37.11 ? 701 HOH A O   1 
HETATM 861 O O   . HOH E 3 .   ? 8.083   -13.397 -0.549  1.00 38.44 ? 702 HOH A O   1 
HETATM 862 O O   . HOH E 3 .   ? -8.430  -2.621  10.401  1.00 37.84 ? 703 HOH A O   1 
HETATM 863 O O   . HOH E 3 .   ? 1.970   0.890   13.577  1.00 33.40 ? 704 HOH A O   1 
HETATM 864 O O   . HOH E 3 .   ? 11.232  -5.383  9.588   1.00 48.83 ? 705 HOH A O   1 
HETATM 865 O O   . HOH E 3 .   ? 2.732   -12.105 -3.115  1.00 27.83 ? 706 HOH A O   1 
HETATM 866 O O   . HOH E 3 .   ? 9.719   -9.764  5.600   1.00 43.26 ? 707 HOH A O   1 
HETATM 867 O O   . HOH E 3 .   ? 11.209  -4.026  5.290   1.00 36.84 ? 708 HOH A O   1 
HETATM 868 O O   . HOH E 3 .   ? 1.942   2.836   8.783   1.00 32.59 ? 709 HOH A O   1 
HETATM 869 O O   . HOH E 3 .   ? -7.634  -2.267  -10.047 1.00 38.17 ? 710 HOH A O   1 
HETATM 870 O O   . HOH E 3 .   ? 4.744   -13.537 6.092   1.00 39.36 ? 711 HOH A O   1 
HETATM 871 O O   . HOH E 3 .   ? 7.670   -4.975  16.250  1.00 34.86 ? 712 HOH A O   1 
HETATM 872 O O   . HOH E 3 .   ? -4.166  6.601   -9.682  1.00 36.91 ? 713 HOH A O   1 
HETATM 873 O O   . HOH E 3 .   ? -1.052  16.030  -5.161  0.70 35.08 ? 714 HOH A O   1 
HETATM 874 O O   . HOH E 3 .   ? 11.466  -6.666  4.132   1.00 32.78 ? 715 HOH A O   1 
HETATM 875 O O   . HOH E 3 .   ? 2.726   16.767  -6.264  1.00 50.34 ? 716 HOH A O   1 
HETATM 876 O O   . HOH E 3 .   ? 9.053   2.609   -6.359  1.00 40.15 ? 717 HOH A O   1 
HETATM 877 O O   . HOH E 3 .   ? -7.056  15.676  0.487   1.00 44.21 ? 718 HOH A O   1 
HETATM 878 O O   . HOH E 3 .   ? 3.757   -13.586 -1.126  1.00 30.94 ? 719 HOH A O   1 
HETATM 879 O O   . HOH E 3 .   ? 1.886   -14.704 -5.388  1.00 29.12 ? 720 HOH A O   1 
HETATM 880 O O   . HOH E 3 .   ? -3.305  -5.456  -10.638 1.00 37.07 ? 721 HOH A O   1 
HETATM 881 O O   . HOH E 3 .   ? -11.066 -0.555  6.407   1.00 35.60 ? 722 HOH A O   1 
HETATM 882 O O   . HOH E 3 .   ? -4.464  -9.878  -11.512 1.00 31.79 ? 723 HOH A O   1 
HETATM 883 O O   . HOH E 3 .   ? 3.179   -16.974 -4.517  0.50 29.98 ? 724 HOH A O   1 
# 
loop_
_atom_site_anisotrop.id 
_atom_site_anisotrop.type_symbol 
_atom_site_anisotrop.pdbx_label_atom_id 
_atom_site_anisotrop.pdbx_label_alt_id 
_atom_site_anisotrop.pdbx_label_comp_id 
_atom_site_anisotrop.pdbx_label_asym_id 
_atom_site_anisotrop.pdbx_label_seq_id 
_atom_site_anisotrop.pdbx_PDB_ins_code 
_atom_site_anisotrop.U[1][1] 
_atom_site_anisotrop.U[2][2] 
_atom_site_anisotrop.U[3][3] 
_atom_site_anisotrop.U[1][2] 
_atom_site_anisotrop.U[1][3] 
_atom_site_anisotrop.U[2][3] 
_atom_site_anisotrop.pdbx_auth_seq_id 
_atom_site_anisotrop.pdbx_auth_comp_id 
_atom_site_anisotrop.pdbx_auth_asym_id 
_atom_site_anisotrop.pdbx_auth_atom_id 
1   N N   . SER A 15  ? 0.7532 0.7244 0.6121 -0.0007 0.0059  0.1196  471 SER A N   
2   C CA  . SER A 15  ? 0.6658 0.6293 0.5472 -0.0082 0.0061  0.1050  471 SER A CA  
3   C C   . SER A 15  ? 0.6159 0.5738 0.5138 -0.0037 -0.0026 0.1003  471 SER A C   
4   O O   . SER A 15  ? 0.6319 0.5832 0.5342 0.0040  -0.0058 0.1127  471 SER A O   
5   C CB  . SER A 15  ? 0.6744 0.6250 0.5712 -0.0152 0.0154  0.1127  471 SER A CB  
6   O OG  . SER A 15  ? 0.6072 0.5515 0.5203 -0.0227 0.0147  0.0982  471 SER A OG  
7   N N   . LEU A 16  ? 0.5365 0.4969 0.4429 -0.0072 -0.0048 0.0833  472 LEU A N   
8   C CA  . LEU A 16  ? 0.5478 0.5056 0.4682 -0.0015 -0.0100 0.0769  472 LEU A CA  
9   C C   . LEU A 16  ? 0.5011 0.4330 0.4356 -0.0001 -0.0082 0.0796  472 LEU A C   
10  O O   . LEU A 16  ? 0.4715 0.3911 0.4108 -0.0085 -0.0046 0.0763  472 LEU A O   
11  C CB  . LEU A 16  ? 0.5589 0.5270 0.4823 -0.0061 -0.0104 0.0597  472 LEU A CB  
12  C CG  . LEU A 16  ? 0.5964 0.5746 0.5314 0.0011  -0.0145 0.0537  472 LEU A CG  
13  C CD1 . LEU A 16  ? 0.5842 0.5850 0.5174 0.0061  -0.0222 0.0594  472 LEU A CD1 
14  C CD2 . LEU A 16  ? 0.5906 0.5744 0.5295 -0.0051 -0.0116 0.0393  472 LEU A CD2 
15  N N   . PRO A 17  ? 0.5027 0.4256 0.4445 0.0107  -0.0118 0.0853  473 PRO A N   
16  C CA  . PRO A 17  ? 0.4974 0.3900 0.4498 0.0115  -0.0115 0.0856  473 PRO A CA  
17  C C   . PRO A 17  ? 0.4774 0.3608 0.4338 0.0109  -0.0116 0.0664  473 PRO A C   
18  O O   . PRO A 17  ? 0.4220 0.3241 0.3764 0.0135  -0.0109 0.0558  473 PRO A O   
19  C CB  . PRO A 17  ? 0.5275 0.4112 0.4839 0.0255  -0.0149 0.0977  473 PRO A CB  
20  C CG  . PRO A 17  ? 0.5334 0.4469 0.4856 0.0338  -0.0181 0.0995  473 PRO A CG  
21  C CD  . PRO A 17  ? 0.5218 0.4598 0.4640 0.0230  -0.0172 0.0914  473 PRO A CD  
22  N N   . LEU A 18  ? 0.4742 0.3280 0.4359 0.0071  -0.0131 0.0635  474 LEU A N   
23  C CA  . LEU A 18  ? 0.4925 0.3323 0.4527 0.0064  -0.0145 0.0456  474 LEU A CA  
24  C C   . LEU A 18  ? 0.4818 0.3281 0.4384 0.0215  -0.0129 0.0357  474 LEU A C   
25  O O   . LEU A 18  ? 0.4914 0.3491 0.4429 0.0207  -0.0104 0.0233  474 LEU A O   
26  C CB  . LEU A 18  ? 0.5220 0.3238 0.4876 0.0021  -0.0200 0.0448  474 LEU A CB  
27  C CG  . LEU A 18  ? 0.5263 0.3061 0.4851 0.0036  -0.0243 0.0251  474 LEU A CG  
28  C CD1 . LEU A 18  ? 0.5213 0.3178 0.4765 -0.0079 -0.0238 0.0164  474 LEU A CD1 
29  C CD2 . LEU A 18  ? 0.5632 0.3003 0.5269 0.0000  -0.0330 0.0243  474 LEU A CD2 
30  N N   . SER A 19  ? 0.5143 0.3562 0.4748 0.0356  -0.0134 0.0430  475 SER A N   
31  C CA  . SER A 19  ? 0.5415 0.3894 0.5024 0.0525  -0.0103 0.0353  475 SER A CA  
32  C C   . SER A 19  ? 0.5289 0.4194 0.4939 0.0536  -0.0069 0.0353  475 SER A C   
33  O O   . SER A 19  ? 0.4912 0.3918 0.4568 0.0611  -0.0020 0.0259  475 SER A O   
34  C CB  . SER A 19  ? 0.5703 0.4014 0.5371 0.0693  -0.0116 0.0443  475 SER A CB  
35  O OG  . SER A 19  ? 0.5587 0.4058 0.5318 0.0698  -0.0143 0.0629  475 SER A OG  
36  N N   . SER A 20  ? 0.5191 0.4329 0.4862 0.0459  -0.0097 0.0461  476 SER A N   
37  C CA  . SER A 20  ? 0.5139 0.4642 0.4844 0.0420  -0.0095 0.0444  476 SER A CA  
38  C C   . SER A 20  ? 0.4865 0.4402 0.4510 0.0297  -0.0058 0.0319  476 SER A C   
39  O O   . SER A 20  ? 0.4577 0.4318 0.4274 0.0305  -0.0026 0.0262  476 SER A O   
40  C CB  . SER A 20  ? 0.5202 0.4888 0.4884 0.0368  -0.0155 0.0565  476 SER A CB  
41  O OG  . SER A 20  ? 0.5865 0.5722 0.5645 0.0496  -0.0200 0.0665  476 SER A OG  
42  N N   . LEU A 21  ? 0.4679 0.4036 0.4238 0.0185  -0.0060 0.0298  477 LEU A N   
43  C CA  . LEU A 21  ? 0.4678 0.4023 0.4181 0.0085  -0.0032 0.0188  477 LEU A CA  
44  C C   . LEU A 21  ? 0.4859 0.4118 0.4340 0.0165  0.0006  0.0074  477 LEU A C   
45  O O   . LEU A 21  ? 0.4767 0.4165 0.4232 0.0144  0.0048  0.0009  477 LEU A O   
46  C CB  . LEU A 21  ? 0.5162 0.4308 0.4627 -0.0019 -0.0049 0.0207  477 LEU A CB  
47  C CG  . LEU A 21  ? 0.5534 0.4643 0.4958 -0.0127 -0.0039 0.0127  477 LEU A CG  
48  C CD1 . LEU A 21  ? 0.6000 0.5345 0.5396 -0.0184 -0.0010 0.0114  477 LEU A CD1 
49  C CD2 . LEU A 21  ? 0.5615 0.4580 0.5076 -0.0219 -0.0061 0.0190  477 LEU A CD2 
50  N N   . THR A 22  ? 0.4800 0.3807 0.4259 0.0262  -0.0005 0.0050  478 THR A N   
51  C CA  . THR A 22  ? 0.5191 0.4081 0.4563 0.0364  0.0035  -0.0073 478 THR A CA  
52  C C   . THR A 22  ? 0.5078 0.4249 0.4519 0.0482  0.0116  -0.0067 478 THR A C   
53  O O   . THR A 22  ? 0.5064 0.4301 0.4438 0.0514  0.0183  -0.0146 478 THR A O   
54  C CB  . THR A 22  ? 0.5541 0.4069 0.4861 0.0466  0.0000  -0.0107 478 THR A CB  
55  O OG1 . THR A 22  ? 0.5633 0.3930 0.4939 0.0326  -0.0080 -0.0099 478 THR A OG1 
56  C CG2 . THR A 22  ? 0.5909 0.4275 0.5078 0.0606  0.0044  -0.0254 478 THR A CG2 
57  N N   . HIS A 23  ? 0.5037 0.4379 0.4622 0.0551  0.0108  0.0042  479 HIS A N   
58  C CA  . HIS A 23  ? 0.4989 0.4639 0.4715 0.0661  0.0168  0.0082  479 HIS A CA  
59  C C   . HIS A 23  ? 0.4809 0.4769 0.4599 0.0536  0.0194  0.0081  479 HIS A C   
60  O O   . HIS A 23  ? 0.4412 0.4556 0.4268 0.0597  0.0278  0.0068  479 HIS A O   
61  C CB  . HIS A 23  ? 0.4846 0.4634 0.4727 0.0738  0.0118  0.0214  479 HIS A CB  
62  C CG  . HIS A 23  ? 0.4951 0.5075 0.5033 0.0870  0.0171  0.0270  479 HIS A CG  
63  N ND1 . HIS A 23  ? 0.4663 0.5178 0.4928 0.0796  0.0127  0.0355  479 HIS A ND1 
64  C CD2 . HIS A 23  ? 0.5107 0.5252 0.5245 0.1073  0.0270  0.0250  479 HIS A CD2 
65  C CE1 . HIS A 23  ? 0.4767 0.5559 0.5243 0.0935  0.0190  0.0405  479 HIS A CE1 
66  N NE2 . HIS A 23  ? 0.5026 0.5607 0.5424 0.1116  0.0291  0.0347  479 HIS A NE2 
67  N N   . VAL A 24  ? 0.4887 0.4888 0.4657 0.0369  0.0128  0.0103  480 VAL A N   
68  C CA  . VAL A 24  ? 0.5039 0.5246 0.4843 0.0238  0.0142  0.0086  480 VAL A CA  
69  C C   . VAL A 24  ? 0.5169 0.5257 0.4851 0.0227  0.0218  -0.0007 480 VAL A C   
70  O O   . VAL A 24  ? 0.5599 0.5869 0.5344 0.0242  0.0293  -0.0005 480 VAL A O   
71  C CB  . VAL A 24  ? 0.5345 0.5549 0.5095 0.0081  0.0065  0.0105  480 VAL A CB  
72  C CG1 . VAL A 24  ? 0.5734 0.6098 0.5515 -0.0041 0.0079  0.0075  480 VAL A CG1 
73  C CG2 . VAL A 24  ? 0.4935 0.5266 0.4754 0.0099  -0.0016 0.0197  480 VAL A CG2 
74  N N   . LEU A 25  ? 0.4796 0.4591 0.4312 0.0209  0.0196  -0.0073 481 LEU A N   
75  C CA  . LEU A 25  ? 0.5127 0.4806 0.4497 0.0190  0.0237  -0.0158 481 LEU A CA  
76  C C   . LEU A 25  ? 0.4988 0.4658 0.4286 0.0345  0.0331  -0.0208 481 LEU A C   
77  O O   . LEU A 25  ? 0.4705 0.4400 0.3905 0.0334  0.0387  -0.0244 481 LEU A O   
78  C CB  . LEU A 25  ? 0.5314 0.4709 0.4554 0.0120  0.0165  -0.0211 481 LEU A CB  
79  C CG  . LEU A 25  ? 0.5797 0.5245 0.5100 -0.0026 0.0111  -0.0149 481 LEU A CG  
80  C CD1 . LEU A 25  ? 0.6424 0.5633 0.5683 -0.0076 0.0045  -0.0157 481 LEU A CD1 
81  C CD2 . LEU A 25  ? 0.5937 0.5517 0.5235 -0.0129 0.0135  -0.0154 481 LEU A CD2 
82  N N   . ARG A 26  ? 0.5383 0.5025 0.4719 0.0504  0.0357  -0.0201 482 ARG A N   
83  C CA  . ARG A 26  ? 0.5718 0.5299 0.4931 0.0688  0.0461  -0.0265 482 ARG A CA  
84  C C   . ARG A 26  ? 0.5577 0.5512 0.4909 0.0733  0.0593  -0.0200 482 ARG A C   
85  O O   . ARG A 26  ? 0.5244 0.5158 0.4438 0.0863  0.0701  -0.0244 482 ARG A O   
86  C CB  . ARG A 26  ? 0.6222 0.5641 0.5443 0.0869  0.0460  -0.0277 482 ARG A CB  
87  C CG  . ARG A 26  ? 0.6446 0.6169 0.5941 0.0955  0.0494  -0.0150 482 ARG A CG  
88  C CD  . ARG A 26  ? 0.7149 0.6663 0.6626 0.1166  0.0504  -0.0165 482 ARG A CD  
89  N NE  . ARG A 26  ? 0.7433 0.6806 0.6719 0.1367  0.0624  -0.0271 482 ARG A NE  
90  C CZ  . ARG A 26  ? 0.7624 0.7289 0.6999 0.1523  0.0779  -0.0231 482 ARG A CZ  
91  N NH1 . ARG A 26  ? 0.7619 0.7755 0.7321 0.1486  0.0820  -0.0081 482 ARG A NH1 
92  N NH2 . ARG A 26  ? 0.8074 0.7562 0.7203 0.1719  0.0895  -0.0340 482 ARG A NH2 
93  N N   . SER A 27  ? 0.5525 0.5783 0.5114 0.0622  0.0582  -0.0091 483 SER A N   
94  C CA  . SER A 27  ? 0.5937 0.6545 0.5701 0.0627  0.0695  -0.0007 483 SER A CA  
95  C C   . SER A 27  ? 0.5829 0.6466 0.5534 0.0457  0.0703  -0.0005 483 SER A C   
96  O O   . SER A 27  ? 0.6032 0.6938 0.5894 0.0425  0.0790  0.0080  483 SER A O   
97  C CB  . SER A 27  ? 0.6118 0.7074 0.6230 0.0615  0.0665  0.0116  483 SER A CB  
98  O OG  . SER A 27  ? 0.6840 0.7728 0.6985 0.0488  0.0508  0.0123  483 SER A OG  
99  N N   . LEU A 28  ? 0.5349 0.5711 0.4849 0.0358  0.0617  -0.0084 484 LEU A N   
100 C CA  . LEU A 28  ? 0.5562 0.5913 0.4984 0.0228  0.0627  -0.0083 484 LEU A CA  
101 C C   . LEU A 28  ? 0.5398 0.5600 0.4551 0.0323  0.0706  -0.0141 484 LEU A C   
102 O O   . LEU A 28  ? 0.5508 0.5581 0.4507 0.0487  0.0745  -0.0207 484 LEU A O   
103 C CB  . LEU A 28  ? 0.5634 0.5817 0.5009 0.0078  0.0497  -0.0119 484 LEU A CB  
104 C CG  . LEU A 28  ? 0.5783 0.6086 0.5353 -0.0004 0.0412  -0.0069 484 LEU A CG  
105 C CD1 . LEU A 28  ? 0.5536 0.5720 0.5048 -0.0148 0.0332  -0.0091 484 LEU A CD1 
106 C CD2 . LEU A 28  ? 0.6020 0.6655 0.5850 -0.0034 0.0444  0.0023  484 LEU A CD2 
107 N N   . THR A 29  ? 0.5059 0.5263 0.4138 0.0229  0.0725  -0.0118 485 THR A N   
108 C CA  . THR A 29  ? 0.5289 0.5360 0.4075 0.0318  0.0788  -0.0162 485 THR A CA  
109 C C   . THR A 29  ? 0.5249 0.4984 0.3786 0.0309  0.0651  -0.0289 485 THR A C   
110 O O   . THR A 29  ? 0.4616 0.4263 0.3245 0.0198  0.0531  -0.0309 485 THR A O   
111 C CB  . THR A 29  ? 0.5248 0.5434 0.4050 0.0218  0.0849  -0.0068 485 THR A CB  
112 O OG1 . THR A 29  ? 0.4816 0.4885 0.3642 0.0060  0.0726  -0.0083 485 THR A OG1 
113 C CG2 . THR A 29  ? 0.5137 0.5656 0.4248 0.0171  0.0959  0.0076  485 THR A CG2 
114 N N   . PRO A 30  ? 0.5403 0.4963 0.3624 0.0418  0.0664  -0.0368 486 PRO A N   
115 C CA  . PRO A 30  ? 0.5681 0.4937 0.3693 0.0382  0.0503  -0.0484 486 PRO A CA  
116 C C   . PRO A 30  ? 0.5330 0.4584 0.3439 0.0203  0.0401  -0.0444 486 PRO A C   
117 O O   . PRO A 30  ? 0.5046 0.4161 0.3210 0.0121  0.0268  -0.0488 486 PRO A O   
118 C CB  . PRO A 30  ? 0.5929 0.5058 0.3569 0.0522  0.0544  -0.0554 486 PRO A CB  
119 C CG  . PRO A 30  ? 0.6123 0.5407 0.3761 0.0691  0.0726  -0.0520 486 PRO A CG  
120 C CD  . PRO A 30  ? 0.5717 0.5337 0.3743 0.0595  0.0818  -0.0362 486 PRO A CD  
121 N N   . ASN A 31  ? 0.5266 0.4679 0.3416 0.0149  0.0474  -0.0346 487 ASN A N   
122 C CA  . ASN A 31  ? 0.5060 0.4471 0.3305 0.0008  0.0401  -0.0301 487 ASN A CA  
123 C C   . ASN A 31  ? 0.4774 0.4253 0.3294 -0.0106 0.0361  -0.0272 487 ASN A C   
124 O O   . ASN A 31  ? 0.4289 0.3697 0.2861 -0.0191 0.0272  -0.0278 487 ASN A O   
125 C CB  . ASN A 31  ? 0.5120 0.4646 0.3334 -0.0010 0.0495  -0.0197 487 ASN A CB  
126 C CG  . ASN A 31  ? 0.5442 0.4854 0.3336 0.0077  0.0481  -0.0220 487 ASN A CG  
127 O OD1 . ASN A 31  ? 0.5584 0.4821 0.3264 0.0146  0.0385  -0.0336 487 ASN A OD1 
128 N ND2 . ASN A 31  ? 0.5182 0.4677 0.3025 0.0071  0.0565  -0.0110 487 ASN A ND2 
129 N N   . ALA A 32  ? 0.4550 0.4184 0.3243 -0.0101 0.0427  -0.0231 488 ALA A N   
130 C CA  . ALA A 32  ? 0.4428 0.4115 0.3323 -0.0192 0.0377  -0.0212 488 ALA A CA  
131 C C   . ALA A 32  ? 0.4408 0.3933 0.3281 -0.0183 0.0277  -0.0274 488 ALA A C   
132 O O   . ALA A 32  ? 0.4085 0.3574 0.3033 -0.0267 0.0216  -0.0262 488 ALA A O   
133 C CB  . ALA A 32  ? 0.4693 0.4589 0.3767 -0.0178 0.0442  -0.0157 488 ALA A CB  
134 N N   . ARG A 33  ? 0.4549 0.3966 0.3318 -0.0075 0.0272  -0.0333 489 ARG A N   
135 C CA  . ARG A 33  ? 0.4901 0.4117 0.3644 -0.0074 0.0169  -0.0388 489 ARG A CA  
136 C C   . ARG A 33  ? 0.4636 0.3720 0.3321 -0.0157 0.0070  -0.0415 489 ARG A C   
137 O O   . ARG A 33  ? 0.5130 0.4162 0.3929 -0.0231 0.0000  -0.0394 489 ARG A O   
138 C CB  . ARG A 33  ? 0.5293 0.4362 0.3901 0.0069  0.0176  -0.0466 489 ARG A CB  
139 C CG  . ARG A 33  ? 0.5575 0.4761 0.4323 0.0151  0.0241  -0.0422 489 ARG A CG  
140 C CD  . ARG A 33  ? 0.5982 0.4948 0.4604 0.0301  0.0231  -0.0505 489 ARG A CD  
141 N NE  . ARG A 33  ? 0.6006 0.4951 0.4412 0.0433  0.0316  -0.0569 489 ARG A NE  
142 C CZ  . ARG A 33  ? 0.6375 0.5532 0.4813 0.0555  0.0461  -0.0524 489 ARG A CZ  
143 N NH1 . ARG A 33  ? 0.6787 0.5902 0.4979 0.0689  0.0549  -0.0580 489 ARG A NH1 
144 N NH2 . ARG A 33  ? 0.6140 0.5563 0.4847 0.0553  0.0519  -0.0417 489 ARG A NH2 
145 N N   . GLY A 34  ? 0.4604 0.3661 0.3129 -0.0139 0.0068  -0.0442 490 GLY A N   
146 C CA  . GLY A 34  ? 0.4501 0.3495 0.3006 -0.0215 -0.0028 -0.0444 490 GLY A CA  
147 C C   . GLY A 34  ? 0.4316 0.3430 0.3017 -0.0319 -0.0020 -0.0360 490 GLY A C   
148 O O   . GLY A 34  ? 0.4241 0.3320 0.3045 -0.0388 -0.0100 -0.0343 490 GLY A O   
149 N N   . ILE A 35  ? 0.4140 0.3399 0.2902 -0.0330 0.0080  -0.0304 491 ILE A N   
150 C CA  . ILE A 35  ? 0.4103 0.3442 0.3006 -0.0409 0.0098  -0.0244 491 ILE A CA  
151 C C   . ILE A 35  ? 0.4105 0.3438 0.3133 -0.0446 0.0066  -0.0231 491 ILE A C   
152 O O   . ILE A 35  ? 0.4048 0.3379 0.3161 -0.0494 0.0037  -0.0199 491 ILE A O   
153 C CB  . ILE A 35  ? 0.4067 0.3522 0.3005 -0.0424 0.0190  -0.0203 491 ILE A CB  
154 C CG1 . ILE A 35  ? 0.3982 0.3442 0.2816 -0.0402 0.0233  -0.0176 491 ILE A CG1 
155 C CG2 . ILE A 35  ? 0.4136 0.3623 0.3178 -0.0495 0.0198  -0.0171 491 ILE A CG2 
156 C CD1 . ILE A 35  ? 0.3895 0.3473 0.2775 -0.0410 0.0331  -0.0125 491 ILE A CD1 
157 N N   . PHE A 36  ? 0.4232 0.3573 0.3277 -0.0410 0.0079  -0.0242 492 PHE A N   
158 C CA  . PHE A 36  ? 0.4161 0.3491 0.3302 -0.0434 0.0055  -0.0209 492 PHE A CA  
159 C C   . PHE A 36  ? 0.4453 0.3658 0.3636 -0.0462 -0.0024 -0.0207 492 PHE A C   
160 O O   . PHE A 36  ? 0.4244 0.3478 0.3533 -0.0512 -0.0026 -0.0145 492 PHE A O   
161 C CB  . PHE A 36  ? 0.4361 0.3715 0.3512 -0.0371 0.0073  -0.0210 492 PHE A CB  
162 C CG  . PHE A 36  ? 0.4675 0.4041 0.3906 -0.0385 0.0056  -0.0153 492 PHE A CG  
163 C CD1 . PHE A 36  ? 0.4652 0.4127 0.3912 -0.0431 0.0080  -0.0108 492 PHE A CD1 
164 C CD2 . PHE A 36  ? 0.4818 0.4057 0.4070 -0.0346 0.0016  -0.0143 492 PHE A CD2 
165 C CE1 . PHE A 36  ? 0.4970 0.4460 0.4259 -0.0430 0.0070  -0.0044 492 PHE A CE1 
166 C CE2 . PHE A 36  ? 0.5175 0.4422 0.4492 -0.0353 0.0008  -0.0063 492 PHE A CE2 
167 C CZ  . PHE A 36  ? 0.4874 0.4261 0.4198 -0.0391 0.0039  -0.0009 492 PHE A CZ  
168 N N   A ARG A 37  ? 0.4717 0.3786 0.3814 -0.0431 -0.0088 -0.0273 493 ARG A N   
169 N N   B ARG A 37  ? 0.4719 0.3788 0.3816 -0.0431 -0.0088 -0.0273 493 ARG A N   
170 C CA  . ARG A 37  ? 0.4983 0.3915 0.4140 -0.0483 -0.0197 -0.0279 493 ARG A CA  
171 C C   . ARG A 37  ? 0.4782 0.3800 0.4046 -0.0558 -0.0229 -0.0230 493 ARG A C   
172 O O   . ARG A 37  ? 0.4537 0.3553 0.3972 -0.0627 -0.0278 -0.0170 493 ARG A O   
173 C CB  . ARG A 37  ? 0.5363 0.4101 0.4354 -0.0432 -0.0282 -0.0389 493 ARG A CB  
174 C CG  A ARG A 37  ? 0.5790 0.4399 0.4689 -0.0337 -0.0261 -0.0444 493 ARG A CG  
175 C CG  B ARG A 37  ? 0.5875 0.4487 0.4790 -0.0340 -0.0259 -0.0438 493 ARG A CG  
176 C CD  A ARG A 37  ? 0.6212 0.4604 0.4880 -0.0264 -0.0336 -0.0576 493 ARG A CD  
177 C CD  B ARG A 37  ? 0.6463 0.4809 0.5194 -0.0283 -0.0358 -0.0565 493 ARG A CD  
178 N NE  A ARG A 37  ? 0.6555 0.4913 0.5068 -0.0116 -0.0247 -0.0633 493 ARG A NE  
179 N NE  B ARG A 37  ? 0.6720 0.5066 0.5198 -0.0171 -0.0308 -0.0647 493 ARG A NE  
180 C CZ  A ARG A 37  ? 0.6781 0.5172 0.5079 -0.0018 -0.0184 -0.0689 493 ARG A CZ  
181 C CZ  B ARG A 37  ? 0.7165 0.5483 0.5513 -0.0031 -0.0217 -0.0693 493 ARG A CZ  
182 N NH1 A ARG A 37  ? 0.6857 0.5244 0.5050 0.0127  -0.0084 -0.0723 493 ARG A NH1 
183 N NH1 B ARG A 37  ? 0.7296 0.5639 0.5415 0.0073  -0.0153 -0.0748 493 ARG A NH1 
184 N NH2 A ARG A 37  ? 0.6918 0.5354 0.5111 -0.0057 -0.0216 -0.0697 493 ARG A NH2 
185 N NH2 B ARG A 37  ? 0.7160 0.5440 0.5610 0.0019  -0.0181 -0.0669 493 ARG A NH2 
186 N N   . LEU A 38  ? 0.4609 0.3711 0.3796 -0.0540 -0.0195 -0.0238 494 LEU A N   
187 C CA  . LEU A 38  ? 0.4517 0.3710 0.3812 -0.0584 -0.0213 -0.0181 494 LEU A CA  
188 C C   . LEU A 38  ? 0.4327 0.3637 0.3783 -0.0614 -0.0131 -0.0092 494 LEU A C   
189 O O   . LEU A 38  ? 0.4486 0.3862 0.4112 -0.0655 -0.0153 -0.0023 494 LEU A O   
190 C CB  . LEU A 38  ? 0.4633 0.3867 0.3798 -0.0544 -0.0179 -0.0192 494 LEU A CB  
191 C CG  . LEU A 38  ? 0.4635 0.3938 0.3875 -0.0559 -0.0219 -0.0139 494 LEU A CG  
192 C CD1 . LEU A 38  ? 0.5154 0.4409 0.4437 -0.0595 -0.0380 -0.0160 494 LEU A CD1 
193 C CD2 . LEU A 38  ? 0.4695 0.4007 0.3781 -0.0508 -0.0169 -0.0136 494 LEU A CD2 
194 N N   . LEU A 39  ? 0.4219 0.3563 0.3616 -0.0586 -0.0038 -0.0091 495 LEU A N   
195 C CA  . LEU A 39  ? 0.4304 0.3734 0.3776 -0.0595 0.0040  -0.0026 495 LEU A CA  
196 C C   . LEU A 39  ? 0.4173 0.3595 0.3770 -0.0626 0.0020  0.0042  495 LEU A C   
197 O O   . LEU A 39  ? 0.4172 0.3674 0.3895 -0.0645 0.0057  0.0125  495 LEU A O   
198 C CB  . LEU A 39  ? 0.4269 0.3725 0.3629 -0.0569 0.0107  -0.0055 495 LEU A CB  
199 C CG  . LEU A 39  ? 0.4461 0.3975 0.3814 -0.0565 0.0179  -0.0013 495 LEU A CG  
200 C CD1 . LEU A 39  ? 0.4419 0.3960 0.3803 -0.0552 0.0229  0.0008  495 LEU A CD1 
201 C CD2 . LEU A 39  ? 0.4445 0.3971 0.3687 -0.0557 0.0199  -0.0058 495 LEU A CD2 
202 N N   . ILE A 40  ? 0.4536 0.3852 0.4108 -0.0624 -0.0034 0.0015  496 ILE A N   
203 C CA  . ILE A 40  ? 0.4587 0.3856 0.4294 -0.0663 -0.0062 0.0093  496 ILE A CA  
204 C C   . ILE A 40  ? 0.4721 0.4024 0.4627 -0.0735 -0.0118 0.0153  496 ILE A C   
205 O O   . ILE A 40  ? 0.4648 0.4049 0.4718 -0.0768 -0.0065 0.0274  496 ILE A O   
206 C CB  . ILE A 40  ? 0.4634 0.3723 0.4291 -0.0644 -0.0133 0.0043  496 ILE A CB  
207 C CG1 . ILE A 40  ? 0.4487 0.3602 0.4017 -0.0566 -0.0072 0.0023  496 ILE A CG1 
208 C CG2 . ILE A 40  ? 0.4668 0.3672 0.4498 -0.0704 -0.0176 0.0140  496 ILE A CG2 
209 C CD1 . ILE A 40  ? 0.4562 0.3527 0.4015 -0.0503 -0.0117 -0.0045 496 ILE A CD1 
210 N N   . LYS A 41  ? 0.4966 0.4205 0.4855 -0.0754 -0.0223 0.0077  497 LYS A N   
211 C CA  . LYS A 41  ? 0.4983 0.4260 0.5085 -0.0835 -0.0323 0.0126  497 LYS A CA  
212 C C   . LYS A 41  ? 0.4749 0.4257 0.5035 -0.0839 -0.0226 0.0248  497 LYS A C   
213 O O   . LYS A 41  ? 0.4254 0.3858 0.4798 -0.0904 -0.0235 0.0364  497 LYS A O   
214 C CB  . LYS A 41  ? 0.5149 0.4345 0.5128 -0.0831 -0.0452 0.0014  497 LYS A CB  
215 C CG  . LYS A 41  ? 0.5355 0.4587 0.5544 -0.0921 -0.0603 0.0048  497 LYS A CG  
216 C CD  . LYS A 41  ? 0.5799 0.4925 0.5795 -0.0903 -0.0748 -0.0074 497 LYS A CD  
217 N N   . TYR A 42  ? 0.4535 0.4122 0.4691 -0.0765 -0.0123 0.0227  498 TYR A N   
218 C CA  . TYR A 42  ? 0.4365 0.4133 0.4657 -0.0737 -0.0018 0.0325  498 TYR A CA  
219 C C   . TYR A 42  ? 0.4485 0.4336 0.4865 -0.0733 0.0100  0.0439  498 TYR A C   
220 O O   . TYR A 42  ? 0.4054 0.4068 0.4664 -0.0742 0.0159  0.0569  498 TYR A O   
221 C CB  . TYR A 42  ? 0.4839 0.4609 0.4945 -0.0655 0.0060  0.0264  498 TYR A CB  
222 C CG  . TYR A 42  ? 0.4854 0.4618 0.4941 -0.0645 -0.0023 0.0222  498 TYR A CG  
223 C CD1 . TYR A 42  ? 0.4720 0.4621 0.5029 -0.0651 -0.0064 0.0303  498 TYR A CD1 
224 C CD2 . TYR A 42  ? 0.4996 0.4639 0.4852 -0.0620 -0.0052 0.0120  498 TYR A CD2 
225 C CE1 . TYR A 42  ? 0.5038 0.4937 0.5310 -0.0629 -0.0149 0.0278  498 TYR A CE1 
226 C CE2 . TYR A 42  ? 0.4848 0.4481 0.4653 -0.0599 -0.0119 0.0102  498 TYR A CE2 
227 C CZ  . TYR A 42  ? 0.5028 0.4778 0.5022 -0.0601 -0.0175 0.0176  498 TYR A CZ  
228 O OH  . TYR A 42  ? 0.5426 0.5174 0.5359 -0.0571 -0.0253 0.0171  498 TYR A OH  
229 N N   . GLN A 43  ? 0.4322 0.4074 0.4521 -0.0710 0.0139  0.0405  499 GLN A N   
230 C CA  . GLN A 43  ? 0.4433 0.4244 0.4651 -0.0694 0.0244  0.0516  499 GLN A CA  
231 C C   . GLN A 43  ? 0.4204 0.4044 0.4697 -0.0780 0.0207  0.0653  499 GLN A C   
232 O O   . GLN A 43  ? 0.4379 0.4370 0.5037 -0.0780 0.0312  0.0809  499 GLN A O   
233 C CB  . GLN A 43  ? 0.4232 0.3929 0.4208 -0.0657 0.0249  0.0450  499 GLN A CB  
234 C CG  . GLN A 43  ? 0.4328 0.4079 0.4230 -0.0615 0.0354  0.0550  499 GLN A CG  
235 C CD  . GLN A 43  ? 0.4207 0.3900 0.3845 -0.0560 0.0356  0.0465  499 GLN A CD  
236 O OE1 . GLN A 43  ? 0.4185 0.3859 0.3680 -0.0534 0.0345  0.0345  499 GLN A OE1 
237 N NE2 . GLN A 43  ? 0.4100 0.3767 0.3688 -0.0546 0.0360  0.0537  499 GLN A NE2 
238 N N   . LEU A 44  ? 0.4334 0.4016 0.4872 -0.0850 0.0064  0.0599  500 LEU A N   
239 C CA  . LEU A 44  ? 0.4386 0.4030 0.5189 -0.0954 -0.0004 0.0715  500 LEU A CA  
240 C C   . LEU A 44  ? 0.4404 0.4221 0.5542 -0.1035 -0.0044 0.0812  500 LEU A C   
241 O O   . LEU A 44  ? 0.4035 0.3964 0.5456 -0.1103 -0.0002 0.0990  500 LEU A O   
242 C CB  . LEU A 44  ? 0.4703 0.4079 0.5429 -0.0996 -0.0162 0.0600  500 LEU A CB  
243 C CG  . LEU A 44  ? 0.4630 0.3857 0.5102 -0.0915 -0.0127 0.0539  500 LEU A CG  
244 C CD1 . LEU A 44  ? 0.5006 0.3957 0.5430 -0.0939 -0.0271 0.0435  500 LEU A CD1 
245 C CD2 . LEU A 44  ? 0.4688 0.3976 0.5199 -0.0897 -0.0009 0.0703  500 LEU A CD2 
246 N N   . ASP A 45  ? 0.4284 0.4147 0.5412 -0.1025 -0.0120 0.0719  501 ASP A N   
247 C CA  . ASP A 45  ? 0.4630 0.4696 0.6100 -0.1091 -0.0175 0.0817  501 ASP A CA  
248 C C   . ASP A 45  ? 0.4597 0.4949 0.6249 -0.1031 0.0022  0.0988  501 ASP A C   
249 O O   . ASP A 45  ? 0.4408 0.4971 0.6442 -0.1099 0.0014  0.1141  501 ASP A O   
250 C CB  . ASP A 45  ? 0.4997 0.5052 0.6386 -0.1075 -0.0307 0.0688  501 ASP A CB  
251 C CG  . ASP A 45  ? 0.5426 0.5209 0.6649 -0.1132 -0.0510 0.0530  501 ASP A CG  
252 O OD1 . ASP A 45  ? 0.5954 0.5555 0.7177 -0.1193 -0.0561 0.0520  501 ASP A OD1 
253 O OD2 . ASP A 45  ? 0.5966 0.5695 0.7019 -0.1098 -0.0607 0.0409  501 ASP A OD2 
254 N N   . ASN A 46  ? 0.4424 0.4785 0.5810 -0.0904 0.0195  0.0966  502 ASN A N   
255 C CA  . ASN A 46  ? 0.4407 0.4999 0.5875 -0.0811 0.0400  0.1099  502 ASN A CA  
256 C C   . ASN A 46  ? 0.4691 0.5295 0.6067 -0.0772 0.0561  0.1213  502 ASN A C   
257 O O   . ASN A 46  ? 0.4565 0.5319 0.5891 -0.0662 0.0749  0.1295  502 ASN A O   
258 C CB  . ASN A 46  ? 0.4396 0.4971 0.5605 -0.0679 0.0467  0.0975  502 ASN A CB  
259 C CG  . ASN A 46  ? 0.4078 0.4708 0.5432 -0.0693 0.0345  0.0930  502 ASN A CG  
260 O OD1 . ASN A 46  ? 0.4184 0.5049 0.5865 -0.0692 0.0364  0.1057  502 ASN A OD1 
261 N ND2 . ASN A 46  ? 0.3981 0.4423 0.5117 -0.0705 0.0219  0.0771  502 ASN A ND2 
262 N N   . GLN A 47  ? 0.4934 0.5379 0.6289 -0.0856 0.0485  0.1229  503 GLN A N   
263 C CA  . GLN A 47  ? 0.5214 0.5634 0.6429 -0.0814 0.0609  0.1330  503 GLN A CA  
264 C C   . GLN A 47  ? 0.5214 0.5891 0.6685 -0.0802 0.0788  0.1581  503 GLN A C   
265 O O   . GLN A 47  ? 0.5157 0.5875 0.6429 -0.0706 0.0950  0.1663  503 GLN A O   
266 C CB  . GLN A 47  ? 0.5502 0.5685 0.6688 -0.0902 0.0479  0.1311  503 GLN A CB  
267 C CG  . GLN A 47  ? 0.5898 0.6063 0.7481 -0.1062 0.0369  0.1437  503 GLN A CG  
268 C CD  . GLN A 47  ? 0.6374 0.6227 0.7865 -0.1121 0.0227  0.1368  503 GLN A CD  
269 O OE1 . GLN A 47  ? 0.6580 0.6343 0.7913 -0.1072 0.0295  0.1432  503 GLN A OE1 
270 N NE2 . GLN A 47  ? 0.6092 0.5770 0.7646 -0.1205 0.0027  0.1226  503 GLN A NE2 
271 N N   . ASP A 48  ? 0.5294 0.6167 0.7201 -0.0889 0.0762  0.1708  504 ASP A N   
272 C CA  . ASP A 48  ? 0.5312 0.6483 0.7522 -0.0874 0.0954  0.1973  504 ASP A CA  
273 C C   . ASP A 48  ? 0.5214 0.6643 0.7440 -0.0722 0.1130  0.2001  504 ASP A C   
274 O O   . ASP A 48  ? 0.5222 0.6949 0.7753 -0.0695 0.1299  0.2228  504 ASP A O   
275 C CB  . ASP A 48  ? 0.5760 0.7031 0.8510 -0.1069 0.0833  0.2137  504 ASP A CB  
276 C CG  . ASP A 48  ? 0.6183 0.7163 0.8919 -0.1206 0.0679  0.2126  504 ASP A CG  
277 O OD1 . ASP A 48  ? 0.6938 0.7799 0.9428 -0.1151 0.0780  0.2183  504 ASP A OD1 
278 O OD2 . ASP A 48  ? 0.6729 0.7574 0.9667 -0.1356 0.0450  0.2052  504 ASP A OD2 
279 N N   . ASN A 49  ? 0.5191 0.6504 0.7102 -0.0616 0.1103  0.1785  505 ASN A N   
280 C CA  . ASN A 49  ? 0.5194 0.6675 0.7046 -0.0445 0.1272  0.1782  505 ASN A CA  
281 C C   . ASN A 49  ? 0.5521 0.6853 0.6837 -0.0272 0.1424  0.1671  505 ASN A C   
282 O O   . ASN A 49  ? 0.5276 0.6356 0.6243 -0.0256 0.1320  0.1451  505 ASN A O   
283 C CB  . ASN A 49  ? 0.5138 0.6582 0.7042 -0.0449 0.1124  0.1627  505 ASN A CB  
284 C CG  . ASN A 49  ? 0.5038 0.6663 0.6980 -0.0276 0.1285  0.1653  505 ASN A CG  
285 O OD1 . ASN A 49  ? 0.5103 0.6800 0.6877 -0.0119 0.1516  0.1714  505 ASN A OD1 
286 N ND2 . ASN A 49  ? 0.4522 0.6215 0.6672 -0.0286 0.1169  0.1613  505 ASN A ND2 
287 N N   . PRO A 50  ? 0.5760 0.7258 0.7012 -0.0138 0.1669  0.1823  506 PRO A N   
288 C CA  . PRO A 50  ? 0.6038 0.7371 0.6736 0.0026  0.1787  0.1698  506 PRO A CA  
289 C C   . PRO A 50  ? 0.6197 0.7401 0.6633 0.0160  0.1798  0.1484  506 PRO A C   
290 O O   . PRO A 50  ? 0.6424 0.7417 0.6386 0.0255  0.1822  0.1327  506 PRO A O   
291 C CB  . PRO A 50  ? 0.6414 0.7976 0.7117 0.0148  0.2059  0.1931  506 PRO A CB  
292 C CG  . PRO A 50  ? 0.6277 0.8108 0.7570 0.0003  0.2062  0.2198  506 PRO A CG  
293 C CD  . PRO A 50  ? 0.5918 0.7761 0.7571 -0.0126 0.1850  0.2111  506 PRO A CD  
294 N N   . SER A 51  ? 0.5587 0.6896 0.6325 0.0159  0.1758  0.1477  507 SER A N   
295 C CA  . SER A 51  ? 0.5762 0.6919 0.6287 0.0276  0.1753  0.1291  507 SER A CA  
296 C C   . SER A 51  ? 0.6148 0.7031 0.6516 0.0165  0.1517  0.1076  507 SER A C   
297 O O   . SER A 51  ? 0.6314 0.7003 0.6419 0.0250  0.1513  0.0910  507 SER A O   
298 C CB  . SER A 51  ? 0.5783 0.7197 0.6696 0.0362  0.1841  0.1405  507 SER A CB  
299 O OG  . SER A 51  ? 0.5851 0.7550 0.6913 0.0497  0.2097  0.1613  507 SER A OG  
300 N N   . TYR A 52  ? 0.5851 0.6713 0.6393 -0.0018 0.1331  0.1087  508 TYR A N   
301 C CA  . TYR A 52  ? 0.5509 0.6130 0.5878 -0.0113 0.1135  0.0903  508 TYR A CA  
302 C C   . TYR A 52  ? 0.5308 0.5718 0.5246 -0.0084 0.1143  0.0777  508 TYR A C   
303 O O   . TYR A 52  ? 0.5309 0.5730 0.5173 -0.0111 0.1165  0.0842  508 TYR A O   
304 C CB  . TYR A 52  ? 0.5374 0.6010 0.5990 -0.0286 0.0957  0.0946  508 TYR A CB  
305 C CG  . TYR A 52  ? 0.5296 0.5699 0.5709 -0.0364 0.0786  0.0773  508 TYR A CG  
306 C CD1 . TYR A 52  ? 0.5426 0.5763 0.5857 -0.0381 0.0675  0.0675  508 TYR A CD1 
307 C CD2 . TYR A 52  ? 0.5207 0.5476 0.5421 -0.0406 0.0745  0.0727  508 TYR A CD2 
308 C CE1 . TYR A 52  ? 0.5579 0.5728 0.5825 -0.0439 0.0545  0.0536  508 TYR A CE1 
309 C CE2 . TYR A 52  ? 0.5285 0.5380 0.5345 -0.0459 0.0610  0.0587  508 TYR A CE2 
310 C CZ  . TYR A 52  ? 0.5508 0.5547 0.5585 -0.0477 0.0519  0.0493  508 TYR A CZ  
311 O OH  . TYR A 52  ? 0.6570 0.6458 0.6494 -0.0517 0.0413  0.0372  508 TYR A OH  
312 N N   . ILE A 53  ? 0.5566 0.5785 0.5236 -0.0033 0.1116  0.0606  509 ILE A N   
313 C CA  . ILE A 53  ? 0.5557 0.5586 0.4843 -0.0022 0.1090  0.0471  509 ILE A CA  
314 C C   . ILE A 53  ? 0.5457 0.5325 0.4692 -0.0123 0.0919  0.0332  509 ILE A C   
315 O O   . ILE A 53  ? 0.5372 0.5083 0.4342 -0.0128 0.0871  0.0205  509 ILE A O   
316 C CB  . ILE A 53  ? 0.6017 0.5939 0.4978 0.0137  0.1226  0.0389  509 ILE A CB  
317 C CG1 . ILE A 53  ? 0.6066 0.5804 0.4935 0.0181  0.1201  0.0243  509 ILE A CG1 
318 C CG2 . ILE A 53  ? 0.6380 0.6497 0.5422 0.0268  0.1432  0.0546  509 ILE A CG2 
319 C CD1 . ILE A 53  ? 0.5974 0.5807 0.5164 0.0192  0.1203  0.0307  509 ILE A CD1 
320 N N   . GLY A 54  ? 0.5041 0.4965 0.4536 -0.0206 0.0823  0.0365  510 GLY A N   
321 C CA  . GLY A 54  ? 0.5048 0.4847 0.4504 -0.0284 0.0687  0.0257  510 GLY A CA  
322 C C   . GLY A 54  ? 0.4905 0.4659 0.4416 -0.0258 0.0671  0.0216  510 GLY A C   
323 O O   . GLY A 54  ? 0.5377 0.5199 0.4985 -0.0174 0.0757  0.0271  510 GLY A O   
324 N N   . LEU A 55  ? 0.4935 0.4587 0.4393 -0.0322 0.0566  0.0138  511 LEU A N   
325 C CA  . LEU A 55  ? 0.5184 0.4762 0.4652 -0.0310 0.0536  0.0104  511 LEU A CA  
326 C C   . LEU A 55  ? 0.4592 0.3983 0.3838 -0.0297 0.0557  -0.0002 511 LEU A C   
327 O O   . LEU A 55  ? 0.4556 0.3893 0.3667 -0.0346 0.0526  -0.0066 511 LEU A O   
328 C CB  . LEU A 55  ? 0.5156 0.4729 0.4675 -0.0389 0.0414  0.0092  511 LEU A CB  
329 C CG  . LEU A 55  ? 0.5511 0.5208 0.5236 -0.0420 0.0338  0.0167  511 LEU A CG  
330 C CD1 . LEU A 55  ? 0.5729 0.5455 0.5490 -0.0485 0.0294  0.0178  511 LEU A CD1 
331 C CD2 . LEU A 55  ? 0.5367 0.5022 0.5080 -0.0439 0.0241  0.0149  511 LEU A CD2 
332 N N   . SER A 56  ? 0.4405 0.3700 0.3642 -0.0238 0.0592  -0.0013 512 SER A N   
333 C CA  . SER A 56  ? 0.4521 0.3604 0.3590 -0.0250 0.0588  -0.0105 512 SER A CA  
334 C C   . SER A 56  ? 0.4644 0.3706 0.3729 -0.0351 0.0497  -0.0114 512 SER A C   
335 O O   . SER A 56  ? 0.4683 0.3866 0.3881 -0.0377 0.0445  -0.0056 512 SER A O   
336 C CB  . SER A 56  ? 0.4616 0.3577 0.3690 -0.0147 0.0655  -0.0094 512 SER A CB  
337 O OG  . SER A 56  ? 0.4148 0.3154 0.3370 -0.0146 0.0613  -0.0015 512 SER A OG  
338 N N   . PHE A 57  ? 0.4612 0.3527 0.3586 -0.0405 0.0477  -0.0184 513 PHE A N   
339 C CA  . PHE A 57  ? 0.4562 0.3473 0.3571 -0.0485 0.0424  -0.0168 513 PHE A CA  
340 C C   . PHE A 57  ? 0.4503 0.3401 0.3583 -0.0450 0.0427  -0.0088 513 PHE A C   
341 O O   . PHE A 57  ? 0.4484 0.3481 0.3602 -0.0473 0.0388  -0.0041 513 PHE A O   
342 C CB  . PHE A 57  ? 0.4708 0.3477 0.3642 -0.0564 0.0402  -0.0235 513 PHE A CB  
343 C CG  . PHE A 57  ? 0.4583 0.3374 0.3585 -0.0642 0.0378  -0.0187 513 PHE A CG  
344 C CD1 . PHE A 57  ? 0.4795 0.3458 0.3818 -0.0637 0.0403  -0.0129 513 PHE A CD1 
345 C CD2 . PHE A 57  ? 0.4455 0.3402 0.3501 -0.0700 0.0344  -0.0181 513 PHE A CD2 
346 C CE1 . PHE A 57  ? 0.5061 0.3764 0.4137 -0.0698 0.0403  -0.0059 513 PHE A CE1 
347 C CE2 . PHE A 57  ? 0.4464 0.3460 0.3573 -0.0750 0.0349  -0.0120 513 PHE A CE2 
348 C CZ  . PHE A 57  ? 0.4861 0.3742 0.3980 -0.0753 0.0383  -0.0057 513 PHE A CZ  
349 N N   . GLN A 58  ? 0.4849 0.3617 0.3925 -0.0378 0.0473  -0.0071 514 GLN A N   
350 C CA  . GLN A 58  ? 0.5181 0.3936 0.4320 -0.0332 0.0467  0.0024  514 GLN A CA  
351 C C   . GLN A 58  ? 0.4798 0.3765 0.4043 -0.0297 0.0420  0.0091  514 GLN A C   
352 O O   . GLN A 58  ? 0.4306 0.3320 0.3555 -0.0304 0.0368  0.0150  514 GLN A O   
353 C CB  . GLN A 58  ? 0.5817 0.4388 0.4950 -0.0235 0.0527  0.0039  514 GLN A CB  
354 C CG  . GLN A 58  ? 0.6488 0.4780 0.5516 -0.0287 0.0545  -0.0022 514 GLN A CG  
355 C CD  . GLN A 58  ? 0.6603 0.4859 0.5638 -0.0395 0.0509  0.0033  514 GLN A CD  
356 O OE1 . GLN A 58  ? 0.7089 0.5443 0.6165 -0.0379 0.0494  0.0138  514 GLN A OE1 
357 N NE2 . GLN A 58  ? 0.6334 0.4460 0.5329 -0.0502 0.0495  -0.0032 514 GLN A NE2 
358 N N   . ASP A 59  ? 0.4474 0.3564 0.3796 -0.0266 0.0435  0.0083  515 ASP A N   
359 C CA  . ASP A 59  ? 0.4238 0.3522 0.3703 -0.0258 0.0375  0.0146  515 ASP A CA  
360 C C   . ASP A 59  ? 0.3997 0.3333 0.3411 -0.0345 0.0291  0.0118  515 ASP A C   
361 O O   . ASP A 59  ? 0.3826 0.3199 0.3240 -0.0349 0.0213  0.0151  515 ASP A O   
362 C CB  . ASP A 59  ? 0.4301 0.3703 0.3880 -0.0217 0.0430  0.0164  515 ASP A CB  
363 C CG  . ASP A 59  ? 0.4191 0.3808 0.3995 -0.0223 0.0361  0.0252  515 ASP A CG  
364 O OD1 . ASP A 59  ? 0.3907 0.3566 0.3753 -0.0243 0.0254  0.0286  515 ASP A OD1 
365 O OD2 . ASP A 59  ? 0.3862 0.3612 0.3801 -0.0209 0.0410  0.0294  515 ASP A OD2 
366 N N   . PHE A 60  ? 0.3977 0.3298 0.3326 -0.0397 0.0309  0.0052  516 PHE A N   
367 C CA  . PHE A 60  ? 0.4226 0.3583 0.3529 -0.0455 0.0248  0.0020  516 PHE A CA  
368 C C   . PHE A 60  ? 0.4256 0.3557 0.3453 -0.0466 0.0230  0.0023  516 PHE A C   
369 O O   . PHE A 60  ? 0.3856 0.3190 0.3005 -0.0470 0.0169  0.0019  516 PHE A O   
370 C CB  . PHE A 60  ? 0.4209 0.3564 0.3466 -0.0493 0.0275  -0.0034 516 PHE A CB  
371 C CG  . PHE A 60  ? 0.4112 0.3509 0.3350 -0.0527 0.0224  -0.0060 516 PHE A CG  
372 C CD1 . PHE A 60  ? 0.4016 0.3457 0.3320 -0.0528 0.0155  -0.0042 516 PHE A CD1 
373 C CD2 . PHE A 60  ? 0.4187 0.3575 0.3357 -0.0555 0.0236  -0.0099 516 PHE A CD2 
374 C CE1 . PHE A 60  ? 0.4004 0.3434 0.3268 -0.0542 0.0108  -0.0078 516 PHE A CE1 
375 C CE2 . PHE A 60  ? 0.4244 0.3669 0.3400 -0.0559 0.0200  -0.0119 516 PHE A CE2 
376 C CZ  . PHE A 60  ? 0.4139 0.3562 0.3323 -0.0544 0.0141  -0.0115 516 PHE A CZ  
377 N N   . TYR A 61  ? 0.3926 0.3126 0.3077 -0.0463 0.0284  0.0037  517 TYR A N   
378 C CA  . TYR A 61  ? 0.4258 0.3418 0.3327 -0.0477 0.0291  0.0072  517 TYR A CA  
379 C C   . TYR A 61  ? 0.4204 0.3390 0.3233 -0.0423 0.0239  0.0135  517 TYR A C   
380 O O   . TYR A 61  ? 0.4356 0.3572 0.3276 -0.0418 0.0212  0.0141  517 TYR A O   
381 C CB  . TYR A 61  ? 0.4535 0.3554 0.3597 -0.0500 0.0354  0.0091  517 TYR A CB  
382 C CG  . TYR A 61  ? 0.5043 0.4022 0.4053 -0.0518 0.0383  0.0167  517 TYR A CG  
383 C CD1 . TYR A 61  ? 0.5023 0.4103 0.3982 -0.0542 0.0391  0.0178  517 TYR A CD1 
384 C CD2 . TYR A 61  ? 0.5661 0.4490 0.4672 -0.0504 0.0418  0.0239  517 TYR A CD2 
385 C CE1 . TYR A 61  ? 0.5213 0.4279 0.4124 -0.0552 0.0444  0.0271  517 TYR A CE1 
386 C CE2 . TYR A 61  ? 0.6111 0.4901 0.5079 -0.0526 0.0459  0.0340  517 TYR A CE2 
387 C CZ  . TYR A 61  ? 0.5943 0.4869 0.4865 -0.0552 0.0478  0.0360  517 TYR A CZ  
388 O OH  . TYR A 61  ? 0.6914 0.5827 0.5793 -0.0563 0.0543  0.0484  517 TYR A OH  
389 N N   . GLN A 62  ? 0.4319 0.3501 0.3427 -0.0371 0.0222  0.0182  518 GLN A N   
390 C CA  . GLN A 62  ? 0.4665 0.3895 0.3763 -0.0314 0.0143  0.0251  518 GLN A CA  
391 C C   . GLN A 62  ? 0.4385 0.3717 0.3471 -0.0334 0.0034  0.0206  518 GLN A C   
392 O O   . GLN A 62  ? 0.4088 0.3425 0.3034 -0.0313 -0.0043 0.0218  518 GLN A O   
393 C CB  . GLN A 62  ? 0.5117 0.4367 0.4370 -0.0249 0.0147  0.0310  518 GLN A CB  
394 C CG  . GLN A 62  ? 0.5841 0.5170 0.5132 -0.0184 0.0051  0.0402  518 GLN A CG  
395 C CD  . GLN A 62  ? 0.6529 0.5764 0.5633 -0.0154 0.0045  0.0470  518 GLN A CD  
396 O OE1 . GLN A 62  ? 0.7000 0.6090 0.6034 -0.0160 0.0145  0.0494  518 GLN A OE1 
397 N NE2 . GLN A 62  ? 0.6779 0.6093 0.5796 -0.0126 -0.0079 0.0507  518 GLN A NE2 
398 N N   . GLN A 63  ? 0.4055 0.3444 0.3257 -0.0373 0.0026  0.0154  519 GLN A N   
399 C CA  . GLN A 63  ? 0.4283 0.3723 0.3484 -0.0407 -0.0085 0.0105  519 GLN A CA  
400 C C   . GLN A 63  ? 0.4530 0.3901 0.3526 -0.0413 -0.0091 0.0038  519 GLN A C   
401 O O   . GLN A 63  ? 0.4398 0.3746 0.3275 -0.0400 -0.0194 0.0004  519 GLN A O   
402 C CB  . GLN A 63  ? 0.4216 0.3715 0.3587 -0.0451 -0.0077 0.0085  519 GLN A CB  
403 C CG  . GLN A 63  ? 0.4346 0.3946 0.3934 -0.0427 -0.0046 0.0161  519 GLN A CG  
404 C CD  . GLN A 63  ? 0.4542 0.4226 0.4226 -0.0395 -0.0143 0.0231  519 GLN A CD  
405 O OE1 . GLN A 63  ? 0.4410 0.4128 0.4110 -0.0432 -0.0288 0.0220  519 GLN A OE1 
406 N NE2 . GLN A 63  ? 0.4645 0.4341 0.4379 -0.0323 -0.0083 0.0299  519 GLN A NE2 
407 N N   . CYS A 64  ? 0.4454 0.3794 0.3403 -0.0426 0.0016  0.0016  520 CYS A N   
408 C CA  . CYS A 64  ? 0.4505 0.3817 0.3290 -0.0413 0.0044  -0.0025 520 CYS A CA  
409 C C   . CYS A 64  ? 0.4416 0.3701 0.3015 -0.0359 0.0047  0.0019  520 CYS A C   
410 O O   . CYS A 64  ? 0.4688 0.3951 0.3107 -0.0317 0.0028  -0.0022 520 CYS A O   
411 C CB  . CYS A 64  ? 0.4315 0.3644 0.3147 -0.0446 0.0151  -0.0031 520 CYS A CB  
412 S SG  . CYS A 64  ? 0.4373 0.3735 0.3333 -0.0486 0.0143  -0.0088 520 CYS A SG  
413 N N   . ARG A 65  ? 0.4668 0.3940 0.3290 -0.0349 0.0083  0.0108  521 ARG A N   
414 C CA  . ARG A 65  ? 0.4881 0.4123 0.3321 -0.0292 0.0098  0.0188  521 ARG A CA  
415 C C   . ARG A 65  ? 0.5027 0.4271 0.3329 -0.0241 -0.0045 0.0169  521 ARG A C   
416 O O   . ARG A 65  ? 0.4923 0.4142 0.2970 -0.0181 -0.0061 0.0167  521 ARG A O   
417 C CB  . ARG A 65  ? 0.5259 0.4456 0.3781 -0.0288 0.0149  0.0297  521 ARG A CB  
418 C CG  . ARG A 65  ? 0.5606 0.4754 0.4199 -0.0341 0.0279  0.0336  521 ARG A CG  
419 C CD  A ARG A 65  ? 0.6102 0.5139 0.4754 -0.0330 0.0317  0.0441  521 ARG A CD  
420 C CD  B ARG A 65  ? 0.5666 0.4707 0.4306 -0.0326 0.0315  0.0444  521 ARG A CD  
421 N NE  A ARG A 65  ? 0.6740 0.5749 0.5248 -0.0259 0.0307  0.0564  521 ARG A NE  
422 N NE  B ARG A 65  ? 0.5890 0.4910 0.4365 -0.0272 0.0335  0.0565  521 ARG A NE  
423 C CZ  A ARG A 65  ? 0.7003 0.6014 0.5487 -0.0182 0.0219  0.0618  521 ARG A CZ  
424 C CZ  B ARG A 65  ? 0.5881 0.4894 0.4292 -0.0297 0.0438  0.0640  521 ARG A CZ  
425 N NH1 A ARG A 65  ? 0.7157 0.6219 0.5789 -0.0167 0.0138  0.0566  521 ARG A NH1 
426 N NH1 B ARG A 65  ? 0.5836 0.4871 0.4367 -0.0384 0.0511  0.0600  521 ARG A NH1 
427 N NH2 A ARG A 65  ? 0.7412 0.6395 0.5734 -0.0115 0.0212  0.0744  521 ARG A NH2 
428 N NH2 B ARG A 65  ? 0.5996 0.4995 0.4232 -0.0235 0.0467  0.0770  521 ARG A NH2 
429 N N   . GLU A 66  ? 0.4722 0.4004 0.3186 -0.0263 -0.0156 0.0154  522 GLU A N   
430 C CA  . GLU A 66  ? 0.5042 0.4339 0.3414 -0.0236 -0.0331 0.0133  522 GLU A CA  
431 C C   . GLU A 66  ? 0.4791 0.4022 0.2996 -0.0242 -0.0413 0.0002  522 GLU A C   
432 O O   . GLU A 66  ? 0.5023 0.4219 0.3068 -0.0218 -0.0570 -0.0039 522 GLU A O   
433 C CB  . GLU A 66  ? 0.5516 0.4907 0.4169 -0.0272 -0.0429 0.0161  522 GLU A CB  
434 C CG  . GLU A 66  ? 0.5818 0.5263 0.4612 -0.0228 -0.0392 0.0288  522 GLU A CG  
435 C CD  . GLU A 66  ? 0.6042 0.5620 0.5162 -0.0252 -0.0450 0.0321  522 GLU A CD  
436 O OE1 . GLU A 66  ? 0.6820 0.6445 0.6069 -0.0321 -0.0506 0.0258  522 GLU A OE1 
437 O OE2 . GLU A 66  ? 0.6697 0.6336 0.5960 -0.0196 -0.0427 0.0422  522 GLU A OE2 
438 N N   . ALA A 67  ? 0.4512 0.3716 0.2759 -0.0272 -0.0323 -0.0066 523 ALA A N   
439 C CA  . ALA A 67  ? 0.4756 0.3864 0.2848 -0.0258 -0.0375 -0.0191 523 ALA A CA  
440 C C   . ALA A 67  ? 0.4787 0.3858 0.2622 -0.0174 -0.0245 -0.0210 523 ALA A C   
441 O O   . ALA A 67  ? 0.4879 0.3860 0.2555 -0.0129 -0.0255 -0.0312 523 ALA A O   
442 C CB  . ALA A 67  ? 0.4729 0.3840 0.3060 -0.0332 -0.0375 -0.0237 523 ALA A CB  
443 N N   . PHE A 68  ? 0.4733 0.3867 0.2529 -0.0146 -0.0121 -0.0098 524 PHE A N   
444 C CA  . PHE A 68  ? 0.4788 0.3938 0.2383 -0.0070 0.0026  -0.0069 524 PHE A CA  
445 C C   . PHE A 68  ? 0.4637 0.3829 0.2355 -0.0083 0.0132  -0.0116 524 PHE A C   
446 O O   . PHE A 68  ? 0.4975 0.4162 0.2519 0.0003  0.0205  -0.0155 524 PHE A O   
447 C CB  . PHE A 68  ? 0.5308 0.4370 0.2511 0.0043  -0.0038 -0.0120 524 PHE A CB  
448 C CG  . PHE A 68  ? 0.5524 0.4556 0.2633 0.0046  -0.0195 -0.0086 524 PHE A CG  
449 C CD1 . PHE A 68  ? 0.5533 0.4630 0.2669 0.0052  -0.0141 0.0070  524 PHE A CD1 
450 C CD2 . PHE A 68  ? 0.5638 0.4587 0.2708 0.0024  -0.0410 -0.0197 524 PHE A CD2 
451 C CE1 . PHE A 68  ? 0.5761 0.4854 0.2857 0.0063  -0.0291 0.0120  524 PHE A CE1 
452 C CE2 . PHE A 68  ? 0.5874 0.4843 0.2929 0.0016  -0.0575 -0.0150 524 PHE A CE2 
453 C CZ  . PHE A 68  ? 0.5882 0.4931 0.2946 0.0045  -0.0513 0.0010  524 PHE A CZ  
454 N N   . LEU A 69  ? 0.4474 0.3710 0.2485 -0.0178 0.0131  -0.0112 525 LEU A N   
455 C CA  . LEU A 69  ? 0.4522 0.3819 0.2695 -0.0206 0.0209  -0.0138 525 LEU A CA  
456 C C   . LEU A 69  ? 0.4401 0.3811 0.2714 -0.0250 0.0343  -0.0038 525 LEU A C   
457 O O   . LEU A 69  ? 0.4359 0.3859 0.2764 -0.0250 0.0418  -0.0039 525 LEU A O   
458 C CB  . LEU A 69  ? 0.4403 0.3677 0.2775 -0.0280 0.0125  -0.0184 525 LEU A CB  
459 C CG  . LEU A 69  ? 0.4567 0.3729 0.2884 -0.0268 -0.0009 -0.0276 525 LEU A CG  
460 C CD1 . LEU A 69  ? 0.4500 0.3677 0.3055 -0.0351 -0.0059 -0.0272 525 LEU A CD1 
461 C CD2 . LEU A 69  ? 0.4884 0.3970 0.3042 -0.0182 0.0008  -0.0364 525 LEU A CD2 
462 N N   . VAL A 70  ? 0.4519 0.3922 0.2850 -0.0282 0.0365  0.0052  526 VAL A N   
463 C CA  . VAL A 70  ? 0.4837 0.4302 0.3319 -0.0347 0.0468  0.0145  526 VAL A CA  
464 C C   . VAL A 70  ? 0.5169 0.4576 0.3574 -0.0340 0.0493  0.0256  526 VAL A C   
465 O O   . VAL A 70  ? 0.5041 0.4370 0.3352 -0.0305 0.0406  0.0257  526 VAL A O   
466 C CB  . VAL A 70  ? 0.5064 0.4521 0.3767 -0.0441 0.0434  0.0106  526 VAL A CB  
467 C CG1 . VAL A 70  ? 0.5422 0.4776 0.4163 -0.0469 0.0390  0.0132  526 VAL A CG1 
468 C CG2 . VAL A 70  ? 0.5447 0.4997 0.4315 -0.0514 0.0510  0.0143  526 VAL A CG2 
469 N N   . ASN A 71  ? 0.5529 0.4985 0.4002 -0.0375 0.0606  0.0365  527 ASN A N   
470 C CA  A ASN A 71  ? 0.5944 0.5317 0.4373 -0.0378 0.0635  0.0492  527 ASN A CA  
471 C CA  B ASN A 71  ? 0.6073 0.5462 0.4495 -0.0375 0.0652  0.0504  527 ASN A CA  
472 C C   . ASN A 71  ? 0.6207 0.5519 0.4857 -0.0491 0.0680  0.0563  527 ASN A C   
473 O O   . ASN A 71  ? 0.6875 0.6072 0.5509 -0.0494 0.0699  0.0669  527 ASN A O   
474 C CB  A ASN A 71  ? 0.6167 0.5589 0.4378 -0.0291 0.0722  0.0600  527 ASN A CB  
475 C CB  B ASN A 71  ? 0.6358 0.5843 0.4640 -0.0314 0.0780  0.0620  527 ASN A CB  
476 C CG  A ASN A 71  ? 0.6360 0.5674 0.4455 -0.0257 0.0709  0.0724  527 ASN A CG  
477 C CG  B ASN A 71  ? 0.6507 0.6159 0.4975 -0.0364 0.0891  0.0642  527 ASN A CG  
478 O OD1 A ASN A 71  ? 0.6446 0.5669 0.4507 -0.0234 0.0590  0.0684  527 ASN A OD1 
479 O OD1 B ASN A 71  ? 0.6538 0.6245 0.5170 -0.0414 0.0847  0.0538  527 ASN A OD1 
480 N ND2 A ASN A 71  ? 0.6284 0.5616 0.4357 -0.0259 0.0835  0.0893  527 ASN A ND2 
481 N ND2 B ASN A 71  ? 0.6905 0.6664 0.5363 -0.0348 0.1036  0.0797  527 ASN A ND2 
482 N N   . SER A 72  ? 0.5976 0.5334 0.4820 -0.0582 0.0682  0.0501  528 SER A N   
483 C CA  . SER A 72  ? 0.6011 0.5250 0.5033 -0.0695 0.0684  0.0531  528 SER A CA  
484 C C   . SER A 72  ? 0.5685 0.4880 0.4803 -0.0744 0.0603  0.0394  528 SER A C   
485 O O   . SER A 72  ? 0.4837 0.4154 0.3966 -0.0732 0.0572  0.0305  528 SER A O   
486 C CB  . SER A 72  ? 0.5964 0.5292 0.5153 -0.0792 0.0777  0.0646  528 SER A CB  
487 O OG  . SER A 72  ? 0.5935 0.5455 0.5263 -0.0833 0.0781  0.0592  528 SER A OG  
488 N N   . ASP A 73  ? 0.5941 0.4943 0.5109 -0.0790 0.0578  0.0382  529 ASP A N   
489 C CA  . ASP A 73  ? 0.6227 0.5149 0.5466 -0.0852 0.0519  0.0264  529 ASP A CA  
490 C C   . ASP A 73  ? 0.5884 0.4973 0.5249 -0.0941 0.0508  0.0233  529 ASP A C   
491 O O   . ASP A 73  ? 0.5807 0.4993 0.5165 -0.0926 0.0460  0.0140  529 ASP A O   
492 C CB  . ASP A 73  ? 0.7500 0.6159 0.6777 -0.0906 0.0521  0.0286  529 ASP A CB  
493 C CG  . ASP A 73  ? 0.8095 0.6614 0.7380 -0.0954 0.0458  0.0147  529 ASP A CG  
494 O OD1 . ASP A 73  ? 0.9297 0.7895 0.8663 -0.1052 0.0414  0.0089  529 ASP A OD1 
495 O OD2 . ASP A 73  ? 0.8873 0.7201 0.8076 -0.0886 0.0452  0.0100  529 ASP A OD2 
496 N N   . LEU A 74  ? 0.5913 0.5061 0.5413 -0.1028 0.0558  0.0336  530 LEU A N   
497 C CA  . LEU A 74  ? 0.5593 0.4934 0.5283 -0.1126 0.0544  0.0336  530 LEU A CA  
498 C C   . LEU A 74  ? 0.5064 0.4641 0.4733 -0.1045 0.0546  0.0294  530 LEU A C   
499 O O   . LEU A 74  ? 0.4992 0.4662 0.4744 -0.1084 0.0478  0.0220  530 LEU A O   
500 C CB  . LEU A 74  ? 0.5693 0.5126 0.5570 -0.1217 0.0627  0.0500  530 LEU A CB  
501 N N   . THR A 75  ? 0.5004 0.4665 0.4549 -0.0926 0.0618  0.0341  531 THR A N   
502 C CA  A THR A 75  ? 0.4931 0.4770 0.4440 -0.0835 0.0625  0.0297  531 THR A CA  
503 C CA  B THR A 75  ? 0.4766 0.4605 0.4274 -0.0834 0.0625  0.0297  531 THR A CA  
504 C C   . THR A 75  ? 0.4757 0.4520 0.4175 -0.0795 0.0528  0.0164  531 THR A C   
505 O O   . THR A 75  ? 0.4434 0.4316 0.3911 -0.0780 0.0494  0.0115  531 THR A O   
506 C CB  A THR A 75  ? 0.5267 0.5166 0.4609 -0.0707 0.0717  0.0358  531 THR A CB  
507 C CB  B THR A 75  ? 0.4851 0.4738 0.4184 -0.0705 0.0711  0.0352  531 THR A CB  
508 O OG1 A THR A 75  ? 0.5629 0.5349 0.4795 -0.0669 0.0712  0.0384  531 THR A OG1 
509 O OG1 B THR A 75  ? 0.5077 0.5019 0.4460 -0.0731 0.0821  0.0502  531 THR A OG1 
510 C CG2 A THR A 75  ? 0.5559 0.5653 0.5029 -0.0718 0.0845  0.0499  531 THR A CG2 
511 C CG2 B THR A 75  ? 0.4696 0.4745 0.4008 -0.0607 0.0733  0.0305  531 THR A CG2 
512 N N   . LEU A 76  ? 0.4435 0.4015 0.3733 -0.0773 0.0488  0.0124  532 LEU A N   
513 C CA  . LEU A 76  ? 0.4712 0.4239 0.3946 -0.0738 0.0415  0.0025  532 LEU A CA  
514 C C   . LEU A 76  ? 0.4505 0.4032 0.3822 -0.0812 0.0362  -0.0033 532 LEU A C   
515 O O   . LEU A 76  ? 0.4183 0.3779 0.3500 -0.0791 0.0320  -0.0083 532 LEU A O   
516 C CB  . LEU A 76  ? 0.4341 0.3718 0.3477 -0.0695 0.0394  0.0015  532 LEU A CB  
517 C CG  . LEU A 76  ? 0.4504 0.3863 0.3614 -0.0655 0.0340  -0.0052 532 LEU A CG  
518 C CD1 . LEU A 76  ? 0.4328 0.3783 0.3416 -0.0611 0.0314  -0.0078 532 LEU A CD1 
519 C CD2 . LEU A 76  ? 0.4363 0.3633 0.3431 -0.0607 0.0328  -0.0032 532 LEU A CD2 
520 N N   . ARG A 77  ? 0.4724 0.4155 0.4096 -0.0900 0.0356  -0.0025 533 ARG A N   
521 C CA  . ARG A 77  ? 0.4992 0.4380 0.4399 -0.0977 0.0284  -0.0097 533 ARG A CA  
522 C C   . ARG A 77  ? 0.4872 0.4486 0.4415 -0.1016 0.0249  -0.0088 533 ARG A C   
523 O O   . ARG A 77  ? 0.4740 0.4398 0.4253 -0.1009 0.0181  -0.0149 533 ARG A O   
524 C CB  . ARG A 77  ? 0.5509 0.4710 0.4951 -0.1071 0.0276  -0.0092 533 ARG A CB  
525 C CG  . ARG A 77  ? 0.6037 0.5055 0.5386 -0.1107 0.0200  -0.0207 533 ARG A CG  
526 C CD  . ARG A 77  ? 0.6285 0.5052 0.5653 -0.1191 0.0190  -0.0210 533 ARG A CD  
527 N NE  . ARG A 77  ? 0.6328 0.4889 0.5592 -0.1101 0.0259  -0.0187 533 ARG A NE  
528 C CZ  . ARG A 77  ? 0.5709 0.4112 0.4811 -0.1005 0.0266  -0.0267 533 ARG A CZ  
529 N NH1 . ARG A 77  ? 0.5752 0.4005 0.4809 -0.0920 0.0327  -0.0226 533 ARG A NH1 
530 N NH2 . ARG A 77  ? 0.6207 0.4622 0.5196 -0.0981 0.0219  -0.0374 533 ARG A NH2 
531 N N   . ALA A 78  ? 0.4768 0.4543 0.4463 -0.1042 0.0304  0.0006  534 ALA A N   
532 C CA  . ALA A 78  ? 0.4702 0.4734 0.4564 -0.1054 0.0289  0.0038  534 ALA A CA  
533 C C   . ALA A 78  ? 0.4386 0.4494 0.4160 -0.0933 0.0278  -0.0003 534 ALA A C   
534 O O   . ALA A 78  ? 0.4375 0.4607 0.4218 -0.0936 0.0210  -0.0025 534 ALA A O   
535 C CB  . ALA A 78  ? 0.4881 0.5094 0.4909 -0.1061 0.0393  0.0165  534 ALA A CB  
536 N N   . GLN A 79  ? 0.4253 0.4273 0.3875 -0.0833 0.0332  -0.0010 535 GLN A N   
537 C CA  . GLN A 79  ? 0.4464 0.4510 0.4008 -0.0726 0.0321  -0.0045 535 GLN A CA  
538 C C   . GLN A 79  ? 0.4156 0.4123 0.3634 -0.0735 0.0239  -0.0108 535 GLN A C   
539 O O   . GLN A 79  ? 0.4135 0.4189 0.3643 -0.0697 0.0200  -0.0114 535 GLN A O   
540 C CB  . GLN A 79  ? 0.4587 0.4526 0.3978 -0.0637 0.0368  -0.0049 535 GLN A CB  
541 C CG  . GLN A 79  ? 0.4959 0.4898 0.4285 -0.0534 0.0353  -0.0085 535 GLN A CG  
542 C CD  . GLN A 79  ? 0.5445 0.5558 0.4870 -0.0474 0.0397  -0.0052 535 GLN A CD  
543 O OE1 . GLN A 79  ? 0.5296 0.5476 0.4705 -0.0420 0.0482  -0.0014 535 GLN A OE1 
544 N NE2 . GLN A 79  ? 0.5443 0.5652 0.4976 -0.0472 0.0347  -0.0056 535 GLN A NE2 
545 N N   . LEU A 80  ? 0.4192 0.3999 0.3580 -0.0772 0.0222  -0.0143 536 LEU A N   
546 C CA  . LEU A 80  ? 0.4037 0.3773 0.3331 -0.0765 0.0170  -0.0192 536 LEU A CA  
547 C C   . LEU A 80  ? 0.4154 0.3977 0.3491 -0.0822 0.0093  -0.0215 536 LEU A C   
548 O O   . LEU A 80  ? 0.3949 0.3798 0.3225 -0.0789 0.0049  -0.0228 536 LEU A O   
549 C CB  . LEU A 80  ? 0.4136 0.3696 0.3331 -0.0774 0.0190  -0.0221 536 LEU A CB  
550 C CG  . LEU A 80  ? 0.4319 0.3815 0.3482 -0.0714 0.0237  -0.0192 536 LEU A CG  
551 C CD1 . LEU A 80  ? 0.4433 0.3779 0.3541 -0.0716 0.0262  -0.0204 536 LEU A CD1 
552 C CD2 . LEU A 80  ? 0.4346 0.3868 0.3487 -0.0655 0.0224  -0.0187 536 LEU A CD2 
553 N N   . THR A 81  ? 0.4156 0.4024 0.3604 -0.0914 0.0069  -0.0209 537 THR A N   
554 C CA  . THR A 81  ? 0.4328 0.4293 0.3844 -0.0988 -0.0035 -0.0233 537 THR A CA  
555 C C   . THR A 81  ? 0.4279 0.4489 0.3921 -0.0934 -0.0064 -0.0178 537 THR A C   
556 O O   . THR A 81  ? 0.4185 0.4450 0.3782 -0.0925 -0.0152 -0.0198 537 THR A O   
557 C CB  . THR A 81  ? 0.4287 0.4256 0.3955 -0.1119 -0.0063 -0.0221 537 THR A CB  
558 O OG1 . THR A 81  ? 0.4286 0.3988 0.3819 -0.1157 -0.0049 -0.0278 537 THR A OG1 
559 C CG2 . THR A 81  ? 0.4367 0.4472 0.4150 -0.1215 -0.0202 -0.0242 537 THR A CG2 
560 N N   . GLU A 82  ? 0.4259 0.4601 0.4037 -0.0882 0.0017  -0.0109 538 GLU A N   
561 C CA  . GLU A 82  ? 0.4575 0.5104 0.4453 -0.0788 0.0023  -0.0058 538 GLU A CA  
562 C C   . GLU A 82  ? 0.4242 0.4663 0.3953 -0.0692 0.0004  -0.0082 538 GLU A C   
563 O O   . GLU A 82  ? 0.4148 0.4676 0.3894 -0.0650 -0.0059 -0.0057 538 GLU A O   
564 C CB  . GLU A 82  ? 0.5068 0.5675 0.5030 -0.0713 0.0146  -0.0002 538 GLU A CB  
565 C CG  . GLU A 82  ? 0.5786 0.6599 0.5884 -0.0603 0.0172  0.0053  538 GLU A CG  
566 C CD  . GLU A 82  ? 0.6461 0.7331 0.6587 -0.0509 0.0311  0.0095  538 GLU A CD  
567 O OE1 . GLU A 82  ? 0.7037 0.7709 0.6964 -0.0464 0.0369  0.0055  538 GLU A OE1 
568 O OE2 . GLU A 82  ? 0.6607 0.7733 0.6949 -0.0473 0.0359  0.0172  538 GLU A OE2 
569 N N   . PHE A 83  ? 0.4390 0.4611 0.3940 -0.0665 0.0052  -0.0115 539 PHE A N   
570 C CA  . PHE A 83  ? 0.4011 0.4126 0.3434 -0.0599 0.0039  -0.0117 539 PHE A CA  
571 C C   . PHE A 83  ? 0.4347 0.4459 0.3675 -0.0626 -0.0036 -0.0128 539 PHE A C   
572 O O   . PHE A 83  ? 0.4397 0.4535 0.3687 -0.0567 -0.0068 -0.0088 539 PHE A O   
573 C CB  . PHE A 83  ? 0.4207 0.4141 0.3524 -0.0587 0.0093  -0.0138 539 PHE A CB  
574 C CG  . PHE A 83  ? 0.4249 0.4144 0.3584 -0.0534 0.0145  -0.0135 539 PHE A CG  
575 C CD1 . PHE A 83  ? 0.4689 0.4659 0.4088 -0.0460 0.0162  -0.0118 539 PHE A CD1 
576 C CD2 . PHE A 83  ? 0.4162 0.3932 0.3428 -0.0544 0.0172  -0.0153 539 PHE A CD2 
577 C CE1 . PHE A 83  ? 0.4628 0.4522 0.3974 -0.0399 0.0205  -0.0138 539 PHE A CE1 
578 C CE2 . PHE A 83  ? 0.4455 0.4172 0.3690 -0.0497 0.0194  -0.0161 539 PHE A CE2 
579 C CZ  . PHE A 83  ? 0.4218 0.3983 0.3468 -0.0423 0.0211  -0.0163 539 PHE A CZ  
580 N N   . ARG A 84  ? 0.4319 0.4379 0.3582 -0.0708 -0.0068 -0.0183 540 ARG A N   
581 C CA  . ARG A 84  ? 0.4349 0.4373 0.3452 -0.0722 -0.0142 -0.0215 540 ARG A CA  
582 C C   . ARG A 84  ? 0.4322 0.4527 0.3491 -0.0727 -0.0254 -0.0188 540 ARG A C   
583 O O   . ARG A 84  ? 0.4455 0.4666 0.3473 -0.0682 -0.0310 -0.0173 540 ARG A O   
584 C CB  . ARG A 84  ? 0.4318 0.4201 0.3316 -0.0799 -0.0159 -0.0301 540 ARG A CB  
585 C CG  . ARG A 84  ? 0.4673 0.4436 0.3406 -0.0765 -0.0183 -0.0350 540 ARG A CG  
586 C CD  . ARG A 84  ? 0.4811 0.4417 0.3410 -0.0833 -0.0234 -0.0460 540 ARG A CD  
587 N NE  . ARG A 84  ? 0.5086 0.4590 0.3384 -0.0780 -0.0268 -0.0518 540 ARG A NE  
588 C CZ  . ARG A 84  ? 0.5242 0.4813 0.3409 -0.0788 -0.0395 -0.0542 540 ARG A CZ  
589 N NH1 . ARG A 84  ? 0.5602 0.5044 0.3425 -0.0718 -0.0400 -0.0600 540 ARG A NH1 
590 N NH2 . ARG A 84  ? 0.5178 0.4947 0.3535 -0.0853 -0.0518 -0.0509 540 ARG A NH2 
591 N N   . ASP A 85  ? 0.4050 0.4425 0.3447 -0.0775 -0.0284 -0.0166 541 ASP A N   
592 C CA  . ASP A 85  ? 0.4303 0.4904 0.3833 -0.0778 -0.0396 -0.0124 541 ASP A CA  
593 C C   . ASP A 85  ? 0.4552 0.5240 0.4110 -0.0647 -0.0379 -0.0037 541 ASP A C   
594 O O   . ASP A 85  ? 0.4750 0.5583 0.4332 -0.0621 -0.0485 0.0006  541 ASP A O   
595 C CB  . ASP A 85  ? 0.4414 0.5221 0.4245 -0.0860 -0.0416 -0.0093 541 ASP A CB  
596 C CG  . ASP A 85  ? 0.4892 0.5841 0.4808 -0.0975 -0.0596 -0.0117 541 ASP A CG  
597 O OD1 . ASP A 85  ? 0.4945 0.5828 0.4642 -0.0976 -0.0717 -0.0166 541 ASP A OD1 
598 O OD2 . ASP A 85  ? 0.5318 0.6448 0.5517 -0.1071 -0.0625 -0.0080 541 ASP A OD2 
599 N N   . HIS A 86  ? 0.4688 0.5273 0.4245 -0.0567 -0.0258 -0.0013 542 HIS A N   
600 C CA  . HIS A 86  ? 0.4834 0.5412 0.4397 -0.0443 -0.0234 0.0057  542 HIS A CA  
601 C C   . HIS A 86  ? 0.4927 0.5329 0.4270 -0.0412 -0.0228 0.0074  542 HIS A C   
602 O O   . HIS A 86  ? 0.5231 0.5583 0.4572 -0.0324 -0.0211 0.0144  542 HIS A O   
603 C CB  . HIS A 86  ? 0.4626 0.5140 0.4273 -0.0378 -0.0123 0.0059  542 HIS A CB  
604 C CG  . HIS A 86  ? 0.4786 0.5496 0.4648 -0.0357 -0.0088 0.0077  542 HIS A CG  
605 N ND1 . HIS A 86  ? 0.5269 0.6222 0.5322 -0.0300 -0.0135 0.0146  542 HIS A ND1 
606 C CD2 . HIS A 86  ? 0.4814 0.5526 0.4731 -0.0364 0.0005  0.0056  542 HIS A CD2 
607 C CE1 . HIS A 86  ? 0.5143 0.6253 0.5379 -0.0277 -0.0061 0.0168  542 HIS A CE1 
608 N NE2 . HIS A 86  ? 0.5028 0.5988 0.5169 -0.0313 0.0028  0.0114  542 HIS A NE2 
609 N N   . LYS A 87  ? 0.5358 0.5656 0.4526 -0.0479 -0.0232 0.0019  543 LYS A N   
610 C CA  . LYS A 87  ? 0.5373 0.5533 0.4334 -0.0449 -0.0198 0.0044  543 LYS A CA  
611 C C   . LYS A 87  ? 0.5198 0.5220 0.4202 -0.0420 -0.0095 0.0075  543 LYS A C   
612 O O   . LYS A 87  ? 0.4837 0.4791 0.3781 -0.0377 -0.0064 0.0154  543 LYS A O   
613 C CB  . LYS A 87  ? 0.5859 0.6088 0.4721 -0.0384 -0.0269 0.0131  543 LYS A CB  
614 C CG  . LYS A 87  ? 0.6114 0.6515 0.4977 -0.0411 -0.0411 0.0108  543 LYS A CG  
615 C CD  . LYS A 87  ? 0.6586 0.6939 0.5152 -0.0432 -0.0479 0.0062  543 LYS A CD  
616 C CE  . LYS A 87  ? 0.6605 0.6928 0.4967 -0.0334 -0.0467 0.0171  543 LYS A CE  
617 N NZ  . LYS A 87  ? 0.7235 0.7620 0.5339 -0.0323 -0.0605 0.0155  543 LYS A NZ  
618 N N   . LEU A 88  ? 0.4949 0.4934 0.4055 -0.0451 -0.0050 0.0021  544 LEU A N   
619 C CA  . LEU A 88  ? 0.4724 0.4582 0.3869 -0.0439 0.0016  0.0028  544 LEU A CA  
620 C C   . LEU A 88  ? 0.4418 0.4195 0.3499 -0.0487 0.0067  -0.0010 544 LEU A C   
621 O O   . LEU A 88  ? 0.4369 0.4063 0.3494 -0.0486 0.0104  0.0006  544 LEU A O   
622 C CB  . LEU A 88  ? 0.5033 0.4902 0.4297 -0.0418 0.0028  -0.0001 544 LEU A CB  
623 C CG  . LEU A 88  ? 0.5295 0.5229 0.4644 -0.0334 0.0000  0.0042  544 LEU A CG  
624 C CD1 . LEU A 88  ? 0.5386 0.5304 0.4806 -0.0288 0.0039  0.0002  544 LEU A CD1 
625 C CD2 . LEU A 88  ? 0.5691 0.5522 0.5015 -0.0284 -0.0014 0.0120  544 LEU A CD2 
626 N N   . ILE A 89  ? 0.4449 0.4240 0.3440 -0.0527 0.0058  -0.0064 545 ILE A N   
627 C CA  . ILE A 89  ? 0.4479 0.4180 0.3379 -0.0541 0.0114  -0.0093 545 ILE A CA  
628 C C   . ILE A 89  ? 0.4503 0.4191 0.3214 -0.0537 0.0093  -0.0127 545 ILE A C   
629 O O   . ILE A 89  ? 0.4782 0.4537 0.3455 -0.0554 0.0011  -0.0149 545 ILE A O   
630 C CB  . ILE A 89  ? 0.4848 0.4493 0.3801 -0.0582 0.0141  -0.0151 545 ILE A CB  
631 C CG1 . ILE A 89  ? 0.5008 0.4687 0.3980 -0.0640 0.0091  -0.0209 545 ILE A CG1 
632 C CG2 . ILE A 89  ? 0.4747 0.4383 0.3820 -0.0572 0.0159  -0.0127 545 ILE A CG2 
633 C CD1 . ILE A 89  ? 0.5654 0.5215 0.4567 -0.0676 0.0116  -0.0266 545 ILE A CD1 
634 N N   . ARG A 90  ? 0.4561 0.4174 0.3157 -0.0504 0.0166  -0.0126 546 ARG A N   
635 C CA  . ARG A 90  ? 0.5151 0.4702 0.3501 -0.0475 0.0170  -0.0180 546 ARG A CA  
636 C C   . ARG A 90  ? 0.5124 0.4564 0.3461 -0.0458 0.0257  -0.0226 546 ARG A C   
637 O O   . ARG A 90  ? 0.5219 0.4677 0.3731 -0.0456 0.0315  -0.0172 546 ARG A O   
638 C CB  . ARG A 90  ? 0.5107 0.4700 0.3317 -0.0396 0.0219  -0.0084 546 ARG A CB  
639 N N   . THR A 91  ? 0.5186 0.4499 0.3316 -0.0442 0.0254  -0.0325 547 THR A N   
640 C CA  . THR A 91  ? 0.5389 0.4576 0.3487 -0.0400 0.0344  -0.0365 547 THR A CA  
641 C C   . THR A 91  ? 0.5737 0.4855 0.3566 -0.0289 0.0427  -0.0385 547 THR A C   
642 O O   . THR A 91  ? 0.5750 0.4874 0.3360 -0.0266 0.0384  -0.0406 547 THR A O   
643 C CB  . THR A 91  ? 0.5671 0.4700 0.3758 -0.0468 0.0280  -0.0482 547 THR A CB  
644 O OG1 . THR A 91  ? 0.5325 0.4249 0.3176 -0.0489 0.0190  -0.0593 547 THR A OG1 
645 C CG2 . THR A 91  ? 0.5449 0.4564 0.3775 -0.0572 0.0208  -0.0454 547 THR A CG2 
646 N N   . LYS A 92  ? 0.5967 0.5032 0.3804 -0.0205 0.0552  -0.0371 548 LYS A N   
647 C CA  . LYS A 92  ? 0.6511 0.5504 0.4074 -0.0068 0.0666  -0.0393 548 LYS A CA  
648 C C   . LYS A 92  ? 0.6351 0.5179 0.3903 -0.0004 0.0739  -0.0465 548 LYS A C   
649 O O   . LYS A 92  ? 0.5990 0.4882 0.3820 -0.0019 0.0776  -0.0394 548 LYS A O   
650 C CB  . LYS A 92  ? 0.6689 0.5889 0.4353 0.0004  0.0795  -0.0217 548 LYS A CB  
651 C CG  . LYS A 92  ? 0.7634 0.6824 0.5086 0.0172  0.0973  -0.0189 548 LYS A CG  
652 C CD  . LYS A 92  ? 0.8293 0.7317 0.5274 0.0248  0.0951  -0.0319 548 LYS A CD  
653 C CE  . LYS A 92  ? 0.9127 0.8117 0.5858 0.0448  0.1155  -0.0306 548 LYS A CE  
654 N NZ  . LYS A 92  ? 0.9159 0.8400 0.5950 0.0516  0.1298  -0.0093 548 LYS A NZ  
655 N N   . LYS A 93  ? 0.6997 0.5590 0.4219 0.0069  0.0747  -0.0610 549 LYS A N   
656 C CA  . LYS A 93  ? 0.7359 0.5740 0.4531 0.0160  0.0828  -0.0688 549 LYS A CA  
657 C C   . LYS A 93  ? 0.7784 0.6297 0.5023 0.0333  0.1037  -0.0569 549 LYS A C   
658 O O   . LYS A 93  ? 0.8444 0.7073 0.5524 0.0432  0.1139  -0.0508 549 LYS A O   
659 C CB  . LYS A 93  ? 0.7884 0.5923 0.4646 0.0199  0.0770  -0.0899 549 LYS A CB  
660 C CG  . LYS A 93  ? 0.7992 0.5837 0.4793 0.0026  0.0579  -0.1021 549 LYS A CG  
661 C CD  . LYS A 93  ? 0.8291 0.5747 0.4711 0.0061  0.0514  -0.1237 549 LYS A CD  
662 N N   . GLY A 94  ? 0.7506 0.6024 0.4993 0.0373  0.1103  -0.0517 550 GLY A N   
663 C CA  . GLY A 94  ? 0.7433 0.6094 0.5034 0.0544  0.1298  -0.0400 550 GLY A CA  
664 C C   . GLY A 94  ? 0.7718 0.6111 0.4983 0.0735  0.1415  -0.0531 550 GLY A C   
665 O O   . GLY A 94  ? 0.8513 0.6581 0.5480 0.0712  0.1320  -0.0718 550 GLY A O   
666 N N   . THR A 95  ? 0.7869 0.6399 0.5190 0.0927  0.1622  -0.0428 551 THR A N   
667 C CA  . THR A 95  ? 0.8270 0.6559 0.5320 0.1161  0.1776  -0.0533 551 THR A CA  
668 C C   . THR A 95  ? 0.8270 0.6191 0.5286 0.1157  0.1692  -0.0680 551 THR A C   
669 O O   . THR A 95  ? 0.8729 0.6295 0.5395 0.1304  0.1747  -0.0848 551 THR A O   
670 C CB  . THR A 95  ? 0.8164 0.6758 0.5479 0.1357  0.2017  -0.0337 551 THR A CB  
671 O OG1 . THR A 95  ? 0.7591 0.6366 0.5400 0.1297  0.1981  -0.0202 551 THR A OG1 
672 C CG2 . THR A 95  ? 0.8068 0.7022 0.5448 0.1358  0.2119  -0.0161 551 THR A CG2 
673 N N   . ASP A 96  ? 0.7663 0.5663 0.5039 0.0998  0.1570  -0.0606 552 ASP A N   
674 C CA  . ASP A 96  ? 0.7796 0.5500 0.5218 0.0955  0.1477  -0.0688 552 ASP A CA  
675 C C   . ASP A 96  ? 0.7800 0.5209 0.5028 0.0760  0.1274  -0.0854 552 ASP A C   
676 O O   . ASP A 96  ? 0.7653 0.4835 0.4959 0.0694  0.1194  -0.0893 552 ASP A O   
677 C CB  . ASP A 96  ? 0.7399 0.5373 0.5299 0.0875  0.1439  -0.0501 552 ASP A CB  
678 C CG  . ASP A 96  ? 0.6963 0.5254 0.5073 0.0678  0.1327  -0.0398 552 ASP A CG  
679 O OD1 . ASP A 96  ? 0.6703 0.5008 0.4620 0.0593  0.1272  -0.0459 552 ASP A OD1 
680 O OD2 . ASP A 96  ? 0.6711 0.5221 0.5165 0.0615  0.1286  -0.0260 552 ASP A OD2 
681 N N   . GLY A 97  ? 0.7709 0.5153 0.4725 0.0660  0.1187  -0.0924 553 GLY A N   
682 C CA  . GLY A 97  ? 0.7661 0.4920 0.4579 0.0455  0.0979  -0.1048 553 GLY A CA  
683 C C   . GLY A 97  ? 0.7191 0.4671 0.4469 0.0249  0.0858  -0.0932 553 GLY A C   
684 O O   . GLY A 97  ? 0.7245 0.4614 0.4505 0.0082  0.0703  -0.1007 553 GLY A O   
685 N N   . VAL A 98  ? 0.6723 0.4516 0.4321 0.0263  0.0924  -0.0752 554 VAL A N   
686 C CA  . VAL A 98  ? 0.6563 0.4548 0.4466 0.0097  0.0822  -0.0647 554 VAL A CA  
687 C C   . VAL A 98  ? 0.6191 0.4432 0.4121 0.0004  0.0763  -0.0602 554 VAL A C   
688 O O   . VAL A 98  ? 0.5778 0.4176 0.3648 0.0089  0.0847  -0.0552 554 VAL A O   
689 C CB  . VAL A 98  ? 0.6386 0.4556 0.4598 0.0157  0.0893  -0.0489 554 VAL A CB  
690 C CG1 . VAL A 98  ? 0.5950 0.4297 0.4403 0.0007  0.0788  -0.0399 554 VAL A CG1 
691 C CG2 . VAL A 98  ? 0.6976 0.4898 0.5181 0.0269  0.0952  -0.0511 554 VAL A CG2 
692 N N   . GLU A 99  ? 0.5849 0.4132 0.3875 -0.0159 0.0632  -0.0607 555 GLU A N   
693 C CA  . GLU A 99  ? 0.5789 0.4298 0.3864 -0.0238 0.0571  -0.0558 555 GLU A CA  
694 C C   . GLU A 99  ? 0.5307 0.4071 0.3653 -0.0233 0.0610  -0.0407 555 GLU A C   
695 O O   . GLU A 99  ? 0.5055 0.3841 0.3587 -0.0267 0.0593  -0.0356 555 GLU A O   
696 C CB  . GLU A 99  ? 0.5962 0.4451 0.4073 -0.0394 0.0427  -0.0607 555 GLU A CB  
697 C CG  . GLU A 99  ? 0.6448 0.4703 0.4335 -0.0444 0.0338  -0.0758 555 GLU A CG  
698 C CD  . GLU A 99  ? 0.7068 0.5335 0.4686 -0.0406 0.0303  -0.0828 555 GLU A CD  
699 O OE1 . GLU A 99  ? 0.7436 0.5909 0.5051 -0.0347 0.0354  -0.0740 555 GLU A OE1 
700 O OE2 . GLU A 99  ? 0.7807 0.5852 0.5200 -0.0437 0.0214  -0.0971 555 GLU A OE2 
701 N N   . TYR A 100 ? 0.5014 0.3956 0.3369 -0.0196 0.0654  -0.0334 556 TYR A N   
702 C CA  . TYR A 100 ? 0.4782 0.3942 0.3392 -0.0211 0.0667  -0.0198 556 TYR A CA  
703 C C   . TYR A 100 ? 0.4758 0.4018 0.3399 -0.0302 0.0578  -0.0177 556 TYR A C   
704 O O   . TYR A 100 ? 0.4911 0.4162 0.3376 -0.0303 0.0555  -0.0211 556 TYR A O   
705 C CB  . TYR A 100 ? 0.4914 0.4202 0.3575 -0.0097 0.0803  -0.0097 556 TYR A CB  
706 C CG  . TYR A 100 ? 0.5105 0.4340 0.3827 0.0005  0.0892  -0.0090 556 TYR A CG  
707 C CD1 . TYR A 100 ? 0.5393 0.4436 0.3870 0.0118  0.0971  -0.0186 556 TYR A CD1 
708 C CD2 . TYR A 100 ? 0.4915 0.4260 0.3918 -0.0006 0.0875  0.0000  556 TYR A CD2 
709 C CE1 . TYR A 100 ? 0.5605 0.4572 0.4142 0.0230  0.1054  -0.0180 556 TYR A CE1 
710 C CE2 . TYR A 100 ? 0.5229 0.4536 0.4306 0.0100  0.0946  0.0020  556 TYR A CE2 
711 C CZ  . TYR A 100 ? 0.5452 0.4567 0.4305 0.0224  0.1044  -0.0066 556 TYR A CZ  
712 O OH  . TYR A 100 ? 0.5675 0.4733 0.4605 0.0348  0.1119  -0.0042 556 TYR A OH  
713 N N   . LEU A 101 ? 0.4611 0.3960 0.3455 -0.0363 0.0524  -0.0121 557 LEU A N   
714 C CA  . LEU A 101 ? 0.4531 0.3944 0.3416 -0.0434 0.0441  -0.0112 557 LEU A CA  
715 C C   . LEU A 101 ? 0.4682 0.4214 0.3684 -0.0428 0.0454  -0.0007 557 LEU A C   
716 O O   . LEU A 101 ? 0.4379 0.3971 0.3558 -0.0425 0.0472  0.0063  557 LEU A O   
717 C CB  . LEU A 101 ? 0.4509 0.3913 0.3503 -0.0491 0.0378  -0.0126 557 LEU A CB  
718 C CG  . LEU A 101 ? 0.4863 0.4158 0.3788 -0.0524 0.0357  -0.0202 557 LEU A CG  
719 C CD1 . LEU A 101 ? 0.4951 0.4249 0.3983 -0.0545 0.0338  -0.0175 557 LEU A CD1 
720 C CD2 . LEU A 101 ? 0.5010 0.4319 0.3869 -0.0579 0.0294  -0.0252 557 LEU A CD2 
721 N N   . LEU A 102 ? 0.4737 0.4296 0.3654 -0.0432 0.0432  0.0010  558 LEU A N   
722 C CA  . LEU A 102 ? 0.4954 0.4590 0.3976 -0.0437 0.0432  0.0120  558 LEU A CA  
723 C C   . LEU A 102 ? 0.4751 0.4379 0.3746 -0.0467 0.0343  0.0098  558 LEU A C   
724 O O   . LEU A 102 ? 0.4503 0.4112 0.3389 -0.0478 0.0296  0.0017  558 LEU A O   
725 C CB  . LEU A 102 ? 0.5478 0.5165 0.4397 -0.0371 0.0532  0.0205  558 LEU A CB  
726 C CG  . LEU A 102 ? 0.5888 0.5650 0.4917 -0.0322 0.0650  0.0289  558 LEU A CG  
727 C CD1 . LEU A 102 ? 0.6693 0.6517 0.5573 -0.0239 0.0770  0.0381  558 LEU A CD1 
728 C CD2 . LEU A 102 ? 0.5819 0.5665 0.5163 -0.0380 0.0630  0.0394  558 LEU A CD2 
729 N N   . ILE A 103 ? 0.4639 0.4280 0.3755 -0.0480 0.0316  0.0176  559 ILE A N   
730 C CA  . ILE A 103 ? 0.4542 0.4173 0.3647 -0.0480 0.0246  0.0176  559 ILE A CA  
731 C C   . ILE A 103 ? 0.4505 0.4166 0.3542 -0.0443 0.0273  0.0284  559 ILE A C   
732 O O   . ILE A 103 ? 0.4564 0.4224 0.3707 -0.0448 0.0319  0.0398  559 ILE A O   
733 C CB  . ILE A 103 ? 0.4390 0.3959 0.3656 -0.0505 0.0195  0.0182  559 ILE A CB  
734 C CG1 . ILE A 103 ? 0.4138 0.3681 0.3439 -0.0529 0.0175  0.0092  559 ILE A CG1 
735 C CG2 . ILE A 103 ? 0.4557 0.4101 0.3818 -0.0474 0.0140  0.0190  559 ILE A CG2 
736 C CD1 . ILE A 103 ? 0.4023 0.3480 0.3427 -0.0547 0.0117  0.0082  559 ILE A CD1 
737 N N   . PRO A 104 ? 0.4825 0.4521 0.3704 -0.0410 0.0234  0.0269  560 PRO A N   
738 C CA  . PRO A 104 ? 0.5246 0.4974 0.4016 -0.0361 0.0258  0.0387  560 PRO A CA  
739 C C   . PRO A 104 ? 0.5349 0.5046 0.4236 -0.0348 0.0212  0.0484  560 PRO A C   
740 O O   . PRO A 104 ? 0.5517 0.5251 0.4314 -0.0304 0.0156  0.0516  560 PRO A O   
741 C CB  . PRO A 104 ? 0.5407 0.5178 0.3945 -0.0335 0.0203  0.0311  560 PRO A CB  
742 C CG  . PRO A 104 ? 0.5151 0.4937 0.3795 -0.0381 0.0115  0.0199  560 PRO A CG  
743 C CD  . PRO A 104 ? 0.5031 0.4761 0.3855 -0.0421 0.0155  0.0165  560 PRO A CD  
744 N N   . VAL A 105 ? 0.5054 0.4672 0.4141 -0.0384 0.0219  0.0524  561 VAL A N   
745 C CA  . VAL A 105 ? 0.4884 0.4411 0.4084 -0.0369 0.0177  0.0608  561 VAL A CA  
746 C C   . VAL A 105 ? 0.5022 0.4494 0.4369 -0.0417 0.0234  0.0741  561 VAL A C   
747 O O   . VAL A 105 ? 0.4794 0.4287 0.4238 -0.0472 0.0267  0.0712  561 VAL A O   
748 C CB  . VAL A 105 ? 0.4703 0.4144 0.4007 -0.0376 0.0106  0.0494  561 VAL A CB  
749 C CG1 . VAL A 105 ? 0.4581 0.3866 0.3988 -0.0347 0.0061  0.0560  561 VAL A CG1 
750 C CG2 . VAL A 105 ? 0.4871 0.4415 0.4085 -0.0337 0.0066  0.0392  561 VAL A CG2 
751 N N   . ASP A 106 ? 0.4887 0.4300 0.4273 -0.0399 0.0243  0.0899  562 ASP A N   
752 C CA  . ASP A 106 ? 0.5318 0.4671 0.4905 -0.0464 0.0290  0.1056  562 ASP A CA  
753 C C   . ASP A 106 ? 0.5009 0.4256 0.4818 -0.0557 0.0226  0.0974  562 ASP A C   
754 O O   . ASP A 106 ? 0.4602 0.3713 0.4416 -0.0549 0.0131  0.0845  562 ASP A O   
755 C CB  . ASP A 106 ? 0.5847 0.5070 0.5487 -0.0441 0.0272  0.1224  562 ASP A CB  
756 C CG  . ASP A 106 ? 0.6714 0.6045 0.6133 -0.0350 0.0332  0.1354  562 ASP A CG  
757 O OD1 . ASP A 106 ? 0.7501 0.6993 0.6716 -0.0311 0.0386  0.1305  562 ASP A OD1 
758 O OD2 . ASP A 106 ? 0.7288 0.6525 0.6716 -0.0310 0.0317  0.1502  562 ASP A OD2 
759 N N   . ASN A 107 ? 0.4986 0.4304 0.4972 -0.0632 0.0277  0.1052  563 ASN A N   
760 C CA  . ASN A 107 ? 0.5235 0.4489 0.5427 -0.0727 0.0197  0.0976  563 ASN A CA  
761 C C   . ASN A 107 ? 0.5102 0.4104 0.5455 -0.0791 0.0082  0.0998  563 ASN A C   
762 O O   . ASN A 107 ? 0.4933 0.3800 0.5338 -0.0836 -0.0030 0.0863  563 ASN A O   
763 C CB  . ASN A 107 ? 0.5198 0.4640 0.5583 -0.0786 0.0278  0.1076  563 ASN A CB  
764 C CG  . ASN A 107 ? 0.5207 0.4830 0.5425 -0.0713 0.0369  0.1000  563 ASN A CG  
765 O OD1 . ASN A 107 ? 0.5448 0.5042 0.5445 -0.0654 0.0340  0.0841  563 ASN A OD1 
766 N ND2 . ASN A 107 ? 0.5026 0.4832 0.5373 -0.0717 0.0482  0.1116  563 ASN A ND2 
767 N N   . GLY A 108 ? 0.4972 0.3886 0.5367 -0.0784 0.0109  0.1159  564 GLY A N   
768 C CA  . GLY A 108 ? 0.5270 0.3881 0.5777 -0.0822 -0.0002 0.1170  564 GLY A CA  
769 C C   . GLY A 108 ? 0.5264 0.3707 0.5572 -0.0723 -0.0086 0.0971  564 GLY A C   
770 O O   . GLY A 108 ? 0.5307 0.3506 0.5660 -0.0752 -0.0201 0.0855  564 GLY A O   
771 N N   . THR A 109 ? 0.5007 0.3591 0.5097 -0.0604 -0.0031 0.0928  565 THR A N   
772 C CA  . THR A 109 ? 0.5128 0.3625 0.5068 -0.0501 -0.0085 0.0766  565 THR A CA  
773 C C   . THR A 109 ? 0.4960 0.3464 0.4860 -0.0525 -0.0130 0.0571  565 THR A C   
774 O O   . THR A 109 ? 0.5183 0.3506 0.5036 -0.0485 -0.0200 0.0442  565 THR A O   
775 C CB  . THR A 109 ? 0.5095 0.3794 0.4861 -0.0392 -0.0029 0.0780  565 THR A CB  
776 O OG1 . THR A 109 ? 0.5034 0.3713 0.4802 -0.0352 -0.0001 0.0966  565 THR A OG1 
777 C CG2 . THR A 109 ? 0.5136 0.3816 0.4804 -0.0288 -0.0070 0.0630  565 THR A CG2 
778 N N   . LEU A 110 ? 0.4954 0.3665 0.4860 -0.0579 -0.0084 0.0559  566 LEU A N   
779 C CA  . LEU A 110 ? 0.4627 0.3369 0.4494 -0.0604 -0.0120 0.0406  566 LEU A CA  
780 C C   . LEU A 110 ? 0.4804 0.3343 0.4786 -0.0684 -0.0233 0.0349  566 LEU A C   
781 O O   . LEU A 110 ? 0.4773 0.3203 0.4647 -0.0654 -0.0300 0.0194  566 LEU A O   
782 C CB  . LEU A 110 ? 0.4405 0.3389 0.4273 -0.0634 -0.0041 0.0432  566 LEU A CB  
783 C CG  . LEU A 110 ? 0.4192 0.3338 0.3889 -0.0559 0.0036  0.0420  566 LEU A CG  
784 C CD1 . LEU A 110 ? 0.4147 0.3461 0.3822 -0.0581 0.0104  0.0414  566 LEU A CD1 
785 C CD2 . LEU A 110 ? 0.4432 0.3557 0.4003 -0.0488 0.0003  0.0289  566 LEU A CD2 
786 N N   . THR A 111 ? 0.4838 0.3322 0.5032 -0.0784 -0.0258 0.0480  567 THR A N   
787 C CA  . THR A 111 ? 0.5321 0.3580 0.5662 -0.0887 -0.0397 0.0444  567 THR A CA  
788 C C   . THR A 111 ? 0.5733 0.3650 0.5942 -0.0819 -0.0489 0.0323  567 THR A C   
789 O O   . THR A 111 ? 0.6005 0.3752 0.6115 -0.0819 -0.0599 0.0153  567 THR A O   
790 C CB  . THR A 111 ? 0.5531 0.3808 0.6171 -0.1011 -0.0388 0.0656  567 THR A CB  
791 O OG1 . THR A 111 ? 0.5234 0.3842 0.5980 -0.1041 -0.0277 0.0766  567 THR A OG1 
792 C CG2 . THR A 111 ? 0.5588 0.3627 0.6430 -0.1150 -0.0559 0.0628  567 THR A CG2 
793 N N   . ASP A 112 ? 0.5738 0.3560 0.5921 -0.0742 -0.0438 0.0409  568 ASP A N   
794 C CA  . ASP A 112 ? 0.6208 0.3718 0.6257 -0.0634 -0.0493 0.0305  568 ASP A CA  
795 C C   . ASP A 112 ? 0.6227 0.3771 0.6031 -0.0507 -0.0483 0.0107  568 ASP A C   
796 O O   . ASP A 112 ? 0.6589 0.3870 0.6272 -0.0452 -0.0561 -0.0041 568 ASP A O   
797 C CB  . ASP A 112 ? 0.6226 0.3719 0.6278 -0.0537 -0.0418 0.0451  568 ASP A CB  
798 C CG  . ASP A 112 ? 0.6507 0.3925 0.6781 -0.0645 -0.0416 0.0668  568 ASP A CG  
799 O OD1 . ASP A 112 ? 0.6530 0.3882 0.6993 -0.0801 -0.0486 0.0696  568 ASP A OD1 
800 O OD2 . ASP A 112 ? 0.6666 0.4108 0.6941 -0.0576 -0.0347 0.0826  568 ASP A OD2 
801 N N   . PHE A 113 ? 0.6168 0.4031 0.5897 -0.0464 -0.0385 0.0110  569 PHE A N   
802 C CA  . PHE A 113 ? 0.6310 0.4246 0.5843 -0.0361 -0.0358 -0.0045 569 PHE A CA  
803 C C   . PHE A 113 ? 0.6876 0.4687 0.6316 -0.0405 -0.0451 -0.0197 569 PHE A C   
804 O O   . PHE A 113 ? 0.6595 0.4234 0.5847 -0.0300 -0.0477 -0.0343 569 PHE A O   
805 C CB  . PHE A 113 ? 0.5943 0.4231 0.5452 -0.0344 -0.0252 0.0000  569 PHE A CB  
806 C CG  . PHE A 113 ? 0.6247 0.4634 0.5603 -0.0257 -0.0213 -0.0123 569 PHE A CG  
807 C CD1 . PHE A 113 ? 0.6563 0.4986 0.5856 -0.0120 -0.0161 -0.0143 569 PHE A CD1 
808 C CD2 . PHE A 113 ? 0.6177 0.4626 0.5469 -0.0307 -0.0226 -0.0201 569 PHE A CD2 
809 C CE1 . PHE A 113 ? 0.6964 0.5499 0.6151 -0.0043 -0.0108 -0.0230 569 PHE A CE1 
810 C CE2 . PHE A 113 ? 0.6641 0.5176 0.5793 -0.0229 -0.0177 -0.0287 569 PHE A CE2 
811 C CZ  . PHE A 113 ? 0.6915 0.5502 0.6023 -0.0101 -0.0111 -0.0299 569 PHE A CZ  
812 N N   . LEU A 114 ? 0.7042 0.4944 0.6611 -0.0545 -0.0499 -0.0155 570 LEU A N   
813 C CA  . LEU A 114 ? 0.7250 0.5056 0.6755 -0.0603 -0.0618 -0.0278 570 LEU A CA  
814 C C   . LEU A 114 ? 0.7956 0.5374 0.7415 -0.0623 -0.0775 -0.0384 570 LEU A C   
815 O O   . LEU A 114 ? 0.8604 0.5866 0.7842 -0.0576 -0.0857 -0.0551 570 LEU A O   
816 C CB  . LEU A 114 ? 0.6959 0.4975 0.6670 -0.0746 -0.0644 -0.0183 570 LEU A CB  
817 C CG  . LEU A 114 ? 0.6813 0.5157 0.6512 -0.0726 -0.0524 -0.0136 570 LEU A CG  
818 C CD1 . LEU A 114 ? 0.6771 0.5269 0.6674 -0.0842 -0.0570 -0.0062 570 LEU A CD1 
819 C CD2 . LEU A 114 ? 0.6868 0.5252 0.6314 -0.0623 -0.0489 -0.0261 570 LEU A CD2 
820 N N   . GLU A 115 ? 0.8433 0.5677 0.8078 -0.0690 -0.0816 -0.0288 571 GLU A N   
821 C CA  . GLU A 115 ? 0.9329 0.6138 0.8932 -0.0704 -0.0966 -0.0389 571 GLU A CA  
822 C C   . GLU A 115 ? 1.0253 0.6794 0.9558 -0.0502 -0.0939 -0.0546 571 GLU A C   
823 O O   . GLU A 115 ? 1.1155 0.7297 1.0332 -0.0486 -0.1073 -0.0690 571 GLU A O   
824 C CB  . GLU A 115 ? 0.9401 0.6088 0.9307 -0.0827 -0.0998 -0.0213 571 GLU A CB  
825 C CG  . GLU A 115 ? 0.9482 0.6286 0.9688 -0.1044 -0.1099 -0.0113 571 GLU A CG  
826 C CD  . GLU A 115 ? 0.9257 0.6164 0.9805 -0.1156 -0.1034 0.0146  571 GLU A CD  
827 O OE1 . GLU A 115 ? 0.8958 0.5687 0.9514 -0.1100 -0.0981 0.0230  571 GLU A OE1 
828 O OE2 . GLU A 115 ? 0.9054 0.6233 0.9864 -0.1291 -0.1027 0.0279  571 GLU A OE2 
829 N N   . LYS A 116 ? 1.0268 0.7025 0.9473 -0.0347 -0.0774 -0.0517 572 LYS A N   
830 C CA  . LYS A 116 ? 1.0415 0.7015 0.9369 -0.0131 -0.0713 -0.0645 572 LYS A CA  
831 C C   . LYS A 116 ? 1.0307 0.7031 0.9005 -0.0046 -0.0677 -0.0786 572 LYS A C   
832 O O   . LYS A 116 ? 1.1024 0.7496 0.9456 0.0087  -0.0702 -0.0955 572 LYS A O   
833 C CB  . LYS A 116 ? 1.0454 0.7264 0.9490 -0.0011 -0.0560 -0.0512 572 LYS A CB  
834 C CG  . LYS A 116 ? 1.1051 0.7613 1.0217 0.0016  -0.0582 -0.0410 572 LYS A CG  
835 C CD  . LYS A 116 ? 1.1021 0.7449 1.0414 -0.0193 -0.0690 -0.0299 572 LYS A CD  
836 C CE  . LYS A 116 ? 1.0987 0.7428 1.0578 -0.0202 -0.0639 -0.0079 572 LYS A CE  
837 N NZ  . LYS A 116 ? 1.1120 0.7562 1.0965 -0.0416 -0.0697 0.0075  572 LYS A NZ  
838 N N   . GLU A 117 ? 1.0433 0.7532 0.9196 -0.0112 -0.0609 -0.0714 573 GLU A N   
839 C CA  . GLU A 117 ? 1.0345 0.7586 0.8886 -0.0049 -0.0567 -0.0813 573 GLU A CA  
840 C C   . GLU A 117 ? 1.1214 0.8223 0.9561 -0.0100 -0.0730 -0.0963 573 GLU A C   
841 O O   . GLU A 117 ? 1.2042 0.9163 1.0192 -0.0058 -0.0710 -0.1026 573 GLU A O   
842 C CB  . GLU A 117 ? 0.9465 0.7115 0.8139 -0.0122 -0.0471 -0.0691 573 GLU A CB  
843 C CG  A GLU A 117 ? 0.8556 0.6449 0.7356 -0.0067 -0.0331 -0.0572 573 GLU A CG  
844 C CD  A GLU A 117 ? 0.8195 0.6261 0.6866 0.0074  -0.0204 -0.0607 573 GLU A CD  
845 O OE1 A GLU A 117 ? 0.7965 0.6188 0.6554 0.0055  -0.0168 -0.0624 573 GLU A OE1 
846 O OE2 A GLU A 117 ? 0.8001 0.6061 0.6674 0.0205  -0.0136 -0.0598 573 GLU A OE2 
847 N N   . GLU A 118 ? 1.1668 0.8363 1.0083 -0.0200 -0.0900 -0.1006 574 GLU A N   
848 C CA  . GLU A 118 ? 1.1992 0.8399 1.0201 -0.0237 -0.1093 -0.1176 574 GLU A CA  
849 C C   . GLU A 118 ? 1.2831 0.8816 1.1136 -0.0315 -0.1256 -0.1221 574 GLU A C   
850 O O   . GLU A 118 ? 1.2951 0.8957 1.1572 -0.0513 -0.1362 -0.1111 574 GLU A O   
851 C CB  . GLU A 118 ? 1.1801 0.8447 1.0134 -0.0399 -0.1184 -0.1121 574 GLU A CB  
852 N N   . GLU A 119 ? 1.3416 0.9024 1.1465 -0.0153 -0.1261 -0.1371 575 GLU A N   
853 C CA  . GLU A 119 ? 1.3606 0.8716 1.1691 -0.0205 -0.1426 -0.1445 575 GLU A CA  
854 C C   . GLU A 119 ? 1.2777 0.7930 1.1281 -0.0323 -0.1393 -0.1226 575 GLU A C   
855 O O   . GLU A 119 ? 1.1784 0.6902 1.0316 -0.0189 -0.1258 -0.1156 575 GLU A O   
856 C CB  . GLU A 119 ? 1.4150 0.9001 1.2175 -0.0372 -0.1703 -0.1582 575 GLU A CB  
# 
loop_
_pdbx_poly_seq_scheme.asym_id 
_pdbx_poly_seq_scheme.entity_id 
_pdbx_poly_seq_scheme.seq_id 
_pdbx_poly_seq_scheme.mon_id 
_pdbx_poly_seq_scheme.ndb_seq_num 
_pdbx_poly_seq_scheme.pdb_seq_num 
_pdbx_poly_seq_scheme.auth_seq_num 
_pdbx_poly_seq_scheme.pdb_mon_id 
_pdbx_poly_seq_scheme.auth_mon_id 
_pdbx_poly_seq_scheme.pdb_strand_id 
_pdbx_poly_seq_scheme.pdb_ins_code 
_pdbx_poly_seq_scheme.hetero 
A 1 1   GLY 1   457 ?   ?   ?   A . n 
A 1 2   THR 2   458 ?   ?   ?   A . n 
A 1 3   SER 3   459 ?   ?   ?   A . n 
A 1 4   TYR 4   460 ?   ?   ?   A . n 
A 1 5   GLU 5   461 ?   ?   ?   A . n 
A 1 6   ASN 6   462 ?   ?   ?   A . n 
A 1 7   SER 7   463 ?   ?   ?   A . n 
A 1 8   LEU 8   464 ?   ?   ?   A . n 
A 1 9   LEU 9   465 ?   ?   ?   A . n 
A 1 10  VAL 10  466 ?   ?   ?   A . n 
A 1 11  LYS 11  467 ?   ?   ?   A . n 
A 1 12  GLN 12  468 ?   ?   ?   A . n 
A 1 13  SER 13  469 ?   ?   ?   A . n 
A 1 14  GLY 14  470 ?   ?   ?   A . n 
A 1 15  SER 15  471 471 SER SER A . n 
A 1 16  LEU 16  472 472 LEU LEU A . n 
A 1 17  PRO 17  473 473 PRO PRO A . n 
A 1 18  LEU 18  474 474 LEU LEU A . n 
A 1 19  SER 19  475 475 SER SER A . n 
A 1 20  SER 20  476 476 SER SER A . n 
A 1 21  LEU 21  477 477 LEU LEU A . n 
A 1 22  THR 22  478 478 THR THR A . n 
A 1 23  HIS 23  479 479 HIS HIS A . n 
A 1 24  VAL 24  480 480 VAL VAL A . n 
A 1 25  LEU 25  481 481 LEU LEU A . n 
A 1 26  ARG 26  482 482 ARG ARG A . n 
A 1 27  SER 27  483 483 SER SER A . n 
A 1 28  LEU 28  484 484 LEU LEU A . n 
A 1 29  THR 29  485 485 THR THR A . n 
A 1 30  PRO 30  486 486 PRO PRO A . n 
A 1 31  ASN 31  487 487 ASN ASN A . n 
A 1 32  ALA 32  488 488 ALA ALA A . n 
A 1 33  ARG 33  489 489 ARG ARG A . n 
A 1 34  GLY 34  490 490 GLY GLY A . n 
A 1 35  ILE 35  491 491 ILE ILE A . n 
A 1 36  PHE 36  492 492 PHE PHE A . n 
A 1 37  ARG 37  493 493 ARG ARG A . n 
A 1 38  LEU 38  494 494 LEU LEU A . n 
A 1 39  LEU 39  495 495 LEU LEU A . n 
A 1 40  ILE 40  496 496 ILE ILE A . n 
A 1 41  LYS 41  497 497 LYS LYS A . n 
A 1 42  TYR 42  498 498 TYR TYR A . n 
A 1 43  GLN 43  499 499 GLN GLN A . n 
A 1 44  LEU 44  500 500 LEU LEU A . n 
A 1 45  ASP 45  501 501 ASP ASP A . n 
A 1 46  ASN 46  502 502 ASN ASN A . n 
A 1 47  GLN 47  503 503 GLN GLN A . n 
A 1 48  ASP 48  504 504 ASP ASP A . n 
A 1 49  ASN 49  505 505 ASN ASN A . n 
A 1 50  PRO 50  506 506 PRO PRO A . n 
A 1 51  SER 51  507 507 SER SER A . n 
A 1 52  TYR 52  508 508 TYR TYR A . n 
A 1 53  ILE 53  509 509 ILE ILE A . n 
A 1 54  GLY 54  510 510 GLY GLY A . n 
A 1 55  LEU 55  511 511 LEU LEU A . n 
A 1 56  SER 56  512 512 SER SER A . n 
A 1 57  PHE 57  513 513 PHE PHE A . n 
A 1 58  GLN 58  514 514 GLN GLN A . n 
A 1 59  ASP 59  515 515 ASP ASP A . n 
A 1 60  PHE 60  516 516 PHE PHE A . n 
A 1 61  TYR 61  517 517 TYR TYR A . n 
A 1 62  GLN 62  518 518 GLN GLN A . n 
A 1 63  GLN 63  519 519 GLN GLN A . n 
A 1 64  CYS 64  520 520 CYS CYS A . n 
A 1 65  ARG 65  521 521 ARG ARG A . n 
A 1 66  GLU 66  522 522 GLU GLU A . n 
A 1 67  ALA 67  523 523 ALA ALA A . n 
A 1 68  PHE 68  524 524 PHE PHE A . n 
A 1 69  LEU 69  525 525 LEU LEU A . n 
A 1 70  VAL 70  526 526 VAL VAL A . n 
A 1 71  ASN 71  527 527 ASN ASN A . n 
A 1 72  SER 72  528 528 SER SER A . n 
A 1 73  ASP 73  529 529 ASP ASP A . n 
A 1 74  LEU 74  530 530 LEU LEU A . n 
A 1 75  THR 75  531 531 THR THR A . n 
A 1 76  LEU 76  532 532 LEU LEU A . n 
A 1 77  ARG 77  533 533 ARG ARG A . n 
A 1 78  ALA 78  534 534 ALA ALA A . n 
A 1 79  GLN 79  535 535 GLN GLN A . n 
A 1 80  LEU 80  536 536 LEU LEU A . n 
A 1 81  THR 81  537 537 THR THR A . n 
A 1 82  GLU 82  538 538 GLU GLU A . n 
A 1 83  PHE 83  539 539 PHE PHE A . n 
A 1 84  ARG 84  540 540 ARG ARG A . n 
A 1 85  ASP 85  541 541 ASP ASP A . n 
A 1 86  HIS 86  542 542 HIS HIS A . n 
A 1 87  LYS 87  543 543 LYS LYS A . n 
A 1 88  LEU 88  544 544 LEU LEU A . n 
A 1 89  ILE 89  545 545 ILE ILE A . n 
A 1 90  ARG 90  546 546 ARG ARG A . n 
A 1 91  THR 91  547 547 THR THR A . n 
A 1 92  LYS 92  548 548 LYS LYS A . n 
A 1 93  LYS 93  549 549 LYS LYS A . n 
A 1 94  GLY 94  550 550 GLY GLY A . n 
A 1 95  THR 95  551 551 THR THR A . n 
A 1 96  ASP 96  552 552 ASP ASP A . n 
A 1 97  GLY 97  553 553 GLY GLY A . n 
A 1 98  VAL 98  554 554 VAL VAL A . n 
A 1 99  GLU 99  555 555 GLU GLU A . n 
A 1 100 TYR 100 556 556 TYR TYR A . n 
A 1 101 LEU 101 557 557 LEU LEU A . n 
A 1 102 LEU 102 558 558 LEU LEU A . n 
A 1 103 ILE 103 559 559 ILE ILE A . n 
A 1 104 PRO 104 560 560 PRO PRO A . n 
A 1 105 VAL 105 561 561 VAL VAL A . n 
A 1 106 ASP 106 562 562 ASP ASP A . n 
A 1 107 ASN 107 563 563 ASN ASN A . n 
A 1 108 GLY 108 564 564 GLY GLY A . n 
A 1 109 THR 109 565 565 THR THR A . n 
A 1 110 LEU 110 566 566 LEU LEU A . n 
A 1 111 THR 111 567 567 THR THR A . n 
A 1 112 ASP 112 568 568 ASP ASP A . n 
A 1 113 PHE 113 569 569 PHE PHE A . n 
A 1 114 LEU 114 570 570 LEU LEU A . n 
A 1 115 GLU 115 571 571 GLU GLU A . n 
A 1 116 LYS 116 572 572 LYS LYS A . n 
A 1 117 GLU 117 573 573 GLU GLU A . n 
A 1 118 GLU 118 574 574 GLU GLU A . n 
A 1 119 GLU 119 575 575 GLU GLU A . n 
A 1 120 GLU 120 576 ?   ?   ?   A . n 
A 1 121 ALA 121 577 ?   ?   ?   A . n 
# 
_pdbx_SG_project.id                    1 
_pdbx_SG_project.project_name          ? 
_pdbx_SG_project.full_name_of_center   'Structural Genomics Consortium' 
_pdbx_SG_project.initial_of_center     SGC 
# 
loop_
_pdbx_nonpoly_scheme.asym_id 
_pdbx_nonpoly_scheme.entity_id 
_pdbx_nonpoly_scheme.mon_id 
_pdbx_nonpoly_scheme.ndb_seq_num 
_pdbx_nonpoly_scheme.pdb_seq_num 
_pdbx_nonpoly_scheme.auth_seq_num 
_pdbx_nonpoly_scheme.pdb_mon_id 
_pdbx_nonpoly_scheme.auth_mon_id 
_pdbx_nonpoly_scheme.pdb_strand_id 
_pdbx_nonpoly_scheme.pdb_ins_code 
B 2 UNX 1  601 1  UNX UNX A . 
C 2 UNX 1  602 2  UNX UNX A . 
D 2 UNX 1  603 3  UNX UNX A . 
E 3 HOH 1  701 12 HOH HOH A . 
E 3 HOH 2  702 22 HOH HOH A . 
E 3 HOH 3  703 11 HOH HOH A . 
E 3 HOH 4  704 4  HOH HOH A . 
E 3 HOH 5  705 14 HOH HOH A . 
E 3 HOH 6  706 5  HOH HOH A . 
E 3 HOH 7  707 15 HOH HOH A . 
E 3 HOH 8  708 9  HOH HOH A . 
E 3 HOH 9  709 1  HOH HOH A . 
E 3 HOH 10 710 16 HOH HOH A . 
E 3 HOH 11 711 8  HOH HOH A . 
E 3 HOH 12 712 20 HOH HOH A . 
E 3 HOH 13 713 21 HOH HOH A . 
E 3 HOH 14 714 24 HOH HOH A . 
E 3 HOH 15 715 7  HOH HOH A . 
E 3 HOH 16 716 13 HOH HOH A . 
E 3 HOH 17 717 10 HOH HOH A . 
E 3 HOH 18 718 23 HOH HOH A . 
E 3 HOH 19 719 3  HOH HOH A . 
E 3 HOH 20 720 2  HOH HOH A . 
E 3 HOH 21 721 18 HOH HOH A . 
E 3 HOH 22 722 19 HOH HOH A . 
E 3 HOH 23 723 17 HOH HOH A . 
E 3 HOH 24 724 25 HOH HOH A . 
# 
_pdbx_struct_assembly.id                   1 
_pdbx_struct_assembly.details              software_defined_assembly 
_pdbx_struct_assembly.method_details       PISA 
_pdbx_struct_assembly.oligomeric_details   monomeric 
_pdbx_struct_assembly.oligomeric_count     1 
# 
_pdbx_struct_assembly_gen.assembly_id       1 
_pdbx_struct_assembly_gen.oper_expression   1 
_pdbx_struct_assembly_gen.asym_id_list      A,B,C,D,E 
# 
_pdbx_struct_oper_list.id                   1 
_pdbx_struct_oper_list.type                 'identity operation' 
_pdbx_struct_oper_list.name                 1_555 
_pdbx_struct_oper_list.symmetry_operation   x,y,z 
_pdbx_struct_oper_list.matrix[1][1]         1.0000000000 
_pdbx_struct_oper_list.matrix[1][2]         0.0000000000 
_pdbx_struct_oper_list.matrix[1][3]         0.0000000000 
_pdbx_struct_oper_list.vector[1]            0.0000000000 
_pdbx_struct_oper_list.matrix[2][1]         0.0000000000 
_pdbx_struct_oper_list.matrix[2][2]         1.0000000000 
_pdbx_struct_oper_list.matrix[2][3]         0.0000000000 
_pdbx_struct_oper_list.vector[2]            0.0000000000 
_pdbx_struct_oper_list.matrix[3][1]         0.0000000000 
_pdbx_struct_oper_list.matrix[3][2]         0.0000000000 
_pdbx_struct_oper_list.matrix[3][3]         1.0000000000 
_pdbx_struct_oper_list.vector[3]            0.0000000000 
# 
loop_
_pdbx_audit_revision_history.ordinal 
_pdbx_audit_revision_history.data_content_type 
_pdbx_audit_revision_history.major_revision 
_pdbx_audit_revision_history.minor_revision 
_pdbx_audit_revision_history.revision_date 
1 'Structure model' 1 0 2015-07-08 
2 'Structure model' 1 1 2017-11-22 
3 'Structure model' 1 2 2023-09-27 
# 
_pdbx_audit_revision_details.ordinal             1 
_pdbx_audit_revision_details.revision_ordinal    1 
_pdbx_audit_revision_details.data_content_type   'Structure model' 
_pdbx_audit_revision_details.provider            repository 
_pdbx_audit_revision_details.type                'Initial release' 
_pdbx_audit_revision_details.description         ? 
_pdbx_audit_revision_details.details             ? 
# 
loop_
_pdbx_audit_revision_group.ordinal 
_pdbx_audit_revision_group.revision_ordinal 
_pdbx_audit_revision_group.data_content_type 
_pdbx_audit_revision_group.group 
1 2 'Structure model' 'Derived calculations'   
2 2 'Structure model' 'Refinement description' 
3 2 'Structure model' 'Source and taxonomy'    
4 3 'Structure model' 'Data collection'        
5 3 'Structure model' 'Database references'    
6 3 'Structure model' 'Refinement description' 
# 
loop_
_pdbx_audit_revision_category.ordinal 
_pdbx_audit_revision_category.revision_ordinal 
_pdbx_audit_revision_category.data_content_type 
_pdbx_audit_revision_category.category 
1 2 'Structure model' entity_src_gen                
2 2 'Structure model' pdbx_struct_oper_list         
3 2 'Structure model' software                      
4 3 'Structure model' chem_comp_atom                
5 3 'Structure model' chem_comp_bond                
6 3 'Structure model' database_2                    
7 3 'Structure model' diffrn_radiation_wavelength   
8 3 'Structure model' pdbx_initial_refinement_model 
# 
loop_
_pdbx_audit_revision_item.ordinal 
_pdbx_audit_revision_item.revision_ordinal 
_pdbx_audit_revision_item.data_content_type 
_pdbx_audit_revision_item.item 
1 2 'Structure model' '_entity_src_gen.pdbx_alt_source_flag'      
2 2 'Structure model' '_pdbx_struct_oper_list.symmetry_operation' 
3 3 'Structure model' '_database_2.pdbx_DOI'                      
4 3 'Structure model' '_database_2.pdbx_database_accession'       
# 
_pdbx_refine_tls.id               1 
_pdbx_refine_tls.pdbx_refine_id   'X-RAY DIFFRACTION' 
_pdbx_refine_tls.details          ? 
_pdbx_refine_tls.method           refined 
_pdbx_refine_tls.origin_x         -0.1855 
_pdbx_refine_tls.origin_y         0.0943 
_pdbx_refine_tls.origin_z         0.0194 
_pdbx_refine_tls.T[1][1]          0.0910 
_pdbx_refine_tls.T[1][1]_esd      ? 
_pdbx_refine_tls.T[1][2]          -0.0545 
_pdbx_refine_tls.T[1][2]_esd      ? 
_pdbx_refine_tls.T[1][3]          0.0132 
_pdbx_refine_tls.T[1][3]_esd      ? 
_pdbx_refine_tls.T[2][2]          0.0399 
_pdbx_refine_tls.T[2][2]_esd      ? 
_pdbx_refine_tls.T[2][3]          -0.0090 
_pdbx_refine_tls.T[2][3]_esd      ? 
_pdbx_refine_tls.T[3][3]          0.0167 
_pdbx_refine_tls.T[3][3]_esd      ? 
_pdbx_refine_tls.L[1][1]          2.5619 
_pdbx_refine_tls.L[1][1]_esd      ? 
_pdbx_refine_tls.L[1][2]          -0.7996 
_pdbx_refine_tls.L[1][2]_esd      ? 
_pdbx_refine_tls.L[1][3]          0.2479 
_pdbx_refine_tls.L[1][3]_esd      ? 
_pdbx_refine_tls.L[2][2]          2.8816 
_pdbx_refine_tls.L[2][2]_esd      ? 
_pdbx_refine_tls.L[2][3]          -1.0152 
_pdbx_refine_tls.L[2][3]_esd      ? 
_pdbx_refine_tls.L[3][3]          2.4916 
_pdbx_refine_tls.L[3][3]_esd      ? 
_pdbx_refine_tls.S[1][1]          -0.0614 
_pdbx_refine_tls.S[1][1]_esd      ? 
_pdbx_refine_tls.S[1][2]          0.0799 
_pdbx_refine_tls.S[1][2]_esd      ? 
_pdbx_refine_tls.S[1][3]          0.1552 
_pdbx_refine_tls.S[1][3]_esd      ? 
_pdbx_refine_tls.S[2][1]          0.0090 
_pdbx_refine_tls.S[2][1]_esd      ? 
_pdbx_refine_tls.S[2][2]          -0.0385 
_pdbx_refine_tls.S[2][2]_esd      ? 
_pdbx_refine_tls.S[2][3]          -0.1082 
_pdbx_refine_tls.S[2][3]_esd      ? 
_pdbx_refine_tls.S[3][1]          -0.0721 
_pdbx_refine_tls.S[3][1]_esd      ? 
_pdbx_refine_tls.S[3][2]          -0.0615 
_pdbx_refine_tls.S[3][2]_esd      ? 
_pdbx_refine_tls.S[3][3]          0.0999 
_pdbx_refine_tls.S[3][3]_esd      ? 
# 
_pdbx_refine_tls_group.id                  1 
_pdbx_refine_tls_group.pdbx_refine_id      'X-RAY DIFFRACTION' 
_pdbx_refine_tls_group.refine_tls_id       1 
_pdbx_refine_tls_group.beg_label_asym_id   ? 
_pdbx_refine_tls_group.beg_label_seq_id    ? 
_pdbx_refine_tls_group.beg_auth_asym_id    A 
_pdbx_refine_tls_group.beg_auth_seq_id     471 
_pdbx_refine_tls_group.end_label_asym_id   ? 
_pdbx_refine_tls_group.end_label_seq_id    ? 
_pdbx_refine_tls_group.end_auth_asym_id    A 
_pdbx_refine_tls_group.end_auth_seq_id     575 
_pdbx_refine_tls_group.selection           ? 
_pdbx_refine_tls_group.selection_details   ? 
# 
_phasing.method   MR 
# 
loop_
_software.citation_id 
_software.classification 
_software.compiler_name 
_software.compiler_version 
_software.contact_author 
_software.contact_author_email 
_software.date 
_software.description 
_software.dependencies 
_software.hardware 
_software.language 
_software.location 
_software.mods 
_software.name 
_software.os 
_software.os_version 
_software.type 
_software.version 
_software.pdbx_ordinal 
? 'data scaling'    ? ? ? ? ? ? ? ? ? ? ? Aimless     ? ? ? 0.5.7    1 
? phasing           ? ? ? ? ? ? ? ? ? ? ? PHASER      ? ? ? .        2 
? refinement        ? ? ? ? ? ? ? ? ? ? ? REFMAC      ? ? ? 5.8.0123 3 
? 'data extraction' ? ? ? ? ? ? ? ? ? ? ? PDB_EXTRACT ? ? ? 3.15     4 
? 'data reduction'  ? ? ? ? ? ? ? ? ? ? ? XDS         ? ? ? .        5 
? 'model building'  ? ? ? ? ? ? ? ? ? ? ? Coot        ? ? ? .        6 
? refinement        ? ? ? ? ? ? ? ? ? ? ? PHENIX      ? ? ? .        7 
? 'model building'  ? ? ? ? ? ? ? ? ? ? ? ARP         ? ? ? .        8 
# 
loop_
_pdbx_validate_torsion.id 
_pdbx_validate_torsion.PDB_model_num 
_pdbx_validate_torsion.auth_comp_id 
_pdbx_validate_torsion.auth_asym_id 
_pdbx_validate_torsion.auth_seq_id 
_pdbx_validate_torsion.PDB_ins_code 
_pdbx_validate_torsion.label_alt_id 
_pdbx_validate_torsion.phi 
_pdbx_validate_torsion.psi 
1 1 GLU A 573 ? ? -64.88  4.28  
2 1 GLU A 574 ? ? -161.58 93.17 
# 
loop_
_pdbx_unobs_or_zero_occ_atoms.id 
_pdbx_unobs_or_zero_occ_atoms.PDB_model_num 
_pdbx_unobs_or_zero_occ_atoms.polymer_flag 
_pdbx_unobs_or_zero_occ_atoms.occupancy_flag 
_pdbx_unobs_or_zero_occ_atoms.auth_asym_id 
_pdbx_unobs_or_zero_occ_atoms.auth_comp_id 
_pdbx_unobs_or_zero_occ_atoms.auth_seq_id 
_pdbx_unobs_or_zero_occ_atoms.PDB_ins_code 
_pdbx_unobs_or_zero_occ_atoms.auth_atom_id 
_pdbx_unobs_or_zero_occ_atoms.label_alt_id 
_pdbx_unobs_or_zero_occ_atoms.label_asym_id 
_pdbx_unobs_or_zero_occ_atoms.label_comp_id 
_pdbx_unobs_or_zero_occ_atoms.label_seq_id 
_pdbx_unobs_or_zero_occ_atoms.label_atom_id 
1  1 Y 1 A LYS 497 ? CE  ? A LYS 41  CE  
2  1 Y 1 A LYS 497 ? NZ  ? A LYS 41  NZ  
3  1 Y 1 A LEU 530 ? CG  ? A LEU 74  CG  
4  1 Y 1 A LEU 530 ? CD1 ? A LEU 74  CD1 
5  1 Y 1 A LEU 530 ? CD2 ? A LEU 74  CD2 
6  1 Y 1 A ARG 546 ? CG  ? A ARG 90  CG  
7  1 Y 1 A ARG 546 ? CD  ? A ARG 90  CD  
8  1 Y 1 A ARG 546 ? NE  ? A ARG 90  NE  
9  1 Y 1 A ARG 546 ? CZ  ? A ARG 90  CZ  
10 1 Y 1 A ARG 546 ? NH1 ? A ARG 90  NH1 
11 1 Y 1 A ARG 546 ? NH2 ? A ARG 90  NH2 
12 1 Y 1 A LYS 549 ? CE  ? A LYS 93  CE  
13 1 Y 1 A LYS 549 ? NZ  ? A LYS 93  NZ  
14 1 Y 1 A GLU 574 ? CG  ? A GLU 118 CG  
15 1 Y 1 A GLU 574 ? CD  ? A GLU 118 CD  
16 1 Y 1 A GLU 574 ? OE1 ? A GLU 118 OE1 
17 1 Y 1 A GLU 574 ? OE2 ? A GLU 118 OE2 
18 1 Y 1 A GLU 575 ? CG  ? A GLU 119 CG  
19 1 Y 1 A GLU 575 ? CD  ? A GLU 119 CD  
20 1 Y 1 A GLU 575 ? OE1 ? A GLU 119 OE1 
21 1 Y 1 A GLU 575 ? OE2 ? A GLU 119 OE2 
# 
loop_
_pdbx_unobs_or_zero_occ_residues.id 
_pdbx_unobs_or_zero_occ_residues.PDB_model_num 
_pdbx_unobs_or_zero_occ_residues.polymer_flag 
_pdbx_unobs_or_zero_occ_residues.occupancy_flag 
_pdbx_unobs_or_zero_occ_residues.auth_asym_id 
_pdbx_unobs_or_zero_occ_residues.auth_comp_id 
_pdbx_unobs_or_zero_occ_residues.auth_seq_id 
_pdbx_unobs_or_zero_occ_residues.PDB_ins_code 
_pdbx_unobs_or_zero_occ_residues.label_asym_id 
_pdbx_unobs_or_zero_occ_residues.label_comp_id 
_pdbx_unobs_or_zero_occ_residues.label_seq_id 
1  1 Y 1 A GLY 457 ? A GLY 1   
2  1 Y 1 A THR 458 ? A THR 2   
3  1 Y 1 A SER 459 ? A SER 3   
4  1 Y 1 A TYR 460 ? A TYR 4   
5  1 Y 1 A GLU 461 ? A GLU 5   
6  1 Y 1 A ASN 462 ? A ASN 6   
7  1 Y 1 A SER 463 ? A SER 7   
8  1 Y 1 A LEU 464 ? A LEU 8   
9  1 Y 1 A LEU 465 ? A LEU 9   
10 1 Y 1 A VAL 466 ? A VAL 10  
11 1 Y 1 A LYS 467 ? A LYS 11  
12 1 Y 1 A GLN 468 ? A GLN 12  
13 1 Y 1 A SER 469 ? A SER 13  
14 1 Y 1 A GLY 470 ? A GLY 14  
15 1 Y 1 A GLU 576 ? A GLU 120 
16 1 Y 1 A ALA 577 ? A ALA 121 
# 
loop_
_chem_comp_atom.comp_id 
_chem_comp_atom.atom_id 
_chem_comp_atom.type_symbol 
_chem_comp_atom.pdbx_aromatic_flag 
_chem_comp_atom.pdbx_stereo_config 
_chem_comp_atom.pdbx_ordinal 
ALA N    N N N 1   
ALA CA   C N S 2   
ALA C    C N N 3   
ALA O    O N N 4   
ALA CB   C N N 5   
ALA OXT  O N N 6   
ALA H    H N N 7   
ALA H2   H N N 8   
ALA HA   H N N 9   
ALA HB1  H N N 10  
ALA HB2  H N N 11  
ALA HB3  H N N 12  
ALA HXT  H N N 13  
ARG N    N N N 14  
ARG CA   C N S 15  
ARG C    C N N 16  
ARG O    O N N 17  
ARG CB   C N N 18  
ARG CG   C N N 19  
ARG CD   C N N 20  
ARG NE   N N N 21  
ARG CZ   C N N 22  
ARG NH1  N N N 23  
ARG NH2  N N N 24  
ARG OXT  O N N 25  
ARG H    H N N 26  
ARG H2   H N N 27  
ARG HA   H N N 28  
ARG HB2  H N N 29  
ARG HB3  H N N 30  
ARG HG2  H N N 31  
ARG HG3  H N N 32  
ARG HD2  H N N 33  
ARG HD3  H N N 34  
ARG HE   H N N 35  
ARG HH11 H N N 36  
ARG HH12 H N N 37  
ARG HH21 H N N 38  
ARG HH22 H N N 39  
ARG HXT  H N N 40  
ASN N    N N N 41  
ASN CA   C N S 42  
ASN C    C N N 43  
ASN O    O N N 44  
ASN CB   C N N 45  
ASN CG   C N N 46  
ASN OD1  O N N 47  
ASN ND2  N N N 48  
ASN OXT  O N N 49  
ASN H    H N N 50  
ASN H2   H N N 51  
ASN HA   H N N 52  
ASN HB2  H N N 53  
ASN HB3  H N N 54  
ASN HD21 H N N 55  
ASN HD22 H N N 56  
ASN HXT  H N N 57  
ASP N    N N N 58  
ASP CA   C N S 59  
ASP C    C N N 60  
ASP O    O N N 61  
ASP CB   C N N 62  
ASP CG   C N N 63  
ASP OD1  O N N 64  
ASP OD2  O N N 65  
ASP OXT  O N N 66  
ASP H    H N N 67  
ASP H2   H N N 68  
ASP HA   H N N 69  
ASP HB2  H N N 70  
ASP HB3  H N N 71  
ASP HD2  H N N 72  
ASP HXT  H N N 73  
CYS N    N N N 74  
CYS CA   C N R 75  
CYS C    C N N 76  
CYS O    O N N 77  
CYS CB   C N N 78  
CYS SG   S N N 79  
CYS OXT  O N N 80  
CYS H    H N N 81  
CYS H2   H N N 82  
CYS HA   H N N 83  
CYS HB2  H N N 84  
CYS HB3  H N N 85  
CYS HG   H N N 86  
CYS HXT  H N N 87  
GLN N    N N N 88  
GLN CA   C N S 89  
GLN C    C N N 90  
GLN O    O N N 91  
GLN CB   C N N 92  
GLN CG   C N N 93  
GLN CD   C N N 94  
GLN OE1  O N N 95  
GLN NE2  N N N 96  
GLN OXT  O N N 97  
GLN H    H N N 98  
GLN H2   H N N 99  
GLN HA   H N N 100 
GLN HB2  H N N 101 
GLN HB3  H N N 102 
GLN HG2  H N N 103 
GLN HG3  H N N 104 
GLN HE21 H N N 105 
GLN HE22 H N N 106 
GLN HXT  H N N 107 
GLU N    N N N 108 
GLU CA   C N S 109 
GLU C    C N N 110 
GLU O    O N N 111 
GLU CB   C N N 112 
GLU CG   C N N 113 
GLU CD   C N N 114 
GLU OE1  O N N 115 
GLU OE2  O N N 116 
GLU OXT  O N N 117 
GLU H    H N N 118 
GLU H2   H N N 119 
GLU HA   H N N 120 
GLU HB2  H N N 121 
GLU HB3  H N N 122 
GLU HG2  H N N 123 
GLU HG3  H N N 124 
GLU HE2  H N N 125 
GLU HXT  H N N 126 
GLY N    N N N 127 
GLY CA   C N N 128 
GLY C    C N N 129 
GLY O    O N N 130 
GLY OXT  O N N 131 
GLY H    H N N 132 
GLY H2   H N N 133 
GLY HA2  H N N 134 
GLY HA3  H N N 135 
GLY HXT  H N N 136 
HIS N    N N N 137 
HIS CA   C N S 138 
HIS C    C N N 139 
HIS O    O N N 140 
HIS CB   C N N 141 
HIS CG   C Y N 142 
HIS ND1  N Y N 143 
HIS CD2  C Y N 144 
HIS CE1  C Y N 145 
HIS NE2  N Y N 146 
HIS OXT  O N N 147 
HIS H    H N N 148 
HIS H2   H N N 149 
HIS HA   H N N 150 
HIS HB2  H N N 151 
HIS HB3  H N N 152 
HIS HD1  H N N 153 
HIS HD2  H N N 154 
HIS HE1  H N N 155 
HIS HE2  H N N 156 
HIS HXT  H N N 157 
HOH O    O N N 158 
HOH H1   H N N 159 
HOH H2   H N N 160 
ILE N    N N N 161 
ILE CA   C N S 162 
ILE C    C N N 163 
ILE O    O N N 164 
ILE CB   C N S 165 
ILE CG1  C N N 166 
ILE CG2  C N N 167 
ILE CD1  C N N 168 
ILE OXT  O N N 169 
ILE H    H N N 170 
ILE H2   H N N 171 
ILE HA   H N N 172 
ILE HB   H N N 173 
ILE HG12 H N N 174 
ILE HG13 H N N 175 
ILE HG21 H N N 176 
ILE HG22 H N N 177 
ILE HG23 H N N 178 
ILE HD11 H N N 179 
ILE HD12 H N N 180 
ILE HD13 H N N 181 
ILE HXT  H N N 182 
LEU N    N N N 183 
LEU CA   C N S 184 
LEU C    C N N 185 
LEU O    O N N 186 
LEU CB   C N N 187 
LEU CG   C N N 188 
LEU CD1  C N N 189 
LEU CD2  C N N 190 
LEU OXT  O N N 191 
LEU H    H N N 192 
LEU H2   H N N 193 
LEU HA   H N N 194 
LEU HB2  H N N 195 
LEU HB3  H N N 196 
LEU HG   H N N 197 
LEU HD11 H N N 198 
LEU HD12 H N N 199 
LEU HD13 H N N 200 
LEU HD21 H N N 201 
LEU HD22 H N N 202 
LEU HD23 H N N 203 
LEU HXT  H N N 204 
LYS N    N N N 205 
LYS CA   C N S 206 
LYS C    C N N 207 
LYS O    O N N 208 
LYS CB   C N N 209 
LYS CG   C N N 210 
LYS CD   C N N 211 
LYS CE   C N N 212 
LYS NZ   N N N 213 
LYS OXT  O N N 214 
LYS H    H N N 215 
LYS H2   H N N 216 
LYS HA   H N N 217 
LYS HB2  H N N 218 
LYS HB3  H N N 219 
LYS HG2  H N N 220 
LYS HG3  H N N 221 
LYS HD2  H N N 222 
LYS HD3  H N N 223 
LYS HE2  H N N 224 
LYS HE3  H N N 225 
LYS HZ1  H N N 226 
LYS HZ2  H N N 227 
LYS HZ3  H N N 228 
LYS HXT  H N N 229 
PHE N    N N N 230 
PHE CA   C N S 231 
PHE C    C N N 232 
PHE O    O N N 233 
PHE CB   C N N 234 
PHE CG   C Y N 235 
PHE CD1  C Y N 236 
PHE CD2  C Y N 237 
PHE CE1  C Y N 238 
PHE CE2  C Y N 239 
PHE CZ   C Y N 240 
PHE OXT  O N N 241 
PHE H    H N N 242 
PHE H2   H N N 243 
PHE HA   H N N 244 
PHE HB2  H N N 245 
PHE HB3  H N N 246 
PHE HD1  H N N 247 
PHE HD2  H N N 248 
PHE HE1  H N N 249 
PHE HE2  H N N 250 
PHE HZ   H N N 251 
PHE HXT  H N N 252 
PRO N    N N N 253 
PRO CA   C N S 254 
PRO C    C N N 255 
PRO O    O N N 256 
PRO CB   C N N 257 
PRO CG   C N N 258 
PRO CD   C N N 259 
PRO OXT  O N N 260 
PRO H    H N N 261 
PRO HA   H N N 262 
PRO HB2  H N N 263 
PRO HB3  H N N 264 
PRO HG2  H N N 265 
PRO HG3  H N N 266 
PRO HD2  H N N 267 
PRO HD3  H N N 268 
PRO HXT  H N N 269 
SER N    N N N 270 
SER CA   C N S 271 
SER C    C N N 272 
SER O    O N N 273 
SER CB   C N N 274 
SER OG   O N N 275 
SER OXT  O N N 276 
SER H    H N N 277 
SER H2   H N N 278 
SER HA   H N N 279 
SER HB2  H N N 280 
SER HB3  H N N 281 
SER HG   H N N 282 
SER HXT  H N N 283 
THR N    N N N 284 
THR CA   C N S 285 
THR C    C N N 286 
THR O    O N N 287 
THR CB   C N R 288 
THR OG1  O N N 289 
THR CG2  C N N 290 
THR OXT  O N N 291 
THR H    H N N 292 
THR H2   H N N 293 
THR HA   H N N 294 
THR HB   H N N 295 
THR HG1  H N N 296 
THR HG21 H N N 297 
THR HG22 H N N 298 
THR HG23 H N N 299 
THR HXT  H N N 300 
TYR N    N N N 301 
TYR CA   C N S 302 
TYR C    C N N 303 
TYR O    O N N 304 
TYR CB   C N N 305 
TYR CG   C Y N 306 
TYR CD1  C Y N 307 
TYR CD2  C Y N 308 
TYR CE1  C Y N 309 
TYR CE2  C Y N 310 
TYR CZ   C Y N 311 
TYR OH   O N N 312 
TYR OXT  O N N 313 
TYR H    H N N 314 
TYR H2   H N N 315 
TYR HA   H N N 316 
TYR HB2  H N N 317 
TYR HB3  H N N 318 
TYR HD1  H N N 319 
TYR HD2  H N N 320 
TYR HE1  H N N 321 
TYR HE2  H N N 322 
TYR HH   H N N 323 
TYR HXT  H N N 324 
VAL N    N N N 325 
VAL CA   C N S 326 
VAL C    C N N 327 
VAL O    O N N 328 
VAL CB   C N N 329 
VAL CG1  C N N 330 
VAL CG2  C N N 331 
VAL OXT  O N N 332 
VAL H    H N N 333 
VAL H2   H N N 334 
VAL HA   H N N 335 
VAL HB   H N N 336 
VAL HG11 H N N 337 
VAL HG12 H N N 338 
VAL HG13 H N N 339 
VAL HG21 H N N 340 
VAL HG22 H N N 341 
VAL HG23 H N N 342 
VAL HXT  H N N 343 
# 
loop_
_chem_comp_bond.comp_id 
_chem_comp_bond.atom_id_1 
_chem_comp_bond.atom_id_2 
_chem_comp_bond.value_order 
_chem_comp_bond.pdbx_aromatic_flag 
_chem_comp_bond.pdbx_stereo_config 
_chem_comp_bond.pdbx_ordinal 
ALA N   CA   sing N N 1   
ALA N   H    sing N N 2   
ALA N   H2   sing N N 3   
ALA CA  C    sing N N 4   
ALA CA  CB   sing N N 5   
ALA CA  HA   sing N N 6   
ALA C   O    doub N N 7   
ALA C   OXT  sing N N 8   
ALA CB  HB1  sing N N 9   
ALA CB  HB2  sing N N 10  
ALA CB  HB3  sing N N 11  
ALA OXT HXT  sing N N 12  
ARG N   CA   sing N N 13  
ARG N   H    sing N N 14  
ARG N   H2   sing N N 15  
ARG CA  C    sing N N 16  
ARG CA  CB   sing N N 17  
ARG CA  HA   sing N N 18  
ARG C   O    doub N N 19  
ARG C   OXT  sing N N 20  
ARG CB  CG   sing N N 21  
ARG CB  HB2  sing N N 22  
ARG CB  HB3  sing N N 23  
ARG CG  CD   sing N N 24  
ARG CG  HG2  sing N N 25  
ARG CG  HG3  sing N N 26  
ARG CD  NE   sing N N 27  
ARG CD  HD2  sing N N 28  
ARG CD  HD3  sing N N 29  
ARG NE  CZ   sing N N 30  
ARG NE  HE   sing N N 31  
ARG CZ  NH1  sing N N 32  
ARG CZ  NH2  doub N N 33  
ARG NH1 HH11 sing N N 34  
ARG NH1 HH12 sing N N 35  
ARG NH2 HH21 sing N N 36  
ARG NH2 HH22 sing N N 37  
ARG OXT HXT  sing N N 38  
ASN N   CA   sing N N 39  
ASN N   H    sing N N 40  
ASN N   H2   sing N N 41  
ASN CA  C    sing N N 42  
ASN CA  CB   sing N N 43  
ASN CA  HA   sing N N 44  
ASN C   O    doub N N 45  
ASN C   OXT  sing N N 46  
ASN CB  CG   sing N N 47  
ASN CB  HB2  sing N N 48  
ASN CB  HB3  sing N N 49  
ASN CG  OD1  doub N N 50  
ASN CG  ND2  sing N N 51  
ASN ND2 HD21 sing N N 52  
ASN ND2 HD22 sing N N 53  
ASN OXT HXT  sing N N 54  
ASP N   CA   sing N N 55  
ASP N   H    sing N N 56  
ASP N   H2   sing N N 57  
ASP CA  C    sing N N 58  
ASP CA  CB   sing N N 59  
ASP CA  HA   sing N N 60  
ASP C   O    doub N N 61  
ASP C   OXT  sing N N 62  
ASP CB  CG   sing N N 63  
ASP CB  HB2  sing N N 64  
ASP CB  HB3  sing N N 65  
ASP CG  OD1  doub N N 66  
ASP CG  OD2  sing N N 67  
ASP OD2 HD2  sing N N 68  
ASP OXT HXT  sing N N 69  
CYS N   CA   sing N N 70  
CYS N   H    sing N N 71  
CYS N   H2   sing N N 72  
CYS CA  C    sing N N 73  
CYS CA  CB   sing N N 74  
CYS CA  HA   sing N N 75  
CYS C   O    doub N N 76  
CYS C   OXT  sing N N 77  
CYS CB  SG   sing N N 78  
CYS CB  HB2  sing N N 79  
CYS CB  HB3  sing N N 80  
CYS SG  HG   sing N N 81  
CYS OXT HXT  sing N N 82  
GLN N   CA   sing N N 83  
GLN N   H    sing N N 84  
GLN N   H2   sing N N 85  
GLN CA  C    sing N N 86  
GLN CA  CB   sing N N 87  
GLN CA  HA   sing N N 88  
GLN C   O    doub N N 89  
GLN C   OXT  sing N N 90  
GLN CB  CG   sing N N 91  
GLN CB  HB2  sing N N 92  
GLN CB  HB3  sing N N 93  
GLN CG  CD   sing N N 94  
GLN CG  HG2  sing N N 95  
GLN CG  HG3  sing N N 96  
GLN CD  OE1  doub N N 97  
GLN CD  NE2  sing N N 98  
GLN NE2 HE21 sing N N 99  
GLN NE2 HE22 sing N N 100 
GLN OXT HXT  sing N N 101 
GLU N   CA   sing N N 102 
GLU N   H    sing N N 103 
GLU N   H2   sing N N 104 
GLU CA  C    sing N N 105 
GLU CA  CB   sing N N 106 
GLU CA  HA   sing N N 107 
GLU C   O    doub N N 108 
GLU C   OXT  sing N N 109 
GLU CB  CG   sing N N 110 
GLU CB  HB2  sing N N 111 
GLU CB  HB3  sing N N 112 
GLU CG  CD   sing N N 113 
GLU CG  HG2  sing N N 114 
GLU CG  HG3  sing N N 115 
GLU CD  OE1  doub N N 116 
GLU CD  OE2  sing N N 117 
GLU OE2 HE2  sing N N 118 
GLU OXT HXT  sing N N 119 
GLY N   CA   sing N N 120 
GLY N   H    sing N N 121 
GLY N   H2   sing N N 122 
GLY CA  C    sing N N 123 
GLY CA  HA2  sing N N 124 
GLY CA  HA3  sing N N 125 
GLY C   O    doub N N 126 
GLY C   OXT  sing N N 127 
GLY OXT HXT  sing N N 128 
HIS N   CA   sing N N 129 
HIS N   H    sing N N 130 
HIS N   H2   sing N N 131 
HIS CA  C    sing N N 132 
HIS CA  CB   sing N N 133 
HIS CA  HA   sing N N 134 
HIS C   O    doub N N 135 
HIS C   OXT  sing N N 136 
HIS CB  CG   sing N N 137 
HIS CB  HB2  sing N N 138 
HIS CB  HB3  sing N N 139 
HIS CG  ND1  sing Y N 140 
HIS CG  CD2  doub Y N 141 
HIS ND1 CE1  doub Y N 142 
HIS ND1 HD1  sing N N 143 
HIS CD2 NE2  sing Y N 144 
HIS CD2 HD2  sing N N 145 
HIS CE1 NE2  sing Y N 146 
HIS CE1 HE1  sing N N 147 
HIS NE2 HE2  sing N N 148 
HIS OXT HXT  sing N N 149 
HOH O   H1   sing N N 150 
HOH O   H2   sing N N 151 
ILE N   CA   sing N N 152 
ILE N   H    sing N N 153 
ILE N   H2   sing N N 154 
ILE CA  C    sing N N 155 
ILE CA  CB   sing N N 156 
ILE CA  HA   sing N N 157 
ILE C   O    doub N N 158 
ILE C   OXT  sing N N 159 
ILE CB  CG1  sing N N 160 
ILE CB  CG2  sing N N 161 
ILE CB  HB   sing N N 162 
ILE CG1 CD1  sing N N 163 
ILE CG1 HG12 sing N N 164 
ILE CG1 HG13 sing N N 165 
ILE CG2 HG21 sing N N 166 
ILE CG2 HG22 sing N N 167 
ILE CG2 HG23 sing N N 168 
ILE CD1 HD11 sing N N 169 
ILE CD1 HD12 sing N N 170 
ILE CD1 HD13 sing N N 171 
ILE OXT HXT  sing N N 172 
LEU N   CA   sing N N 173 
LEU N   H    sing N N 174 
LEU N   H2   sing N N 175 
LEU CA  C    sing N N 176 
LEU CA  CB   sing N N 177 
LEU CA  HA   sing N N 178 
LEU C   O    doub N N 179 
LEU C   OXT  sing N N 180 
LEU CB  CG   sing N N 181 
LEU CB  HB2  sing N N 182 
LEU CB  HB3  sing N N 183 
LEU CG  CD1  sing N N 184 
LEU CG  CD2  sing N N 185 
LEU CG  HG   sing N N 186 
LEU CD1 HD11 sing N N 187 
LEU CD1 HD12 sing N N 188 
LEU CD1 HD13 sing N N 189 
LEU CD2 HD21 sing N N 190 
LEU CD2 HD22 sing N N 191 
LEU CD2 HD23 sing N N 192 
LEU OXT HXT  sing N N 193 
LYS N   CA   sing N N 194 
LYS N   H    sing N N 195 
LYS N   H2   sing N N 196 
LYS CA  C    sing N N 197 
LYS CA  CB   sing N N 198 
LYS CA  HA   sing N N 199 
LYS C   O    doub N N 200 
LYS C   OXT  sing N N 201 
LYS CB  CG   sing N N 202 
LYS CB  HB2  sing N N 203 
LYS CB  HB3  sing N N 204 
LYS CG  CD   sing N N 205 
LYS CG  HG2  sing N N 206 
LYS CG  HG3  sing N N 207 
LYS CD  CE   sing N N 208 
LYS CD  HD2  sing N N 209 
LYS CD  HD3  sing N N 210 
LYS CE  NZ   sing N N 211 
LYS CE  HE2  sing N N 212 
LYS CE  HE3  sing N N 213 
LYS NZ  HZ1  sing N N 214 
LYS NZ  HZ2  sing N N 215 
LYS NZ  HZ3  sing N N 216 
LYS OXT HXT  sing N N 217 
PHE N   CA   sing N N 218 
PHE N   H    sing N N 219 
PHE N   H2   sing N N 220 
PHE CA  C    sing N N 221 
PHE CA  CB   sing N N 222 
PHE CA  HA   sing N N 223 
PHE C   O    doub N N 224 
PHE C   OXT  sing N N 225 
PHE CB  CG   sing N N 226 
PHE CB  HB2  sing N N 227 
PHE CB  HB3  sing N N 228 
PHE CG  CD1  doub Y N 229 
PHE CG  CD2  sing Y N 230 
PHE CD1 CE1  sing Y N 231 
PHE CD1 HD1  sing N N 232 
PHE CD2 CE2  doub Y N 233 
PHE CD2 HD2  sing N N 234 
PHE CE1 CZ   doub Y N 235 
PHE CE1 HE1  sing N N 236 
PHE CE2 CZ   sing Y N 237 
PHE CE2 HE2  sing N N 238 
PHE CZ  HZ   sing N N 239 
PHE OXT HXT  sing N N 240 
PRO N   CA   sing N N 241 
PRO N   CD   sing N N 242 
PRO N   H    sing N N 243 
PRO CA  C    sing N N 244 
PRO CA  CB   sing N N 245 
PRO CA  HA   sing N N 246 
PRO C   O    doub N N 247 
PRO C   OXT  sing N N 248 
PRO CB  CG   sing N N 249 
PRO CB  HB2  sing N N 250 
PRO CB  HB3  sing N N 251 
PRO CG  CD   sing N N 252 
PRO CG  HG2  sing N N 253 
PRO CG  HG3  sing N N 254 
PRO CD  HD2  sing N N 255 
PRO CD  HD3  sing N N 256 
PRO OXT HXT  sing N N 257 
SER N   CA   sing N N 258 
SER N   H    sing N N 259 
SER N   H2   sing N N 260 
SER CA  C    sing N N 261 
SER CA  CB   sing N N 262 
SER CA  HA   sing N N 263 
SER C   O    doub N N 264 
SER C   OXT  sing N N 265 
SER CB  OG   sing N N 266 
SER CB  HB2  sing N N 267 
SER CB  HB3  sing N N 268 
SER OG  HG   sing N N 269 
SER OXT HXT  sing N N 270 
THR N   CA   sing N N 271 
THR N   H    sing N N 272 
THR N   H2   sing N N 273 
THR CA  C    sing N N 274 
THR CA  CB   sing N N 275 
THR CA  HA   sing N N 276 
THR C   O    doub N N 277 
THR C   OXT  sing N N 278 
THR CB  OG1  sing N N 279 
THR CB  CG2  sing N N 280 
THR CB  HB   sing N N 281 
THR OG1 HG1  sing N N 282 
THR CG2 HG21 sing N N 283 
THR CG2 HG22 sing N N 284 
THR CG2 HG23 sing N N 285 
THR OXT HXT  sing N N 286 
TYR N   CA   sing N N 287 
TYR N   H    sing N N 288 
TYR N   H2   sing N N 289 
TYR CA  C    sing N N 290 
TYR CA  CB   sing N N 291 
TYR CA  HA   sing N N 292 
TYR C   O    doub N N 293 
TYR C   OXT  sing N N 294 
TYR CB  CG   sing N N 295 
TYR CB  HB2  sing N N 296 
TYR CB  HB3  sing N N 297 
TYR CG  CD1  doub Y N 298 
TYR CG  CD2  sing Y N 299 
TYR CD1 CE1  sing Y N 300 
TYR CD1 HD1  sing N N 301 
TYR CD2 CE2  doub Y N 302 
TYR CD2 HD2  sing N N 303 
TYR CE1 CZ   doub Y N 304 
TYR CE1 HE1  sing N N 305 
TYR CE2 CZ   sing Y N 306 
TYR CE2 HE2  sing N N 307 
TYR CZ  OH   sing N N 308 
TYR OH  HH   sing N N 309 
TYR OXT HXT  sing N N 310 
VAL N   CA   sing N N 311 
VAL N   H    sing N N 312 
VAL N   H2   sing N N 313 
VAL CA  C    sing N N 314 
VAL CA  CB   sing N N 315 
VAL CA  HA   sing N N 316 
VAL C   O    doub N N 317 
VAL C   OXT  sing N N 318 
VAL CB  CG1  sing N N 319 
VAL CB  CG2  sing N N 320 
VAL CB  HB   sing N N 321 
VAL CG1 HG11 sing N N 322 
VAL CG1 HG12 sing N N 323 
VAL CG1 HG13 sing N N 324 
VAL CG2 HG21 sing N N 325 
VAL CG2 HG22 sing N N 326 
VAL CG2 HG23 sing N N 327 
VAL OXT HXT  sing N N 328 
# 
loop_
_pdbx_entity_nonpoly.entity_id 
_pdbx_entity_nonpoly.name 
_pdbx_entity_nonpoly.comp_id 
2 'UNKNOWN ATOM OR ION' UNX 
3 water                 HOH 
# 
_pdbx_initial_refinement_model.id               1 
_pdbx_initial_refinement_model.entity_id_list   ? 
_pdbx_initial_refinement_model.type             'experimental model' 
_pdbx_initial_refinement_model.source_name      PDB 
_pdbx_initial_refinement_model.accession_code   4XGC 
_pdbx_initial_refinement_model.details          'polyalanine coordinates derived from PDB entry 4XGC.' 
# 
